data_4HJ9
# 
_entry.id   4HJ9 
# 
_audit_conform.dict_name       mmcif_pdbx.dic 
_audit_conform.dict_version    5.379 
_audit_conform.dict_location   http://mmcif.pdb.org/dictionaries/ascii/mmcif_pdbx.dic 
# 
loop_
_database_2.database_id 
_database_2.database_code 
_database_2.pdbx_database_accession 
_database_2.pdbx_DOI 
PDB   4HJ9         pdb_00004hj9 10.2210/pdb4hj9/pdb 
NDB   NA2076       ?            ?                   
RCSB  RCSB075534   ?            ?                   
WWPDB D_1000075534 ?            ?                   
# 
loop_
_pdbx_database_related.db_name 
_pdbx_database_related.db_id 
_pdbx_database_related.details 
_pdbx_database_related.content_type 
PDB 4HIO 'The same protein bound to a different ssDNA sequence' unspecified 
PDB 4HIM 'The same protein bound to a different ssDNA sequence' unspecified 
PDB 4HIK 'The same protein bound to a different ssDNA sequence' unspecified 
PDB 4HID 'The same protein bound to a different ssDNA sequence' unspecified 
PDB 4HJ5 'The same protein bound to a different ssDNA sequence' unspecified 
PDB 4HJ7 'The same protein bound to a different ssDNA sequence' unspecified 
PDB 4HJ8 'The same protein bound to a different ssDNA sequence' unspecified 
PDB 4HJA 'The same protein bound to a different ssDNA sequence' unspecified 
# 
_pdbx_database_status.entry_id                        4HJ9 
_pdbx_database_status.status_code                     REL 
_pdbx_database_status.deposit_site                    RCSB 
_pdbx_database_status.process_site                    RCSB 
_pdbx_database_status.recvd_initial_deposition_date   2012-10-12 
_pdbx_database_status.status_code_sf                  REL 
_pdbx_database_status.status_code_mr                  ? 
_pdbx_database_status.SG_entry                        ? 
_pdbx_database_status.status_code_cs                  ? 
_pdbx_database_status.methods_development_category    ? 
_pdbx_database_status.pdb_format_compatible           Y 
_pdbx_database_status.status_code_nmr_data            ? 
# 
loop_
_audit_author.name 
_audit_author.pdbx_ordinal 
'Dickey, T.H.' 1 
'Wuttke, D.S.' 2 
# 
_citation.id                        primary 
_citation.title                     'Nonspecific Recognition Is Achieved in Pot1pC through the Use of Multiple Binding Modes.' 
_citation.journal_abbrev            Structure 
_citation.journal_volume            21 
_citation.page_first                121 
_citation.page_last                 132 
_citation.year                      2013 
_citation.journal_id_ASTM           STRUE6 
_citation.country                   UK 
_citation.journal_id_ISSN           0969-2126 
_citation.journal_id_CSD            2005 
_citation.book_publisher            ? 
_citation.pdbx_database_id_PubMed   23201273 
_citation.pdbx_database_id_DOI      10.1016/j.str.2012.10.015 
# 
loop_
_citation_author.citation_id 
_citation_author.name 
_citation_author.ordinal 
_citation_author.identifier_ORCID 
primary 'Dickey, T.H.'    1 ? 
primary 'McKercher, M.A.' 2 ? 
primary 'Wuttke, D.S.'    3 ? 
# 
_cell.length_a           44.996 
_cell.length_b           57.469 
_cell.length_c           66.152 
_cell.angle_alpha        90.000 
_cell.angle_beta         90.000 
_cell.angle_gamma        90.000 
_cell.entry_id           4HJ9 
_cell.pdbx_unique_axis   ? 
_cell.Z_PDB              4 
_cell.length_a_esd       ? 
_cell.length_b_esd       ? 
_cell.length_c_esd       ? 
_cell.angle_alpha_esd    ? 
_cell.angle_beta_esd     ? 
_cell.angle_gamma_esd    ? 
# 
_symmetry.space_group_name_H-M             'P 21 21 21' 
_symmetry.entry_id                         4HJ9 
_symmetry.Int_Tables_number                19 
_symmetry.pdbx_full_space_group_name_H-M   ? 
_symmetry.cell_setting                     ? 
_symmetry.space_group_name_Hall            ? 
# 
loop_
_entity.id 
_entity.type 
_entity.src_method 
_entity.pdbx_description 
_entity.formula_weight 
_entity.pdbx_number_of_molecules 
_entity.pdbx_ec 
_entity.pdbx_mutation 
_entity.pdbx_fragment 
_entity.details 
1 polymer man 'Protection of telomeres protein 1'            17182.414 1   ? V199D 
'Pot1pC, partial DNA binding domain, residues 198-339' ?                                              
2 polymer syn 
;DNA (5'-D(*CP*GP*GP*TP*TP*AP*CP*GP*GP*T)-3')
;
3076.014  1   ? ?     ?                                                      
;telomeric single-stranded DNA, +1 5' variant
;
3 water   nat water                                          18.015    123 ? ?     ? ? 
# 
loop_
_entity_poly.entity_id 
_entity_poly.type 
_entity_poly.nstd_linkage 
_entity_poly.nstd_monomer 
_entity_poly.pdbx_seq_one_letter_code 
_entity_poly.pdbx_seq_one_letter_code_can 
_entity_poly.pdbx_strand_id 
_entity_poly.pdbx_target_identifier 
1 'polypeptide(L)'        no no 
;MSDSFSLLSQITPHQRCSFYAQVIKTWYSDKNFTLYVTDYTENELFFPMSPYTSSSRWRGPFGRFSIRCILWDEHDFYCR
NYIKEGDYVVMKNVRTKIDHLGYLECILHGDSAKRYNMSIEKVDSEEPELNEIKSRKRLYVQN
;
;MSDSFSLLSQITPHQRCSFYAQVIKTWYSDKNFTLYVTDYTENELFFPMSPYTSSSRWRGPFGRFSIRCILWDEHDFYCR
NYIKEGDYVVMKNVRTKIDHLGYLECILHGDSAKRYNMSIEKVDSEEPELNEIKSRKRLYVQN
;
A ? 
2 polydeoxyribonucleotide no no '(DC)(DG)(DG)(DT)(DT)(DA)(DC)(DG)(DG)(DT)' CGGTTACGGT B ? 
# 
loop_
_entity_poly_seq.entity_id 
_entity_poly_seq.num 
_entity_poly_seq.mon_id 
_entity_poly_seq.hetero 
1 1   MET n 
1 2   SER n 
1 3   ASP n 
1 4   SER n 
1 5   PHE n 
1 6   SER n 
1 7   LEU n 
1 8   LEU n 
1 9   SER n 
1 10  GLN n 
1 11  ILE n 
1 12  THR n 
1 13  PRO n 
1 14  HIS n 
1 15  GLN n 
1 16  ARG n 
1 17  CYS n 
1 18  SER n 
1 19  PHE n 
1 20  TYR n 
1 21  ALA n 
1 22  GLN n 
1 23  VAL n 
1 24  ILE n 
1 25  LYS n 
1 26  THR n 
1 27  TRP n 
1 28  TYR n 
1 29  SER n 
1 30  ASP n 
1 31  LYS n 
1 32  ASN n 
1 33  PHE n 
1 34  THR n 
1 35  LEU n 
1 36  TYR n 
1 37  VAL n 
1 38  THR n 
1 39  ASP n 
1 40  TYR n 
1 41  THR n 
1 42  GLU n 
1 43  ASN n 
1 44  GLU n 
1 45  LEU n 
1 46  PHE n 
1 47  PHE n 
1 48  PRO n 
1 49  MET n 
1 50  SER n 
1 51  PRO n 
1 52  TYR n 
1 53  THR n 
1 54  SER n 
1 55  SER n 
1 56  SER n 
1 57  ARG n 
1 58  TRP n 
1 59  ARG n 
1 60  GLY n 
1 61  PRO n 
1 62  PHE n 
1 63  GLY n 
1 64  ARG n 
1 65  PHE n 
1 66  SER n 
1 67  ILE n 
1 68  ARG n 
1 69  CYS n 
1 70  ILE n 
1 71  LEU n 
1 72  TRP n 
1 73  ASP n 
1 74  GLU n 
1 75  HIS n 
1 76  ASP n 
1 77  PHE n 
1 78  TYR n 
1 79  CYS n 
1 80  ARG n 
1 81  ASN n 
1 82  TYR n 
1 83  ILE n 
1 84  LYS n 
1 85  GLU n 
1 86  GLY n 
1 87  ASP n 
1 88  TYR n 
1 89  VAL n 
1 90  VAL n 
1 91  MET n 
1 92  LYS n 
1 93  ASN n 
1 94  VAL n 
1 95  ARG n 
1 96  THR n 
1 97  LYS n 
1 98  ILE n 
1 99  ASP n 
1 100 HIS n 
1 101 LEU n 
1 102 GLY n 
1 103 TYR n 
1 104 LEU n 
1 105 GLU n 
1 106 CYS n 
1 107 ILE n 
1 108 LEU n 
1 109 HIS n 
1 110 GLY n 
1 111 ASP n 
1 112 SER n 
1 113 ALA n 
1 114 LYS n 
1 115 ARG n 
1 116 TYR n 
1 117 ASN n 
1 118 MET n 
1 119 SER n 
1 120 ILE n 
1 121 GLU n 
1 122 LYS n 
1 123 VAL n 
1 124 ASP n 
1 125 SER n 
1 126 GLU n 
1 127 GLU n 
1 128 PRO n 
1 129 GLU n 
1 130 LEU n 
1 131 ASN n 
1 132 GLU n 
1 133 ILE n 
1 134 LYS n 
1 135 SER n 
1 136 ARG n 
1 137 LYS n 
1 138 ARG n 
1 139 LEU n 
1 140 TYR n 
1 141 VAL n 
1 142 GLN n 
1 143 ASN n 
2 1   DC  n 
2 2   DG  n 
2 3   DG  n 
2 4   DT  n 
2 5   DT  n 
2 6   DA  n 
2 7   DC  n 
2 8   DG  n 
2 9   DG  n 
2 10  DT  n 
# 
_entity_src_gen.entity_id                          1 
_entity_src_gen.pdbx_src_id                        1 
_entity_src_gen.pdbx_alt_source_flag               sample 
_entity_src_gen.pdbx_seq_type                      ? 
_entity_src_gen.pdbx_beg_seq_num                   ? 
_entity_src_gen.pdbx_end_seq_num                   ? 
_entity_src_gen.gene_src_common_name               'Fission yeast' 
_entity_src_gen.gene_src_genus                     ? 
_entity_src_gen.pdbx_gene_src_gene                 'pot1, SPAC26H5.06' 
_entity_src_gen.gene_src_species                   ? 
_entity_src_gen.gene_src_strain                    972h- 
_entity_src_gen.gene_src_tissue                    ? 
_entity_src_gen.gene_src_tissue_fraction           ? 
_entity_src_gen.gene_src_details                   ? 
_entity_src_gen.pdbx_gene_src_fragment             ? 
_entity_src_gen.pdbx_gene_src_scientific_name      'Schizosaccharomyces pombe' 
_entity_src_gen.pdbx_gene_src_ncbi_taxonomy_id     284812 
_entity_src_gen.pdbx_gene_src_variant              ? 
_entity_src_gen.pdbx_gene_src_cell_line            ? 
_entity_src_gen.pdbx_gene_src_atcc                 ? 
_entity_src_gen.pdbx_gene_src_organ                ? 
_entity_src_gen.pdbx_gene_src_organelle            ? 
_entity_src_gen.pdbx_gene_src_cell                 ? 
_entity_src_gen.pdbx_gene_src_cellular_location    ? 
_entity_src_gen.host_org_common_name               ? 
_entity_src_gen.pdbx_host_org_scientific_name      'Escherichia coli' 
_entity_src_gen.pdbx_host_org_ncbi_taxonomy_id     469008 
_entity_src_gen.host_org_genus                     ? 
_entity_src_gen.pdbx_host_org_gene                 ? 
_entity_src_gen.pdbx_host_org_organ                ? 
_entity_src_gen.host_org_species                   ? 
_entity_src_gen.pdbx_host_org_tissue               ? 
_entity_src_gen.pdbx_host_org_tissue_fraction      ? 
_entity_src_gen.pdbx_host_org_strain               'BL21 (DE3)' 
_entity_src_gen.pdbx_host_org_variant              ? 
_entity_src_gen.pdbx_host_org_cell_line            ? 
_entity_src_gen.pdbx_host_org_atcc                 ? 
_entity_src_gen.pdbx_host_org_culture_collection   ? 
_entity_src_gen.pdbx_host_org_cell                 ? 
_entity_src_gen.pdbx_host_org_organelle            ? 
_entity_src_gen.pdbx_host_org_cellular_location    ? 
_entity_src_gen.pdbx_host_org_vector_type          plasmid 
_entity_src_gen.pdbx_host_org_vector               ? 
_entity_src_gen.host_org_details                   ? 
_entity_src_gen.expression_system_id               ? 
_entity_src_gen.plasmid_name                       pTXB1 
_entity_src_gen.plasmid_details                    ? 
_entity_src_gen.pdbx_description                   ? 
# 
_pdbx_entity_src_syn.entity_id              2 
_pdbx_entity_src_syn.pdbx_src_id            1 
_pdbx_entity_src_syn.pdbx_alt_source_flag   sample 
_pdbx_entity_src_syn.pdbx_beg_seq_num       ? 
_pdbx_entity_src_syn.pdbx_end_seq_num       ? 
_pdbx_entity_src_syn.organism_scientific    'Schizosaccharomyces pombe' 
_pdbx_entity_src_syn.organism_common_name   ? 
_pdbx_entity_src_syn.ncbi_taxonomy_id       284812 
_pdbx_entity_src_syn.details                ? 
# 
loop_
_struct_ref.id 
_struct_ref.db_name 
_struct_ref.db_code 
_struct_ref.pdbx_db_accession 
_struct_ref.entity_id 
_struct_ref.pdbx_seq_one_letter_code 
_struct_ref.pdbx_align_begin 
_struct_ref.pdbx_db_isoform 
1 UNP POT1_SCHPO O13988 1 
;SVSFSLLSQITPHQRCSFYAQVIKTWYSDKNFTLYVTDYTENELFFPMSPYTSSSRWRGPFGRFSIRCILWDEHDFYCRN
YIKEGDYVVMKNVRTKIDHLGYLECILHGDSAKRYNMSIEKVDSEEPELNEIKSRKRLYVQN
;
198 ? 
2 PDB 4HJ9       4HJ9   2 ? ?   ? 
# 
loop_
_struct_ref_seq.align_id 
_struct_ref_seq.ref_id 
_struct_ref_seq.pdbx_PDB_id_code 
_struct_ref_seq.pdbx_strand_id 
_struct_ref_seq.seq_align_beg 
_struct_ref_seq.pdbx_seq_align_beg_ins_code 
_struct_ref_seq.seq_align_end 
_struct_ref_seq.pdbx_seq_align_end_ins_code 
_struct_ref_seq.pdbx_db_accession 
_struct_ref_seq.db_align_beg 
_struct_ref_seq.pdbx_db_align_beg_ins_code 
_struct_ref_seq.db_align_end 
_struct_ref_seq.pdbx_db_align_end_ins_code 
_struct_ref_seq.pdbx_auth_seq_align_beg 
_struct_ref_seq.pdbx_auth_seq_align_end 
1 1 4HJ9 A 2 ? 143 ? O13988 198 ? 339 ? 2 143 
2 2 4HJ9 B 1 ? 10  ? 4HJ9   1   ? 10  ? 1 10  
# 
loop_
_struct_ref_seq_dif.align_id 
_struct_ref_seq_dif.pdbx_pdb_id_code 
_struct_ref_seq_dif.mon_id 
_struct_ref_seq_dif.pdbx_pdb_strand_id 
_struct_ref_seq_dif.seq_num 
_struct_ref_seq_dif.pdbx_pdb_ins_code 
_struct_ref_seq_dif.pdbx_seq_db_name 
_struct_ref_seq_dif.pdbx_seq_db_accession_code 
_struct_ref_seq_dif.db_mon_id 
_struct_ref_seq_dif.pdbx_seq_db_seq_num 
_struct_ref_seq_dif.details 
_struct_ref_seq_dif.pdbx_auth_seq_num 
_struct_ref_seq_dif.pdbx_ordinal 
1 4HJ9 MET A 1 ? UNP O13988 ?   ?   'expression tag'      1 1 
1 4HJ9 ASP A 3 ? UNP O13988 VAL 199 'engineered mutation' 3 2 
# 
loop_
_chem_comp.id 
_chem_comp.type 
_chem_comp.mon_nstd_flag 
_chem_comp.name 
_chem_comp.pdbx_synonyms 
_chem_comp.formula 
_chem_comp.formula_weight 
ALA 'L-peptide linking' y ALANINE                              ? 'C3 H7 N O2'      89.093  
ARG 'L-peptide linking' y ARGININE                             ? 'C6 H15 N4 O2 1'  175.209 
ASN 'L-peptide linking' y ASPARAGINE                           ? 'C4 H8 N2 O3'     132.118 
ASP 'L-peptide linking' y 'ASPARTIC ACID'                      ? 'C4 H7 N O4'      133.103 
CYS 'L-peptide linking' y CYSTEINE                             ? 'C3 H7 N O2 S'    121.158 
DA  'DNA linking'       y "2'-DEOXYADENOSINE-5'-MONOPHOSPHATE" ? 'C10 H14 N5 O6 P' 331.222 
DC  'DNA linking'       y "2'-DEOXYCYTIDINE-5'-MONOPHOSPHATE"  ? 'C9 H14 N3 O7 P'  307.197 
DG  'DNA linking'       y "2'-DEOXYGUANOSINE-5'-MONOPHOSPHATE" ? 'C10 H14 N5 O7 P' 347.221 
DT  'DNA linking'       y "THYMIDINE-5'-MONOPHOSPHATE"         ? 'C10 H15 N2 O8 P' 322.208 
GLN 'L-peptide linking' y GLUTAMINE                            ? 'C5 H10 N2 O3'    146.144 
GLU 'L-peptide linking' y 'GLUTAMIC ACID'                      ? 'C5 H9 N O4'      147.129 
GLY 'peptide linking'   y GLYCINE                              ? 'C2 H5 N O2'      75.067  
HIS 'L-peptide linking' y HISTIDINE                            ? 'C6 H10 N3 O2 1'  156.162 
HOH non-polymer         . WATER                                ? 'H2 O'            18.015  
ILE 'L-peptide linking' y ISOLEUCINE                           ? 'C6 H13 N O2'     131.173 
LEU 'L-peptide linking' y LEUCINE                              ? 'C6 H13 N O2'     131.173 
LYS 'L-peptide linking' y LYSINE                               ? 'C6 H15 N2 O2 1'  147.195 
MET 'L-peptide linking' y METHIONINE                           ? 'C5 H11 N O2 S'   149.211 
PHE 'L-peptide linking' y PHENYLALANINE                        ? 'C9 H11 N O2'     165.189 
PRO 'L-peptide linking' y PROLINE                              ? 'C5 H9 N O2'      115.130 
SER 'L-peptide linking' y SERINE                               ? 'C3 H7 N O3'      105.093 
THR 'L-peptide linking' y THREONINE                            ? 'C4 H9 N O3'      119.119 
TRP 'L-peptide linking' y TRYPTOPHAN                           ? 'C11 H12 N2 O2'   204.225 
TYR 'L-peptide linking' y TYROSINE                             ? 'C9 H11 N O3'     181.189 
VAL 'L-peptide linking' y VALINE                               ? 'C5 H11 N O2'     117.146 
# 
_exptl.crystals_number   1 
_exptl.entry_id          4HJ9 
_exptl.method            'X-RAY DIFFRACTION' 
# 
_exptl_crystal.id                    1 
_exptl_crystal.density_Matthews      2.11 
_exptl_crystal.density_meas          ? 
_exptl_crystal.density_percent_sol   41.73 
_exptl_crystal.description           ? 
_exptl_crystal.F_000                 ? 
_exptl_crystal.preparation           ? 
# 
_exptl_crystal_grow.crystal_id      1 
_exptl_crystal_grow.method          'VAPOR DIFFUSION, HANGING DROP' 
_exptl_crystal_grow.pH              7 
_exptl_crystal_grow.temp            290 
_exptl_crystal_grow.pdbx_details    
;25% PEG 6000, 0.2M ammonium 
formate, pH 7, VAPOR DIFFUSION, HANGING DROP, temperature 290K
;
_exptl_crystal_grow.temp_details    ? 
_exptl_crystal_grow.pdbx_pH_range   ? 
# 
_diffrn.id                     1 
_diffrn.ambient_temp           100 
_diffrn.ambient_temp_details   ? 
_diffrn.crystal_id             1 
# 
_diffrn_detector.diffrn_id              1 
_diffrn_detector.detector               'IMAGE PLATE' 
_diffrn_detector.type                   'RIGAKU RAXIS IV++' 
_diffrn_detector.pdbx_collection_date   2011-11-21 
_diffrn_detector.details                ? 
# 
_diffrn_radiation.diffrn_id                        1 
_diffrn_radiation.pdbx_diffrn_protocol             'SINGLE WAVELENGTH' 
_diffrn_radiation.monochromator                    'osmic mirrors' 
_diffrn_radiation.wavelength_id                    1 
_diffrn_radiation.pdbx_monochromatic_or_laue_m_l   M 
_diffrn_radiation.pdbx_scattering_type             x-ray 
# 
_diffrn_radiation_wavelength.id           1 
_diffrn_radiation_wavelength.wavelength   1.54 
_diffrn_radiation_wavelength.wt           1.0 
# 
_diffrn_source.diffrn_id                   1 
_diffrn_source.source                      'ROTATING ANODE' 
_diffrn_source.type                        'RIGAKU RUH2R' 
_diffrn_source.pdbx_wavelength_list        1.54 
_diffrn_source.pdbx_wavelength             ? 
_diffrn_source.pdbx_synchrotron_site       ? 
_diffrn_source.pdbx_synchrotron_beamline   ? 
# 
_reflns.entry_id                     4HJ9 
_reflns.d_resolution_high            1.770 
_reflns.d_resolution_low             50.000 
_reflns.number_obs                   17235 
_reflns.pdbx_Rmerge_I_obs            0.047 
_reflns.pdbx_netI_over_sigmaI        15.400 
_reflns.pdbx_chi_squared             1.431 
_reflns.pdbx_redundancy              3.200 
_reflns.percent_possible_obs         99.100 
_reflns.observed_criterion_sigma_F   -3 
_reflns.observed_criterion_sigma_I   -3 
_reflns.number_all                   17399 
_reflns.pdbx_Rsym_value              ? 
_reflns.B_iso_Wilson_estimate        ? 
_reflns.R_free_details               ? 
_reflns.limit_h_max                  ? 
_reflns.limit_h_min                  ? 
_reflns.limit_k_max                  ? 
_reflns.limit_k_min                  ? 
_reflns.limit_l_max                  ? 
_reflns.limit_l_min                  ? 
_reflns.observed_criterion_F_max     ? 
_reflns.observed_criterion_F_min     ? 
_reflns.pdbx_scaling_rejects         ? 
_reflns.pdbx_ordinal                 1 
_reflns.pdbx_diffrn_id               1 
# 
loop_
_reflns_shell.d_res_high 
_reflns_shell.d_res_low 
_reflns_shell.number_measured_obs 
_reflns_shell.number_measured_all 
_reflns_shell.number_unique_obs 
_reflns_shell.Rmerge_I_obs 
_reflns_shell.meanI_over_sigI_obs 
_reflns_shell.pdbx_Rsym_value 
_reflns_shell.pdbx_chi_squared 
_reflns_shell.pdbx_redundancy 
_reflns_shell.percent_possible_obs 
_reflns_shell.number_unique_all 
_reflns_shell.percent_possible_all 
_reflns_shell.pdbx_ordinal 
_reflns_shell.pdbx_diffrn_id 
1.770 1.830  ? ? ? 0.512 ? ? 0.647 2.900 ? 1624 95.500 1  1 
1.830 1.910  ? ? ? 0.351 ? ? 0.785 3.200 ? 1715 99.900 2  1 
1.910 1.990  ? ? ? 0.240 ? ? 1.014 3.200 ? 1695 99.900 3  1 
1.990 2.100  ? ? ? 0.160 ? ? 1.189 3.200 ? 1719 99.800 4  1 
2.100 2.230  ? ? ? 0.122 ? ? 1.357 3.200 ? 1706 99.800 5  1 
2.230 2.400  ? ? ? 0.092 ? ? 1.631 3.300 ? 1715 99.900 6  1 
2.400 2.640  ? ? ? 0.071 ? ? 1.775 3.300 ? 1736 99.900 7  1 
2.640 3.030  ? ? ? 0.050 ? ? 1.766 3.300 ? 1740 99.300 8  1 
3.030 3.810  ? ? ? 0.036 ? ? 1.860 3.300 ? 1742 98.400 9  1 
3.810 50.000 ? ? ? 0.033 ? ? 2.049 3.100 ? 1843 98.300 10 1 
# 
_refine.entry_id                                 4HJ9 
_refine.ls_d_res_high                            1.8500 
_refine.ls_d_res_low                             31.2320 
_refine.pdbx_ls_sigma_F                          0.000 
_refine.pdbx_data_cutoff_high_absF               ? 
_refine.pdbx_data_cutoff_low_absF                ? 
_refine.ls_percent_reflns_obs                    97.4700 
_refine.ls_number_reflns_obs                     14821 
_refine.ls_number_reflns_all                     15128 
_refine.pdbx_ls_cross_valid_method               ? 
_refine.pdbx_R_Free_selection_details            random 
_refine.details                                  ? 
_refine.ls_R_factor_all                          0.2045 
_refine.ls_R_factor_obs                          0.2045 
_refine.ls_R_factor_R_work                       0.2006 
_refine.ls_wR_factor_R_work                      ? 
_refine.ls_R_factor_R_free                       0.2396 
_refine.ls_wR_factor_R_free                      ? 
_refine.ls_percent_reflns_R_free                 10.0100 
_refine.ls_number_reflns_R_free                  1484 
_refine.ls_R_factor_R_free_error                 ? 
_refine.B_iso_mean                               36.0771 
_refine.solvent_model_param_bsol                 40.7340 
_refine.solvent_model_param_ksol                 0.3690 
_refine.pdbx_isotropic_thermal_model             ? 
_refine.aniso_B[1][1]                            8.4058 
_refine.aniso_B[2][2]                            -2.5709 
_refine.aniso_B[3][3]                            -5.8349 
_refine.aniso_B[1][2]                            -0.0000 
_refine.aniso_B[1][3]                            -0.0000 
_refine.aniso_B[2][3]                            0.0000 
_refine.correlation_coeff_Fo_to_Fc               ? 
_refine.correlation_coeff_Fo_to_Fc_free          ? 
_refine.overall_SU_R_Cruickshank_DPI             ? 
_refine.overall_SU_R_free                        ? 
_refine.pdbx_overall_ESU_R                       ? 
_refine.pdbx_overall_ESU_R_Free                  ? 
_refine.overall_SU_ML                            0.2000 
_refine.overall_SU_B                             ? 
_refine.solvent_model_details                    'FLAT BULK SOLVENT MODEL' 
_refine.pdbx_solvent_vdw_probe_radii             0.8000 
_refine.pdbx_solvent_ion_probe_radii             ? 
_refine.pdbx_solvent_shrinkage_radii             0.4900 
_refine.ls_number_parameters                     ? 
_refine.ls_number_restraints                     ? 
_refine.pdbx_starting_model                      'PDB entry 4HIK' 
_refine.pdbx_method_to_determine_struct          'MOLECULAR REPLACEMENT' 
_refine.pdbx_stereochemistry_target_values       'Engh & Huber' 
_refine.pdbx_stereochem_target_val_spec_case     ? 
_refine.overall_FOM_work_R_set                   ? 
_refine.B_iso_max                                87.480 
_refine.B_iso_min                                19.730 
_refine.pdbx_overall_phase_error                 22.1600 
_refine.occupancy_max                            1.000 
_refine.occupancy_min                            0.330 
_refine.pdbx_ls_sigma_I                          ? 
_refine.ls_redundancy_reflns_obs                 ? 
_refine.ls_R_factor_R_free_error_details         ? 
_refine.pdbx_data_cutoff_high_rms_absF           ? 
_refine.overall_FOM_free_R_set                   ? 
_refine.pdbx_diffrn_id                           1 
_refine.pdbx_refine_id                           'X-RAY DIFFRACTION' 
_refine.pdbx_TLS_residual_ADP_flag               ? 
_refine.pdbx_overall_SU_R_free_Cruickshank_DPI   ? 
_refine.pdbx_overall_SU_R_Blow_DPI               ? 
_refine.pdbx_overall_SU_R_free_Blow_DPI          ? 
# 
_refine_hist.pdbx_refine_id                   'X-RAY DIFFRACTION' 
_refine_hist.cycle_id                         LAST 
_refine_hist.pdbx_number_atoms_protein        1174 
_refine_hist.pdbx_number_atoms_nucleic_acid   204 
_refine_hist.pdbx_number_atoms_ligand         0 
_refine_hist.number_atoms_solvent             123 
_refine_hist.number_atoms_total               1501 
_refine_hist.d_res_high                       1.8500 
_refine_hist.d_res_low                        31.2320 
# 
loop_
_refine_ls_restr.type 
_refine_ls_restr.number 
_refine_ls_restr.dev_ideal 
_refine_ls_restr.dev_ideal_target 
_refine_ls_restr.weight 
_refine_ls_restr.pdbx_restraint_function 
_refine_ls_restr.pdbx_refine_id 
f_bond_d           1448 0.007  ? ? ? 'X-RAY DIFFRACTION' 
f_angle_d          2001 1.125  ? ? ? 'X-RAY DIFFRACTION' 
f_chiral_restr     208  0.081  ? ? ? 'X-RAY DIFFRACTION' 
f_plane_restr      219  0.004  ? ? ? 'X-RAY DIFFRACTION' 
f_dihedral_angle_d 554  18.296 ? ? ? 'X-RAY DIFFRACTION' 
# 
loop_
_refine_ls_shell.d_res_high 
_refine_ls_shell.d_res_low 
_refine_ls_shell.pdbx_total_number_of_bins_used 
_refine_ls_shell.percent_reflns_obs 
_refine_ls_shell.number_reflns_R_work 
_refine_ls_shell.R_factor_all 
_refine_ls_shell.R_factor_R_work 
_refine_ls_shell.R_factor_R_free 
_refine_ls_shell.percent_reflns_R_free 
_refine_ls_shell.number_reflns_R_free 
_refine_ls_shell.R_factor_R_free_error 
_refine_ls_shell.number_reflns_all 
_refine_ls_shell.number_reflns_obs 
_refine_ls_shell.redundancy_reflns_obs 
_refine_ls_shell.pdbx_refine_id 
1.8500 1.9097  11 93.0000 1151 . 0.2199 0.3095 . 129 . 1280 . . 'X-RAY DIFFRACTION' 
1.9097 1.9780  11 94.0000 1152 . 0.1977 0.2699 . 130 . 1282 . . 'X-RAY DIFFRACTION' 
1.9780 2.0572  11 96.0000 1179 . 0.1886 0.2693 . 131 . 1310 . . 'X-RAY DIFFRACTION' 
2.0572 2.1508  11 98.0000 1197 . 0.2000 0.2634 . 132 . 1329 . . 'X-RAY DIFFRACTION' 
2.1508 2.2641  11 98.0000 1183 . 0.2029 0.2646 . 131 . 1314 . . 'X-RAY DIFFRACTION' 
2.2641 2.4059  11 99.0000 1217 . 0.2019 0.2395 . 137 . 1354 . . 'X-RAY DIFFRACTION' 
2.4059 2.5916  11 99.0000 1233 . 0.1986 0.2165 . 136 . 1369 . . 'X-RAY DIFFRACTION' 
2.5916 2.8523  11 99.0000 1220 . 0.2012 0.2826 . 135 . 1355 . . 'X-RAY DIFFRACTION' 
2.8523 3.2646  11 99.0000 1235 . 0.2108 0.2389 . 138 . 1373 . . 'X-RAY DIFFRACTION' 
3.2646 4.1116  11 98.0000 1259 . 0.1856 0.2135 . 139 . 1398 . . 'X-RAY DIFFRACTION' 
4.1116 31.2359 11 99.0000 1311 . 0.2082 0.2321 . 146 . 1457 . . 'X-RAY DIFFRACTION' 
# 
_struct.entry_id                  4HJ9 
_struct.title                     'Crystal Structure of Schizosaccharomyces pombe Pot1pC bound to ssDNA (CGGTTACGGT)' 
_struct.pdbx_model_details        ? 
_struct.pdbx_CASP_flag            ? 
_struct.pdbx_model_type_details   ? 
# 
_struct_keywords.entry_id        4HJ9 
_struct_keywords.text            
'specificity, plasticity, promiscuity, OB-fold, ssDNA-binding, single-stranded telomeric DNA, DNA BINDING PROTEIN' 
_struct_keywords.pdbx_keywords   'DNA BINDING PROTEIN' 
# 
loop_
_struct_asym.id 
_struct_asym.pdbx_blank_PDB_chainid_flag 
_struct_asym.pdbx_modified 
_struct_asym.entity_id 
_struct_asym.details 
A N N 1 ? 
B N N 2 ? 
C N N 3 ? 
D N N 3 ? 
# 
_struct_biol.id        1 
_struct_biol.details   ? 
# 
loop_
_struct_conf.conf_type_id 
_struct_conf.id 
_struct_conf.pdbx_PDB_helix_id 
_struct_conf.beg_label_comp_id 
_struct_conf.beg_label_asym_id 
_struct_conf.beg_label_seq_id 
_struct_conf.pdbx_beg_PDB_ins_code 
_struct_conf.end_label_comp_id 
_struct_conf.end_label_asym_id 
_struct_conf.end_label_seq_id 
_struct_conf.pdbx_end_PDB_ins_code 
_struct_conf.beg_auth_comp_id 
_struct_conf.beg_auth_asym_id 
_struct_conf.beg_auth_seq_id 
_struct_conf.end_auth_comp_id 
_struct_conf.end_auth_asym_id 
_struct_conf.end_auth_seq_id 
_struct_conf.pdbx_PDB_helix_class 
_struct_conf.details 
_struct_conf.pdbx_PDB_helix_length 
HELX_P HELX_P1 1 LEU A 7   ? ILE A 11  ? LEU A 7   ILE A 11  5 ? 5  
HELX_P HELX_P2 2 TRP A 72  ? ARG A 80  ? TRP A 72  ARG A 80  1 ? 9  
HELX_P HELX_P3 3 GLU A 127 ? GLU A 129 ? GLU A 127 GLU A 129 5 ? 3  
HELX_P HELX_P4 4 LEU A 130 ? TYR A 140 ? LEU A 130 TYR A 140 1 ? 11 
# 
_struct_conf_type.id          HELX_P 
_struct_conf_type.criteria    ? 
_struct_conf_type.reference   ? 
# 
_struct_conn.id                            hydrog1 
_struct_conn.conn_type_id                  hydrog 
_struct_conn.pdbx_leaving_atom_flag        ? 
_struct_conn.pdbx_PDB_id                   ? 
_struct_conn.ptnr1_label_asym_id           B 
_struct_conn.ptnr1_label_comp_id           DT 
_struct_conn.ptnr1_label_seq_id            5 
_struct_conn.ptnr1_label_atom_id           O2 
_struct_conn.pdbx_ptnr1_label_alt_id       ? 
_struct_conn.pdbx_ptnr1_PDB_ins_code       ? 
_struct_conn.pdbx_ptnr1_standard_comp_id   ? 
_struct_conn.ptnr1_symmetry                1_555 
_struct_conn.ptnr2_label_asym_id           B 
_struct_conn.ptnr2_label_comp_id           DA 
_struct_conn.ptnr2_label_seq_id            6 
_struct_conn.ptnr2_label_atom_id           N6 
_struct_conn.pdbx_ptnr2_label_alt_id       ? 
_struct_conn.pdbx_ptnr2_PDB_ins_code       ? 
_struct_conn.ptnr1_auth_asym_id            B 
_struct_conn.ptnr1_auth_comp_id            DT 
_struct_conn.ptnr1_auth_seq_id             5 
_struct_conn.ptnr2_auth_asym_id            B 
_struct_conn.ptnr2_auth_comp_id            DA 
_struct_conn.ptnr2_auth_seq_id             6 
_struct_conn.ptnr2_symmetry                1_555 
_struct_conn.pdbx_ptnr3_label_atom_id      ? 
_struct_conn.pdbx_ptnr3_label_seq_id       ? 
_struct_conn.pdbx_ptnr3_label_comp_id      ? 
_struct_conn.pdbx_ptnr3_label_asym_id      ? 
_struct_conn.pdbx_ptnr3_label_alt_id       ? 
_struct_conn.pdbx_ptnr3_PDB_ins_code       ? 
_struct_conn.details                       'DT-DA PAIR' 
_struct_conn.pdbx_dist_value               ? 
_struct_conn.pdbx_value_order              ? 
_struct_conn.pdbx_role                     ? 
# 
_struct_conn_type.id          hydrog 
_struct_conn_type.criteria    ? 
_struct_conn_type.reference   ? 
# 
_struct_mon_prot_cis.pdbx_id                1 
_struct_mon_prot_cis.label_comp_id          GLY 
_struct_mon_prot_cis.label_seq_id           60 
_struct_mon_prot_cis.label_asym_id          A 
_struct_mon_prot_cis.label_alt_id           . 
_struct_mon_prot_cis.pdbx_PDB_ins_code      ? 
_struct_mon_prot_cis.auth_comp_id           GLY 
_struct_mon_prot_cis.auth_seq_id            60 
_struct_mon_prot_cis.auth_asym_id           A 
_struct_mon_prot_cis.pdbx_label_comp_id_2   PRO 
_struct_mon_prot_cis.pdbx_label_seq_id_2    61 
_struct_mon_prot_cis.pdbx_label_asym_id_2   A 
_struct_mon_prot_cis.pdbx_PDB_ins_code_2    ? 
_struct_mon_prot_cis.pdbx_auth_comp_id_2    PRO 
_struct_mon_prot_cis.pdbx_auth_seq_id_2     61 
_struct_mon_prot_cis.pdbx_auth_asym_id_2    A 
_struct_mon_prot_cis.pdbx_PDB_model_num     1 
_struct_mon_prot_cis.pdbx_omega_angle       -2.10 
# 
_struct_sheet.id               A 
_struct_sheet.type             ? 
_struct_sheet.number_strands   7 
_struct_sheet.details          ? 
# 
loop_
_struct_sheet_order.sheet_id 
_struct_sheet_order.range_id_1 
_struct_sheet_order.range_id_2 
_struct_sheet_order.offset 
_struct_sheet_order.sense 
A 1 2 ? anti-parallel 
A 2 3 ? anti-parallel 
A 3 4 ? parallel      
A 4 5 ? anti-parallel 
A 5 6 ? anti-parallel 
A 6 7 ? anti-parallel 
# 
loop_
_struct_sheet_range.sheet_id 
_struct_sheet_range.id 
_struct_sheet_range.beg_label_comp_id 
_struct_sheet_range.beg_label_asym_id 
_struct_sheet_range.beg_label_seq_id 
_struct_sheet_range.pdbx_beg_PDB_ins_code 
_struct_sheet_range.end_label_comp_id 
_struct_sheet_range.end_label_asym_id 
_struct_sheet_range.end_label_seq_id 
_struct_sheet_range.pdbx_end_PDB_ins_code 
_struct_sheet_range.beg_auth_comp_id 
_struct_sheet_range.beg_auth_asym_id 
_struct_sheet_range.beg_auth_seq_id 
_struct_sheet_range.end_auth_comp_id 
_struct_sheet_range.end_auth_asym_id 
_struct_sheet_range.end_auth_seq_id 
A 1 SER A 119 ? VAL A 123 ? SER A 119 VAL A 123 
A 2 TYR A 88  ? ILE A 98  ? TYR A 88  ILE A 98  
A 3 LEU A 104 ? LEU A 108 ? LEU A 104 LEU A 108 
A 4 ILE A 67  ? LEU A 71  ? ILE A 67  LEU A 71  
A 5 PHE A 33  ? THR A 38  ? PHE A 33  THR A 38  
A 6 ARG A 16  ? TYR A 28  ? ARG A 16  TYR A 28  
A 7 TYR A 88  ? ILE A 98  ? TYR A 88  ILE A 98  
# 
loop_
_pdbx_struct_sheet_hbond.sheet_id 
_pdbx_struct_sheet_hbond.range_id_1 
_pdbx_struct_sheet_hbond.range_id_2 
_pdbx_struct_sheet_hbond.range_1_label_atom_id 
_pdbx_struct_sheet_hbond.range_1_label_comp_id 
_pdbx_struct_sheet_hbond.range_1_label_asym_id 
_pdbx_struct_sheet_hbond.range_1_label_seq_id 
_pdbx_struct_sheet_hbond.range_1_PDB_ins_code 
_pdbx_struct_sheet_hbond.range_1_auth_atom_id 
_pdbx_struct_sheet_hbond.range_1_auth_comp_id 
_pdbx_struct_sheet_hbond.range_1_auth_asym_id 
_pdbx_struct_sheet_hbond.range_1_auth_seq_id 
_pdbx_struct_sheet_hbond.range_2_label_atom_id 
_pdbx_struct_sheet_hbond.range_2_label_comp_id 
_pdbx_struct_sheet_hbond.range_2_label_asym_id 
_pdbx_struct_sheet_hbond.range_2_label_seq_id 
_pdbx_struct_sheet_hbond.range_2_PDB_ins_code 
_pdbx_struct_sheet_hbond.range_2_auth_atom_id 
_pdbx_struct_sheet_hbond.range_2_auth_comp_id 
_pdbx_struct_sheet_hbond.range_2_auth_asym_id 
_pdbx_struct_sheet_hbond.range_2_auth_seq_id 
A 1 2 O VAL A 123 ? O VAL A 123 N TYR A 88  ? N TYR A 88  
A 2 3 N ARG A 95  ? N ARG A 95  O ILE A 107 ? O ILE A 107 
A 3 4 O CYS A 106 ? O CYS A 106 N ILE A 70  ? N ILE A 70  
A 4 5 O CYS A 69  ? O CYS A 69  N LEU A 35  ? N LEU A 35  
A 5 6 O THR A 38  ? O THR A 38  N GLN A 22  ? N GLN A 22  
A 6 7 N PHE A 19  ? N PHE A 19  O MET A 91  ? O MET A 91  
# 
_atom_sites.entry_id                    4HJ9 
_atom_sites.fract_transf_matrix[1][1]   -0.00033035 
_atom_sites.fract_transf_matrix[1][2]   0.00144803 
_atom_sites.fract_transf_matrix[1][3]   -0.02217431 
_atom_sites.fract_transf_matrix[2][1]   0.00522879 
_atom_sites.fract_transf_matrix[2][2]   0.01656643 
_atom_sites.fract_transf_matrix[2][3]   0.00100393 
_atom_sites.fract_transf_matrix[3][1]   0.01441663 
_atom_sites.fract_transf_matrix[3][2]   -0.00451935 
_atom_sites.fract_transf_matrix[3][3]   -0.00050990 
_atom_sites.fract_transf_vector[1]      -0.255073 
_atom_sites.fract_transf_vector[2]      0.085442 
_atom_sites.fract_transf_vector[3]      -0.241873 
# 
loop_
_atom_type.symbol 
C 
N 
O 
P 
S 
# 
loop_
_atom_site.group_PDB 
_atom_site.id 
_atom_site.type_symbol 
_atom_site.label_atom_id 
_atom_site.label_alt_id 
_atom_site.label_comp_id 
_atom_site.label_asym_id 
_atom_site.label_entity_id 
_atom_site.label_seq_id 
_atom_site.pdbx_PDB_ins_code 
_atom_site.Cartn_x 
_atom_site.Cartn_y 
_atom_site.Cartn_z 
_atom_site.occupancy 
_atom_site.B_iso_or_equiv 
_atom_site.pdbx_formal_charge 
_atom_site.auth_seq_id 
_atom_site.auth_comp_id 
_atom_site.auth_asym_id 
_atom_site.auth_atom_id 
_atom_site.pdbx_PDB_model_num 
ATOM   1    N N     . ASP A 1 3   ? 10.424  16.290  3.258   1.00 68.61 ? 3   ASP A N     1 
ATOM   2    C CA    . ASP A 1 3   ? 9.359   15.304  3.133   1.00 65.10 ? 3   ASP A CA    1 
ATOM   3    C C     . ASP A 1 3   ? 8.458   15.277  4.370   1.00 64.45 ? 3   ASP A C     1 
ATOM   4    O O     . ASP A 1 3   ? 8.807   15.827  5.419   1.00 62.86 ? 3   ASP A O     1 
ATOM   5    C CB    . ASP A 1 3   ? 9.949   13.907  2.888   1.00 65.47 ? 3   ASP A CB    1 
ATOM   6    N N     . SER A 1 4   ? 7.292   14.650  4.227   1.00 57.85 ? 4   SER A N     1 
ATOM   7    C CA    . SER A 1 4   ? 6.397   14.393  5.352   1.00 48.77 ? 4   SER A CA    1 
ATOM   8    C C     . SER A 1 4   ? 5.503   13.195  5.018   1.00 41.77 ? 4   SER A C     1 
ATOM   9    O O     . SER A 1 4   ? 5.359   12.829  3.850   1.00 42.17 ? 4   SER A O     1 
ATOM   10   C CB    . SER A 1 4   ? 5.552   15.623  5.676   1.00 50.43 ? 4   SER A CB    1 
ATOM   11   O OG    . SER A 1 4   ? 4.593   15.866  4.656   1.00 54.63 ? 4   SER A OG    1 
ATOM   12   N N     . PHE A 1 5   ? 4.910   12.591  6.043   1.00 35.67 ? 5   PHE A N     1 
ATOM   13   C CA    . PHE A 1 5   ? 4.030   11.440  5.853   1.00 33.25 ? 5   PHE A CA    1 
ATOM   14   C C     . PHE A 1 5   ? 2.583   11.858  5.636   1.00 35.47 ? 5   PHE A C     1 
ATOM   15   O O     . PHE A 1 5   ? 2.131   12.876  6.167   1.00 38.73 ? 5   PHE A O     1 
ATOM   16   C CB    . PHE A 1 5   ? 4.126   10.492  7.049   1.00 31.89 ? 5   PHE A CB    1 
ATOM   17   C CG    . PHE A 1 5   ? 5.444   9.780   7.152   1.00 32.17 ? 5   PHE A CG    1 
ATOM   18   C CD1   . PHE A 1 5   ? 6.424   10.232  8.021   1.00 35.58 ? 5   PHE A CD1   1 
ATOM   19   C CD2   . PHE A 1 5   ? 5.708   8.658   6.377   1.00 34.64 ? 5   PHE A CD2   1 
ATOM   20   C CE1   . PHE A 1 5   ? 7.639   9.580   8.110   1.00 39.81 ? 5   PHE A CE1   1 
ATOM   21   C CE2   . PHE A 1 5   ? 6.927   8.005   6.466   1.00 30.08 ? 5   PHE A CE2   1 
ATOM   22   C CZ    . PHE A 1 5   ? 7.886   8.465   7.331   1.00 37.34 ? 5   PHE A CZ    1 
ATOM   23   N N     . SER A 1 6   ? 1.857   11.072  4.848   1.00 30.64 ? 6   SER A N     1 
ATOM   24   C CA    . SER A 1 6   ? 0.447   11.335  4.597   1.00 27.29 ? 6   SER A CA    1 
ATOM   25   C C     . SER A 1 6   ? -0.366  10.132  5.060   1.00 29.01 ? 6   SER A C     1 
ATOM   26   O O     . SER A 1 6   ? 0.141   9.011   5.064   1.00 31.07 ? 6   SER A O     1 
ATOM   27   C CB    . SER A 1 6   ? 0.213   11.552  3.097   1.00 28.76 ? 6   SER A CB    1 
ATOM   28   O OG    . SER A 1 6   ? 0.977   12.623  2.591   1.00 33.24 ? 6   SER A OG    1 
ATOM   29   N N     . LEU A 1 7   ? -1.612  10.359  5.465   1.00 27.61 ? 7   LEU A N     1 
ATOM   30   C CA    . LEU A 1 7   ? -2.564  9.262   5.630   1.00 30.70 ? 7   LEU A CA    1 
ATOM   31   C C     . LEU A 1 7   ? -3.001  8.871   4.229   1.00 23.11 ? 7   LEU A C     1 
ATOM   32   O O     . LEU A 1 7   ? -2.906  9.680   3.307   1.00 24.15 ? 7   LEU A O     1 
ATOM   33   C CB    . LEU A 1 7   ? -3.785  9.706   6.438   1.00 27.76 ? 7   LEU A CB    1 
ATOM   34   C CG    . LEU A 1 7   ? -3.497  10.191  7.861   1.00 35.25 ? 7   LEU A CG    1 
ATOM   35   C CD1   . LEU A 1 7   ? -4.788  10.680  8.531   1.00 34.57 ? 7   LEU A CD1   1 
ATOM   36   C CD2   . LEU A 1 7   ? -2.856  9.083   8.671   1.00 38.88 ? 7   LEU A CD2   1 
ATOM   37   N N     . LEU A 1 8   ? -3.499  7.651   4.048   1.00 24.36 ? 8   LEU A N     1 
ATOM   38   C CA    . LEU A 1 8   ? -3.914  7.241   2.716   1.00 25.39 ? 8   LEU A CA    1 
ATOM   39   C C     . LEU A 1 8   ? -5.107  8.072   2.222   1.00 24.26 ? 8   LEU A C     1 
ATOM   40   O O     . LEU A 1 8   ? -5.295  8.250   1.019   1.00 26.01 ? 8   LEU A O     1 
ATOM   41   C CB    . LEU A 1 8   ? -4.196  5.733   2.670   1.00 23.16 ? 8   LEU A CB    1 
ATOM   42   C CG    . LEU A 1 8   ? -2.924  4.873   2.713   1.00 31.88 ? 8   LEU A CG    1 
ATOM   43   C CD1   . LEU A 1 8   ? -3.225  3.386   2.540   1.00 25.79 ? 8   LEU A CD1   1 
ATOM   44   C CD2   . LEU A 1 8   ? -1.938  5.343   1.640   1.00 30.25 ? 8   LEU A CD2   1 
ATOM   45   N N     . SER A 1 9   ? -5.894  8.602   3.154   1.00 24.76 ? 9   SER A N     1 
ATOM   46   C CA    . SER A 1 9   ? -7.042  9.431   2.795   1.00 24.45 ? 9   SER A CA    1 
ATOM   47   C C     . SER A 1 9   ? -6.569  10.726  2.150   1.00 28.69 ? 9   SER A C     1 
ATOM   48   O O     . SER A 1 9   ? -7.326  11.418  1.456   1.00 29.71 ? 9   SER A O     1 
ATOM   49   C CB    . SER A 1 9   ? -7.859  9.750   4.047   1.00 28.49 ? 9   SER A CB    1 
ATOM   50   O OG    . SER A 1 9   ? -7.074  10.464  4.982   1.00 27.43 ? 9   SER A OG    1 
ATOM   51   N N     . GLN A 1 10  ? -5.304  11.048  2.369   1.00 27.01 ? 10  GLN A N     1 
ATOM   52   C CA    . GLN A 1 10  ? -4.775  12.351  1.960   1.00 29.25 ? 10  GLN A CA    1 
ATOM   53   C C     . GLN A 1 10  ? -4.017  12.346  0.642   1.00 33.48 ? 10  GLN A C     1 
ATOM   54   O O     . GLN A 1 10  ? -3.732  13.414  0.083   1.00 30.32 ? 10  GLN A O     1 
ATOM   55   C CB    . GLN A 1 10  ? -3.880  12.927  3.056   1.00 29.94 ? 10  GLN A CB    1 
ATOM   56   C CG    . GLN A 1 10  ? -4.598  13.179  4.360   1.00 31.72 ? 10  GLN A CG    1 
ATOM   57   C CD    . GLN A 1 10  ? -3.664  13.682  5.446   1.00 39.09 ? 10  GLN A CD    1 
ATOM   58   O OE1   . GLN A 1 10  ? -2.514  13.242  5.554   1.00 37.66 ? 10  GLN A OE1   1 
ATOM   59   N NE2   . GLN A 1 10  ? -4.155  14.616  6.257   1.00 46.48 ? 10  GLN A NE2   1 
ATOM   60   N N     . ILE A 1 11  ? -3.680  11.166  0.132   1.00 25.79 ? 11  ILE A N     1 
ATOM   61   C CA    . ILE A 1 11  ? -2.879  11.135  -1.080  1.00 28.76 ? 11  ILE A CA    1 
ATOM   62   C C     . ILE A 1 11  ? -3.720  11.384  -2.327  1.00 30.68 ? 11  ILE A C     1 
ATOM   63   O O     . ILE A 1 11  ? -4.929  11.113  -2.363  1.00 27.11 ? 11  ILE A O     1 
ATOM   64   C CB    . ILE A 1 11  ? -2.034  9.840   -1.228  1.00 31.67 ? 11  ILE A CB    1 
ATOM   65   C CG1   . ILE A 1 11  ? -2.929  8.632   -1.497  1.00 31.67 ? 11  ILE A CG1   1 
ATOM   66   C CG2   . ILE A 1 11  ? -1.175  9.614   0.004   1.00 34.94 ? 11  ILE A CG2   1 
ATOM   67   C CD1   . ILE A 1 11  ? -2.142  7.383   -1.863  1.00 32.46 ? 11  ILE A CD1   1 
ATOM   68   N N     . THR A 1 12  ? -3.063  11.923  -3.345  1.00 25.43 ? 12  THR A N     1 
ATOM   69   C CA    . THR A 1 12  ? -3.716  12.223  -4.603  1.00 28.31 ? 12  THR A CA    1 
ATOM   70   C C     . THR A 1 12  ? -2.871  11.676  -5.749  1.00 28.47 ? 12  THR A C     1 
ATOM   71   O O     . THR A 1 12  ? -1.724  11.280  -5.542  1.00 30.60 ? 12  THR A O     1 
ATOM   72   C CB    . THR A 1 12  ? -3.895  13.744  -4.756  1.00 32.16 ? 12  THR A CB    1 
ATOM   73   O OG1   . THR A 1 12  ? -2.632  14.387  -4.562  1.00 30.94 ? 12  THR A OG1   1 
ATOM   74   C CG2   . THR A 1 12  ? -4.887  14.271  -3.718  1.00 37.70 ? 12  THR A CG2   1 
ATOM   75   N N     . PRO A 1 13  ? -3.431  11.654  -6.967  1.00 28.57 ? 13  PRO A N     1 
ATOM   76   C CA    . PRO A 1 13  ? -2.692  11.061  -8.086  1.00 27.40 ? 13  PRO A CA    1 
ATOM   77   C C     . PRO A 1 13  ? -1.535  11.945  -8.573  1.00 32.48 ? 13  PRO A C     1 
ATOM   78   O O     . PRO A 1 13  ? -1.597  13.179  -8.473  1.00 26.07 ? 13  PRO A O     1 
ATOM   79   C CB    . PRO A 1 13  ? -3.754  10.940  -9.188  1.00 33.26 ? 13  PRO A CB    1 
ATOM   80   C CG    . PRO A 1 13  ? -5.100  11.186  -8.494  1.00 34.46 ? 13  PRO A CG    1 
ATOM   81   C CD    . PRO A 1 13  ? -4.781  12.101  -7.360  1.00 31.64 ? 13  PRO A CD    1 
ATOM   82   N N     . HIS A 1 14  ? -0.495  11.297  -9.095  1.00 26.84 ? 14  HIS A N     1 
ATOM   83   C CA    . HIS A 1 14  ? 0.628   11.979  -9.734  1.00 28.21 ? 14  HIS A CA    1 
ATOM   84   C C     . HIS A 1 14  ? 1.416   12.862  -8.774  1.00 29.88 ? 14  HIS A C     1 
ATOM   85   O O     . HIS A 1 14  ? 1.809   13.995  -9.100  1.00 29.70 ? 14  HIS A O     1 
ATOM   86   C CB    . HIS A 1 14  ? 0.129   12.730  -10.964 1.00 27.00 ? 14  HIS A CB    1 
ATOM   87   C CG    . HIS A 1 14  ? -0.644  11.858  -11.903 1.00 30.27 ? 14  HIS A CG    1 
ATOM   88   N ND1   . HIS A 1 14  ? -1.943  12.135  -12.280 1.00 28.32 ? 14  HIS A ND1   1 
ATOM   89   C CD2   . HIS A 1 14  ? -0.315  10.694  -12.510 1.00 32.26 ? 14  HIS A CD2   1 
ATOM   90   C CE1   . HIS A 1 14  ? -2.372  11.183  -13.093 1.00 29.20 ? 14  HIS A CE1   1 
ATOM   91   N NE2   . HIS A 1 14  ? -1.404  10.301  -13.251 1.00 30.39 ? 14  HIS A NE2   1 
ATOM   92   N N     . GLN A 1 15  ? 1.677   12.313  -7.592  1.00 27.02 ? 15  GLN A N     1 
ATOM   93   C CA    . GLN A 1 15  ? 2.569   12.956  -6.634  1.00 32.33 ? 15  GLN A CA    1 
ATOM   94   C C     . GLN A 1 15  ? 3.513   11.927  -6.028  1.00 35.48 ? 15  GLN A C     1 
ATOM   95   O O     . GLN A 1 15  ? 3.335   10.718  -6.193  1.00 33.86 ? 15  GLN A O     1 
ATOM   96   C CB    . GLN A 1 15  ? 1.775   13.617  -5.496  1.00 31.48 ? 15  GLN A CB    1 
ATOM   97   C CG    . GLN A 1 15  ? 1.136   12.606  -4.541  1.00 33.39 ? 15  GLN A CG    1 
ATOM   98   C CD    . GLN A 1 15  ? 0.405   13.262  -3.378  1.00 38.69 ? 15  GLN A CD    1 
ATOM   99   O OE1   . GLN A 1 15  ? -0.383  12.616  -2.681  1.00 33.57 ? 15  GLN A OE1   1 
ATOM   100  N NE2   . GLN A 1 15  ? 0.658   14.555  -3.165  1.00 42.78 ? 15  GLN A NE2   1 
ATOM   101  N N     . ARG A 1 16  ? 4.524   12.421  -5.326  1.00 29.36 ? 16  ARG A N     1 
ATOM   102  C CA    A ARG A 1 16  ? 5.380   11.580  -4.507  0.46 30.68 ? 16  ARG A CA    1 
ATOM   103  C CA    B ARG A 1 16  ? 5.364   11.560  -4.512  0.54 30.66 ? 16  ARG A CA    1 
ATOM   104  C C     . ARG A 1 16  ? 4.864   11.648  -3.078  1.00 32.70 ? 16  ARG A C     1 
ATOM   105  O O     . ARG A 1 16  ? 4.490   12.726  -2.602  1.00 28.61 ? 16  ARG A O     1 
ATOM   106  C CB    A ARG A 1 16  ? 6.832   12.059  -4.575  0.46 34.45 ? 16  ARG A CB    1 
ATOM   107  C CB    B ARG A 1 16  ? 6.834   11.972  -4.604  0.54 34.46 ? 16  ARG A CB    1 
ATOM   108  C CG    A ARG A 1 16  ? 7.605   11.924  -3.272  0.46 35.48 ? 16  ARG A CG    1 
ATOM   109  C CG    B ARG A 1 16  ? 7.302   12.263  -6.024  0.54 38.66 ? 16  ARG A CG    1 
ATOM   110  C CD    A ARG A 1 16  ? 9.061   12.338  -3.440  0.46 38.86 ? 16  ARG A CD    1 
ATOM   111  N NE    A ARG A 1 16  ? 9.238   13.788  -3.506  0.46 40.60 ? 16  ARG A NE    1 
ATOM   112  N NE    B ARG A 1 16  ? 8.974   10.456  -6.044  0.54 35.83 ? 16  ARG A NE    1 
ATOM   113  C CZ    A ARG A 1 16  ? 9.654   14.535  -2.489  0.46 42.05 ? 16  ARG A CZ    1 
ATOM   114  C CZ    B ARG A 1 16  ? 9.100   9.591   -7.044  0.54 38.53 ? 16  ARG A CZ    1 
ATOM   115  N NH1   A ARG A 1 16  ? 9.934   13.971  -1.324  0.46 44.08 ? 16  ARG A NH1   1 
ATOM   116  N NH1   B ARG A 1 16  ? 9.048   10.011  -8.301  0.54 42.10 ? 16  ARG A NH1   1 
ATOM   117  N NH2   A ARG A 1 16  ? 9.793   15.844  -2.635  0.46 37.53 ? 16  ARG A NH2   1 
ATOM   118  N NH2   B ARG A 1 16  ? 9.284   8.303   -6.787  0.54 37.61 ? 16  ARG A NH2   1 
ATOM   119  N N     . CYS A 1 17  ? 4.824   10.506  -2.394  1.00 25.64 ? 17  CYS A N     1 
ATOM   120  C CA    . CYS A 1 17  ? 4.356   10.493  -1.010  1.00 23.32 ? 17  CYS A CA    1 
ATOM   121  C C     . CYS A 1 17  ? 4.979   9.397   -0.163  1.00 29.66 ? 17  CYS A C     1 
ATOM   122  O O     . CYS A 1 17  ? 5.641   8.490   -0.682  1.00 29.13 ? 17  CYS A O     1 
ATOM   123  C CB    . CYS A 1 17  ? 2.830   10.364  -0.960  1.00 33.35 ? 17  CYS A CB    1 
ATOM   124  S SG    . CYS A 1 17  ? 2.210   8.801   -1.611  1.00 32.29 ? 17  CYS A SG    1 
ATOM   125  N N     . SER A 1 18  ? 4.744   9.501   1.143   1.00 29.20 ? 18  SER A N     1 
ATOM   126  C CA    . SER A 1 18  ? 5.246   8.543   2.120   1.00 28.69 ? 18  SER A CA    1 
ATOM   127  C C     . SER A 1 18  ? 4.140   8.234   3.120   1.00 29.16 ? 18  SER A C     1 
ATOM   128  O O     . SER A 1 18  ? 3.366   9.125   3.487   1.00 31.12 ? 18  SER A O     1 
ATOM   129  C CB    . SER A 1 18  ? 6.460   9.119   2.845   1.00 28.48 ? 18  SER A CB    1 
ATOM   130  O OG    . SER A 1 18  ? 7.456   9.464   1.910   1.00 26.77 ? 18  SER A OG    1 
ATOM   131  N N     . PHE A 1 19  ? 4.049   6.978   3.552   1.00 26.80 ? 19  PHE A N     1 
ATOM   132  C CA    . PHE A 1 19  ? 2.990   6.583   4.481   1.00 24.49 ? 19  PHE A CA    1 
ATOM   133  C C     . PHE A 1 19  ? 3.305   5.281   5.208   1.00 25.88 ? 19  PHE A C     1 
ATOM   134  O O     . PHE A 1 19  ? 4.109   4.471   4.737   1.00 26.96 ? 19  PHE A O     1 
ATOM   135  C CB    . PHE A 1 19  ? 1.641   6.459   3.746   1.00 28.04 ? 19  PHE A CB    1 
ATOM   136  C CG    . PHE A 1 19  ? 1.675   5.526   2.554   1.00 26.46 ? 19  PHE A CG    1 
ATOM   137  C CD1   . PHE A 1 19  ? 1.513   4.161   2.719   1.00 28.46 ? 19  PHE A CD1   1 
ATOM   138  C CD2   . PHE A 1 19  ? 1.860   6.021   1.277   1.00 24.61 ? 19  PHE A CD2   1 
ATOM   139  C CE1   . PHE A 1 19  ? 1.551   3.299   1.620   1.00 28.92 ? 19  PHE A CE1   1 
ATOM   140  C CE2   . PHE A 1 19  ? 1.900   5.173   0.179   1.00 26.93 ? 19  PHE A CE2   1 
ATOM   141  C CZ    . PHE A 1 19  ? 1.745   3.810   0.355   1.00 25.98 ? 19  PHE A CZ    1 
ATOM   142  N N     . TYR A 1 20  ? 2.691   5.114   6.378   1.00 26.52 ? 20  TYR A N     1 
ATOM   143  C CA    . TYR A 1 20  ? 2.687   3.843   7.086   1.00 29.28 ? 20  TYR A CA    1 
ATOM   144  C C     . TYR A 1 20  ? 1.403   3.093   6.731   1.00 24.17 ? 20  TYR A C     1 
ATOM   145  O O     . TYR A 1 20  ? 0.335   3.711   6.616   1.00 23.69 ? 20  TYR A O     1 
ATOM   146  C CB    . TYR A 1 20  ? 2.741   4.073   8.594   1.00 29.15 ? 20  TYR A CB    1 
ATOM   147  C CG    . TYR A 1 20  ? 4.081   4.555   9.087   1.00 34.76 ? 20  TYR A CG    1 
ATOM   148  C CD1   . TYR A 1 20  ? 5.022   3.660   9.561   1.00 33.27 ? 20  TYR A CD1   1 
ATOM   149  C CD2   . TYR A 1 20  ? 4.410   5.907   9.064   1.00 40.89 ? 20  TYR A CD2   1 
ATOM   150  C CE1   . TYR A 1 20  ? 6.258   4.092   10.013  1.00 36.61 ? 20  TYR A CE1   1 
ATOM   151  C CE2   . TYR A 1 20  ? 5.650   6.351   9.513   1.00 38.00 ? 20  TYR A CE2   1 
ATOM   152  C CZ    . TYR A 1 20  ? 6.565   5.432   9.984   1.00 40.97 ? 20  TYR A CZ    1 
ATOM   153  O OH    . TYR A 1 20  ? 7.793   5.838   10.434  1.00 39.43 ? 20  TYR A OH    1 
ATOM   154  N N     . ALA A 1 21  ? 1.499   1.769   6.573   1.00 27.07 ? 21  ALA A N     1 
ATOM   155  C CA    . ALA A 1 21  ? 0.339   0.967   6.195   1.00 25.62 ? 21  ALA A CA    1 
ATOM   156  C C     . ALA A 1 21  ? 0.465   -0.481  6.648   1.00 25.63 ? 21  ALA A C     1 
ATOM   157  O O     . ALA A 1 21  ? 1.574   -0.963  6.917   1.00 28.65 ? 21  ALA A O     1 
ATOM   158  C CB    . ALA A 1 21  ? 0.116   1.030   4.689   1.00 26.38 ? 21  ALA A CB    1 
ATOM   159  N N     . GLN A 1 22  ? -0.668  -1.171  6.730   1.00 24.71 ? 22  GLN A N     1 
ATOM   160  C CA    . GLN A 1 22  ? -0.657  -2.623  6.937   1.00 28.05 ? 22  GLN A CA    1 
ATOM   161  C C     . GLN A 1 22  ? -0.909  -3.339  5.610   1.00 24.73 ? 22  GLN A C     1 
ATOM   162  O O     . GLN A 1 22  ? -1.761  -2.927  4.827   1.00 26.42 ? 22  GLN A O     1 
ATOM   163  C CB    . GLN A 1 22  ? -1.694  -3.063  7.983   1.00 26.69 ? 22  GLN A CB    1 
ATOM   164  C CG    . GLN A 1 22  ? -1.590  -4.552  8.307   1.00 29.91 ? 22  GLN A CG    1 
ATOM   165  C CD    . GLN A 1 22  ? -2.413  -4.946  9.518   1.00 32.01 ? 22  GLN A CD    1 
ATOM   166  O OE1   . GLN A 1 22  ? -3.461  -4.354  9.788   1.00 34.94 ? 22  GLN A OE1   1 
ATOM   167  N NE2   . GLN A 1 22  ? -1.944  -5.951  10.255  1.00 30.25 ? 22  GLN A NE2   1 
ATOM   168  N N     . VAL A 1 23  ? -0.153  -4.399  5.350   1.00 19.99 ? 23  VAL A N     1 
ATOM   169  C CA    . VAL A 1 23  ? -0.329  -5.189  4.133   1.00 23.05 ? 23  VAL A CA    1 
ATOM   170  C C     . VAL A 1 23  ? -1.482  -6.178  4.281   1.00 23.87 ? 23  VAL A C     1 
ATOM   171  O O     . VAL A 1 23  ? -1.467  -7.025  5.178   1.00 28.84 ? 23  VAL A O     1 
ATOM   172  C CB    . VAL A 1 23  ? 0.954   -5.984  3.798   1.00 21.24 ? 23  VAL A CB    1 
ATOM   173  C CG1   . VAL A 1 23  ? 0.738   -6.863  2.555   1.00 23.94 ? 23  VAL A CG1   1 
ATOM   174  C CG2   . VAL A 1 23  ? 2.116   -5.026  3.579   1.00 24.57 ? 23  VAL A CG2   1 
ATOM   175  N N     . ILE A 1 24  ? -2.471  -6.077  3.394   1.00 23.01 ? 24  ILE A N     1 
ATOM   176  C CA    . ILE A 1 24  ? -3.629  -6.969  3.430   1.00 27.08 ? 24  ILE A CA    1 
ATOM   177  C C     . ILE A 1 24  ? -3.434  -8.169  2.510   1.00 25.70 ? 24  ILE A C     1 
ATOM   178  O O     . ILE A 1 24  ? -3.762  -9.296  2.868   1.00 26.09 ? 24  ILE A O     1 
ATOM   179  C CB    . ILE A 1 24  ? -4.923  -6.232  3.025   1.00 25.17 ? 24  ILE A CB    1 
ATOM   180  C CG1   . ILE A 1 24  ? -5.130  -5.018  3.931   1.00 26.92 ? 24  ILE A CG1   1 
ATOM   181  C CG2   . ILE A 1 24  ? -6.125  -7.186  3.075   1.00 27.10 ? 24  ILE A CG2   1 
ATOM   182  C CD1   . ILE A 1 24  ? -5.296  -5.381  5.398   1.00 33.67 ? 24  ILE A CD1   1 
ATOM   183  N N     . LYS A 1 25  ? -2.892  -7.923  1.323   1.00 21.28 ? 25  LYS A N     1 
ATOM   184  C CA    . LYS A 1 25  ? -2.757  -8.969  0.304   1.00 25.62 ? 25  LYS A CA    1 
ATOM   185  C C     . LYS A 1 25  ? -1.463  -8.782  -0.478  1.00 26.58 ? 25  LYS A C     1 
ATOM   186  O O     . LYS A 1 25  ? -1.052  -7.658  -0.757  1.00 26.29 ? 25  LYS A O     1 
ATOM   187  C CB    . LYS A 1 25  ? -3.962  -8.928  -0.659  1.00 22.22 ? 25  LYS A CB    1 
ATOM   188  C CG    . LYS A 1 25  ? -3.878  -9.855  -1.882  1.00 24.79 ? 25  LYS A CG    1 
ATOM   189  C CD    . LYS A 1 25  ? -5.042  -9.553  -2.841  1.00 34.54 ? 25  LYS A CD    1 
ATOM   190  C CE    . LYS A 1 25  ? -5.005  -10.390 -4.122  1.00 38.24 ? 25  LYS A CE    1 
ATOM   191  N NZ    . LYS A 1 25  ? -5.450  -11.787 -3.898  1.00 29.21 ? 25  LYS A NZ    1 
ATOM   192  N N     . THR A 1 26  ? -0.826  -9.896  -0.819  1.00 25.62 ? 26  THR A N     1 
ATOM   193  C CA    . THR A 1 26  ? 0.339   -9.892  -1.693  1.00 27.10 ? 26  THR A CA    1 
ATOM   194  C C     . THR A 1 26  ? 0.068   -10.801 -2.893  1.00 27.30 ? 26  THR A C     1 
ATOM   195  O O     . THR A 1 26  ? -0.652  -11.800 -2.773  1.00 27.99 ? 26  THR A O     1 
ATOM   196  C CB    . THR A 1 26  ? 1.594   -10.413 -0.968  1.00 27.66 ? 26  THR A CB    1 
ATOM   197  O OG1   . THR A 1 26  ? 1.390   -11.786 -0.596  1.00 27.74 ? 26  THR A OG1   1 
ATOM   198  C CG2   . THR A 1 26  ? 1.865   -9.577  0.265   1.00 27.67 ? 26  THR A CG2   1 
ATOM   199  N N     . TRP A 1 27  ? 0.635   -10.446 -4.041  1.00 23.54 ? 27  TRP A N     1 
ATOM   200  C CA    . TRP A 1 27  ? 0.583   -11.304 -5.222  1.00 26.67 ? 27  TRP A CA    1 
ATOM   201  C C     . TRP A 1 27  ? 1.881   -11.169 -6.017  1.00 25.26 ? 27  TRP A C     1 
ATOM   202  O O     . TRP A 1 27  ? 2.205   -10.081 -6.523  1.00 21.62 ? 27  TRP A O     1 
ATOM   203  C CB    . TRP A 1 27  ? -0.626  -10.982 -6.107  1.00 24.10 ? 27  TRP A CB    1 
ATOM   204  C CG    . TRP A 1 27  ? -0.735  -11.919 -7.298  1.00 24.36 ? 27  TRP A CG    1 
ATOM   205  C CD1   . TRP A 1 27  ? -0.365  -11.661 -8.587  1.00 26.90 ? 27  TRP A CD1   1 
ATOM   206  C CD2   . TRP A 1 27  ? -1.226  -13.274 -7.288  1.00 29.16 ? 27  TRP A CD2   1 
ATOM   207  N NE1   . TRP A 1 27  ? -0.600  -12.767 -9.380  1.00 28.97 ? 27  TRP A NE1   1 
ATOM   208  C CE2   . TRP A 1 27  ? -1.129  -13.767 -8.603  1.00 26.86 ? 27  TRP A CE2   1 
ATOM   209  C CE3   . TRP A 1 27  ? -1.745  -14.107 -6.287  1.00 29.63 ? 27  TRP A CE3   1 
ATOM   210  C CZ2   . TRP A 1 27  ? -1.530  -15.064 -8.951  1.00 27.78 ? 27  TRP A CZ2   1 
ATOM   211  C CZ3   . TRP A 1 27  ? -2.144  -15.392 -6.635  1.00 32.12 ? 27  TRP A CZ3   1 
ATOM   212  C CH2   . TRP A 1 27  ? -2.034  -15.854 -7.956  1.00 28.52 ? 27  TRP A CH2   1 
ATOM   213  N N     . TYR A 1 28  ? 2.622   -12.267 -6.128  1.00 26.28 ? 28  TYR A N     1 
ATOM   214  C CA    . TYR A 1 28  ? 3.817   -12.267 -6.959  1.00 24.55 ? 28  TYR A CA    1 
ATOM   215  C C     . TYR A 1 28  ? 3.507   -12.757 -8.366  1.00 23.72 ? 28  TYR A C     1 
ATOM   216  O O     . TYR A 1 28  ? 2.636   -13.607 -8.572  1.00 25.53 ? 28  TYR A O     1 
ATOM   217  C CB    . TYR A 1 28  ? 4.958   -13.106 -6.343  1.00 21.47 ? 28  TYR A CB    1 
ATOM   218  C CG    . TYR A 1 28  ? 4.653   -14.576 -6.156  1.00 26.78 ? 28  TYR A CG    1 
ATOM   219  C CD1   . TYR A 1 28  ? 4.745   -15.473 -7.216  1.00 26.37 ? 28  TYR A CD1   1 
ATOM   220  C CD2   . TYR A 1 28  ? 4.318   -15.074 -4.908  1.00 29.10 ? 28  TYR A CD2   1 
ATOM   221  C CE1   . TYR A 1 28  ? 4.493   -16.826 -7.037  1.00 30.81 ? 28  TYR A CE1   1 
ATOM   222  C CE2   . TYR A 1 28  ? 4.051   -16.418 -4.722  1.00 35.12 ? 28  TYR A CE2   1 
ATOM   223  C CZ    . TYR A 1 28  ? 4.140   -17.290 -5.792  1.00 33.24 ? 28  TYR A CZ    1 
ATOM   224  O OH    . TYR A 1 28  ? 3.863   -18.629 -5.604  1.00 41.31 ? 28  TYR A OH    1 
ATOM   225  N N     . SER A 1 29  ? 4.223   -12.200 -9.335  1.00 26.71 ? 29  SER A N     1 
ATOM   226  C CA    . SER A 1 29  ? 4.171   -12.689 -10.701 1.00 30.26 ? 29  SER A CA    1 
ATOM   227  C C     . SER A 1 29  ? 5.587   -12.730 -11.253 1.00 35.30 ? 29  SER A C     1 
ATOM   228  O O     . SER A 1 29  ? 6.534   -12.273 -10.598 1.00 29.75 ? 29  SER A O     1 
ATOM   229  C CB    . SER A 1 29  ? 3.308   -11.767 -11.556 1.00 31.01 ? 29  SER A CB    1 
ATOM   230  O OG    . SER A 1 29  ? 4.029   -10.590 -11.866 1.00 35.03 ? 29  SER A OG    1 
ATOM   231  N N     . ASP A 1 30  ? 5.737   -13.246 -12.467 1.00 27.99 ? 30  ASP A N     1 
ATOM   232  C CA    . ASP A 1 30  ? 7.042   -13.246 -13.121 1.00 35.93 ? 30  ASP A CA    1 
ATOM   233  C C     . ASP A 1 30  ? 7.476   -11.850 -13.573 1.00 40.09 ? 30  ASP A C     1 
ATOM   234  O O     . ASP A 1 30  ? 8.614   -11.660 -13.994 1.00 39.21 ? 30  ASP A O     1 
ATOM   235  C CB    . ASP A 1 30  ? 7.054   -14.224 -14.301 1.00 41.33 ? 30  ASP A CB    1 
ATOM   236  C CG    . ASP A 1 30  ? 6.970   -15.677 -13.852 1.00 54.64 ? 30  ASP A CG    1 
ATOM   237  O OD1   . ASP A 1 30  ? 7.315   -15.957 -12.682 1.00 51.35 ? 30  ASP A OD1   1 
ATOM   238  O OD2   . ASP A 1 30  ? 6.562   -16.540 -14.666 1.00 59.78 ? 30  ASP A OD2   1 
ATOM   239  N N     . LYS A 1 31  ? 6.579   -10.871 -13.465 1.00 29.71 ? 31  LYS A N     1 
ATOM   240  C CA    . LYS A 1 31  ? 6.882   -9.517  -13.925 1.00 34.95 ? 31  LYS A CA    1 
ATOM   241  C C     . LYS A 1 31  ? 7.056   -8.496  -12.799 1.00 34.49 ? 31  LYS A C     1 
ATOM   242  O O     . LYS A 1 31  ? 7.791   -7.519  -12.954 1.00 30.48 ? 31  LYS A O     1 
ATOM   243  C CB    . LYS A 1 31  ? 5.807   -9.045  -14.910 1.00 45.07 ? 31  LYS A CB    1 
ATOM   244  C CG    . LYS A 1 31  ? 5.643   -9.978  -16.103 1.00 49.95 ? 31  LYS A CG    1 
ATOM   245  C CD    . LYS A 1 31  ? 6.907   -9.991  -16.956 1.00 50.14 ? 31  LYS A CD    1 
ATOM   246  C CE    . LYS A 1 31  ? 6.866   -11.091 -18.016 1.00 55.49 ? 31  LYS A CE    1 
ATOM   247  N NZ    . LYS A 1 31  ? 7.429   -12.380 -17.507 1.00 61.81 ? 31  LYS A NZ    1 
ATOM   248  N N     . ASN A 1 32  ? 6.382   -8.719  -11.673 1.00 30.11 ? 32  ASN A N     1 
ATOM   249  C CA    . ASN A 1 32  ? 6.413   -7.769  -10.562 1.00 28.06 ? 32  ASN A CA    1 
ATOM   250  C C     . ASN A 1 32  ? 5.875   -8.368  -9.263  1.00 25.81 ? 32  ASN A C     1 
ATOM   251  O O     . ASN A 1 32  ? 5.571   -9.559  -9.210  1.00 28.26 ? 32  ASN A O     1 
ATOM   252  C CB    . ASN A 1 32  ? 5.614   -6.513  -10.932 1.00 28.43 ? 32  ASN A CB    1 
ATOM   253  C CG    . ASN A 1 32  ? 4.181   -6.833  -11.323 1.00 31.93 ? 32  ASN A CG    1 
ATOM   254  O OD1   . ASN A 1 32  ? 3.583   -7.772  -10.804 1.00 34.64 ? 32  ASN A OD1   1 
ATOM   255  N ND2   . ASN A 1 32  ? 3.633   -6.063  -12.254 1.00 30.53 ? 32  ASN A ND2   1 
ATOM   256  N N     . PHE A 1 33  ? 5.792   -7.546  -8.218  1.00 25.01 ? 33  PHE A N     1 
ATOM   257  C CA    . PHE A 1 33  ? 5.217   -7.957  -6.938  1.00 21.89 ? 33  PHE A CA    1 
ATOM   258  C C     . PHE A 1 33  ? 4.188   -6.898  -6.574  1.00 24.34 ? 33  PHE A C     1 
ATOM   259  O O     . PHE A 1 33  ? 4.461   -5.696  -6.663  1.00 24.38 ? 33  PHE A O     1 
ATOM   260  C CB    . PHE A 1 33  ? 6.290   -8.028  -5.845  1.00 21.89 ? 33  PHE A CB    1 
ATOM   261  C CG    . PHE A 1 33  ? 5.824   -8.669  -4.548  1.00 20.37 ? 33  PHE A CG    1 
ATOM   262  C CD1   . PHE A 1 33  ? 5.219   -9.913  -4.543  1.00 22.64 ? 33  PHE A CD1   1 
ATOM   263  C CD2   . PHE A 1 33  ? 6.044   -8.037  -3.335  1.00 23.83 ? 33  PHE A CD2   1 
ATOM   264  C CE1   . PHE A 1 33  ? 4.805   -10.502 -3.349  1.00 25.76 ? 33  PHE A CE1   1 
ATOM   265  C CE2   . PHE A 1 33  ? 5.638   -8.611  -2.142  1.00 19.73 ? 33  PHE A CE2   1 
ATOM   266  C CZ    . PHE A 1 33  ? 5.022   -9.854  -2.148  1.00 24.00 ? 33  PHE A CZ    1 
ATOM   267  N N     . THR A 1 34  ? 3.009   -7.344  -6.171  1.00 23.71 ? 34  THR A N     1 
ATOM   268  C CA    . THR A 1 34  ? 1.923   -6.420  -5.859  1.00 22.06 ? 34  THR A CA    1 
ATOM   269  C C     . THR A 1 34  ? 1.537   -6.506  -4.388  1.00 23.18 ? 34  THR A C     1 
ATOM   270  O O     . THR A 1 34  ? 1.411   -7.597  -3.831  1.00 24.83 ? 34  THR A O     1 
ATOM   271  C CB    . THR A 1 34  ? 0.692   -6.721  -6.726  1.00 23.16 ? 34  THR A CB    1 
ATOM   272  O OG1   . THR A 1 34  ? 1.057   -6.634  -8.106  1.00 25.74 ? 34  THR A OG1   1 
ATOM   273  C CG2   . THR A 1 34  ? -0.424  -5.711  -6.431  1.00 23.17 ? 34  THR A CG2   1 
ATOM   274  N N     . LEU A 1 35  ? 1.374   -5.352  -3.750  1.00 21.51 ? 35  LEU A N     1 
ATOM   275  C CA    . LEU A 1 35  ? 0.850   -5.297  -2.396  1.00 22.86 ? 35  LEU A CA    1 
ATOM   276  C C     . LEU A 1 35  ? -0.485  -4.564  -2.425  1.00 23.03 ? 35  LEU A C     1 
ATOM   277  O O     . LEU A 1 35  ? -0.692  -3.652  -3.232  1.00 24.70 ? 35  LEU A O     1 
ATOM   278  C CB    . LEU A 1 35  ? 1.788   -4.520  -1.464  1.00 24.51 ? 35  LEU A CB    1 
ATOM   279  C CG    . LEU A 1 35  ? 3.257   -4.913  -1.354  1.00 27.14 ? 35  LEU A CG    1 
ATOM   280  C CD1   . LEU A 1 35  ? 3.973   -3.890  -0.491  1.00 29.97 ? 35  LEU A CD1   1 
ATOM   281  C CD2   . LEU A 1 35  ? 3.411   -6.318  -0.761  1.00 24.40 ? 35  LEU A CD2   1 
ATOM   282  N N     . TYR A 1 36  ? -1.392  -4.985  -1.560  1.00 21.24 ? 36  TYR A N     1 
ATOM   283  C CA    . TYR A 1 36  ? -2.588  -4.201  -1.263  1.00 22.95 ? 36  TYR A CA    1 
ATOM   284  C C     . TYR A 1 36  ? -2.478  -3.807  0.190   1.00 21.53 ? 36  TYR A C     1 
ATOM   285  O O     . TYR A 1 36  ? -2.398  -4.675  1.072   1.00 23.79 ? 36  TYR A O     1 
ATOM   286  C CB    . TYR A 1 36  ? -3.864  -5.023  -1.512  1.00 22.84 ? 36  TYR A CB    1 
ATOM   287  C CG    . TYR A 1 36  ? -4.038  -5.379  -2.967  1.00 26.01 ? 36  TYR A CG    1 
ATOM   288  C CD1   . TYR A 1 36  ? -3.291  -6.396  -3.539  1.00 27.05 ? 36  TYR A CD1   1 
ATOM   289  C CD2   . TYR A 1 36  ? -4.915  -4.667  -3.785  1.00 30.46 ? 36  TYR A CD2   1 
ATOM   290  C CE1   . TYR A 1 36  ? -3.428  -6.724  -4.877  1.00 26.98 ? 36  TYR A CE1   1 
ATOM   291  C CE2   . TYR A 1 36  ? -5.056  -4.986  -5.133  1.00 32.31 ? 36  TYR A CE2   1 
ATOM   292  C CZ    . TYR A 1 36  ? -4.297  -6.022  -5.668  1.00 33.70 ? 36  TYR A CZ    1 
ATOM   293  O OH    . TYR A 1 36  ? -4.413  -6.362  -6.996  1.00 40.39 ? 36  TYR A OH    1 
ATOM   294  N N     . VAL A 1 37  ? -2.449  -2.500  0.439   1.00 23.74 ? 37  VAL A N     1 
ATOM   295  C CA    . VAL A 1 37  ? -2.210  -1.985  1.782   1.00 23.64 ? 37  VAL A CA    1 
ATOM   296  C C     . VAL A 1 37  ? -3.273  -0.990  2.249   1.00 25.73 ? 37  VAL A C     1 
ATOM   297  O O     . VAL A 1 37  ? -3.954  -0.352  1.445   1.00 23.18 ? 37  VAL A O     1 
ATOM   298  C CB    . VAL A 1 37  ? -0.816  -1.332  1.919   1.00 23.82 ? 37  VAL A CB    1 
ATOM   299  C CG1   . VAL A 1 37  ? 0.241   -2.264  1.374   1.00 21.02 ? 37  VAL A CG1   1 
ATOM   300  C CG2   . VAL A 1 37  ? -0.776  0.005   1.184   1.00 22.32 ? 37  VAL A CG2   1 
ATOM   301  N N     . THR A 1 38  ? -3.396  -0.860  3.564   1.00 25.88 ? 38  THR A N     1 
ATOM   302  C CA    . THR A 1 38  ? -4.392  0.030   4.144   1.00 25.20 ? 38  THR A CA    1 
ATOM   303  C C     . THR A 1 38  ? -3.852  0.701   5.399   1.00 25.24 ? 38  THR A C     1 
ATOM   304  O O     . THR A 1 38  ? -2.968  0.166   6.072   1.00 24.98 ? 38  THR A O     1 
ATOM   305  C CB    . THR A 1 38  ? -5.673  -0.752  4.500   1.00 28.25 ? 38  THR A CB    1 
ATOM   306  O OG1   . THR A 1 38  ? -6.706  0.160   4.901   1.00 26.58 ? 38  THR A OG1   1 
ATOM   307  C CG2   . THR A 1 38  ? -5.393  -1.752  5.624   1.00 27.37 ? 38  THR A CG2   1 
ATOM   308  N N     . ASP A 1 39  ? -4.356  1.893   5.700   1.00 23.72 ? 39  ASP A N     1 
ATOM   309  C CA    . ASP A 1 39  ? -4.120  2.470   7.024   1.00 26.15 ? 39  ASP A CA    1 
ATOM   310  C C     . ASP A 1 39  ? -5.472  2.760   7.691   1.00 25.44 ? 39  ASP A C     1 
ATOM   311  O O     . ASP A 1 39  ? -5.572  3.520   8.660   1.00 26.39 ? 39  ASP A O     1 
ATOM   312  C CB    . ASP A 1 39  ? -3.191  3.693   6.957   1.00 28.24 ? 39  ASP A CB    1 
ATOM   313  C CG    . ASP A 1 39  ? -3.841  4.902   6.310   1.00 30.28 ? 39  ASP A CG    1 
ATOM   314  O OD1   . ASP A 1 39  ? -4.974  4.783   5.804   1.00 27.52 ? 39  ASP A OD1   1 
ATOM   315  O OD2   . ASP A 1 39  ? -3.205  5.989   6.295   1.00 26.96 ? 39  ASP A OD2   1 
ATOM   316  N N     . TYR A 1 40  ? -6.508  2.112   7.164   1.00 26.87 ? 40  TYR A N     1 
ATOM   317  C CA    . TYR A 1 40  ? -7.886  2.268   7.650   1.00 27.74 ? 40  TYR A CA    1 
ATOM   318  C C     . TYR A 1 40  ? -8.424  3.696   7.589   1.00 29.97 ? 40  TYR A C     1 
ATOM   319  O O     . TYR A 1 40  ? -9.269  4.097   8.401   1.00 35.11 ? 40  TYR A O     1 
ATOM   320  C CB    . TYR A 1 40  ? -8.055  1.647   9.031   1.00 25.82 ? 40  TYR A CB    1 
ATOM   321  C CG    . TYR A 1 40  ? -7.737  0.164   9.002   1.00 36.71 ? 40  TYR A CG    1 
ATOM   322  C CD1   . TYR A 1 40  ? -8.677  -0.758  8.557   1.00 40.67 ? 40  TYR A CD1   1 
ATOM   323  C CD2   . TYR A 1 40  ? -6.488  -0.301  9.373   1.00 36.25 ? 40  TYR A CD2   1 
ATOM   324  C CE1   . TYR A 1 40  ? -8.385  -2.110  8.509   1.00 41.68 ? 40  TYR A CE1   1 
ATOM   325  C CE2   . TYR A 1 40  ? -6.188  -1.649  9.329   1.00 42.20 ? 40  TYR A CE2   1 
ATOM   326  C CZ    . TYR A 1 40  ? -7.142  -2.546  8.898   1.00 39.55 ? 40  TYR A CZ    1 
ATOM   327  O OH    . TYR A 1 40  ? -6.847  -3.890  8.857   1.00 52.49 ? 40  TYR A OH    1 
ATOM   328  N N     . THR A 1 41  ? -7.943  4.448   6.602   1.00 29.87 ? 41  THR A N     1 
ATOM   329  C CA    . THR A 1 41  ? -8.558  5.708   6.221   1.00 26.20 ? 41  THR A CA    1 
ATOM   330  C C     . THR A 1 41  ? -9.081  5.595   4.786   1.00 32.30 ? 41  THR A C     1 
ATOM   331  O O     . THR A 1 41  ? -8.537  4.840   3.975   1.00 26.88 ? 41  THR A O     1 
ATOM   332  C CB    . THR A 1 41  ? -7.601  6.918   6.393   1.00 28.73 ? 41  THR A CB    1 
ATOM   333  O OG1   . THR A 1 41  ? -6.598  6.896   5.366   1.00 29.00 ? 41  THR A OG1   1 
ATOM   334  C CG2   . THR A 1 41  ? -6.951  6.880   7.781   1.00 29.08 ? 41  THR A CG2   1 
ATOM   335  N N     . GLU A 1 42  ? -10.146 6.331   4.486   1.00 25.88 ? 42  GLU A N     1 
ATOM   336  C CA    . GLU A 1 42  ? -10.869 6.172   3.228   1.00 26.38 ? 42  GLU A CA    1 
ATOM   337  C C     . GLU A 1 42  ? -10.367 7.133   2.173   1.00 25.21 ? 42  GLU A C     1 
ATOM   338  O O     . GLU A 1 42  ? -10.034 8.283   2.469   1.00 28.39 ? 42  GLU A O     1 
ATOM   339  C CB    . GLU A 1 42  ? -12.380 6.414   3.430   1.00 30.53 ? 42  GLU A CB    1 
ATOM   340  C CG    . GLU A 1 42  ? -13.276 6.033   2.221   1.00 28.78 ? 42  GLU A CG    1 
ATOM   341  C CD    . GLU A 1 42  ? -13.547 7.192   1.256   1.00 28.21 ? 42  GLU A CD    1 
ATOM   342  O OE1   . GLU A 1 42  ? -13.184 8.344   1.569   1.00 31.58 ? 42  GLU A OE1   1 
ATOM   343  O OE2   . GLU A 1 42  ? -14.142 6.963   0.173   1.00 28.78 ? 42  GLU A OE2   1 
ATOM   344  N N     . ASN A 1 43  ? -10.311 6.661   0.937   1.00 23.74 ? 43  ASN A N     1 
ATOM   345  C CA    . ASN A 1 43  ? -9.945  7.538   -0.167  1.00 29.65 ? 43  ASN A CA    1 
ATOM   346  C C     . ASN A 1 43  ? -10.933 7.315   -1.292  1.00 30.01 ? 43  ASN A C     1 
ATOM   347  O O     . ASN A 1 43  ? -11.212 6.172   -1.678  1.00 24.26 ? 43  ASN A O     1 
ATOM   348  C CB    . ASN A 1 43  ? -8.492  7.297   -0.606  1.00 25.31 ? 43  ASN A CB    1 
ATOM   349  C CG    . ASN A 1 43  ? -7.975  8.348   -1.603  1.00 28.01 ? 43  ASN A CG    1 
ATOM   350  O OD1   . ASN A 1 43  ? -8.605  8.621   -2.631  1.00 29.87 ? 43  ASN A OD1   1 
ATOM   351  N ND2   . ASN A 1 43  ? -6.803  8.925   -1.305  1.00 28.57 ? 43  ASN A ND2   1 
ATOM   352  N N     . GLU A 1 44  ? -11.483 8.411   -1.800  1.00 25.07 ? 44  GLU A N     1 
ATOM   353  C CA    . GLU A 1 44  ? -12.513 8.349   -2.831  1.00 27.22 ? 44  GLU A CA    1 
ATOM   354  C C     . GLU A 1 44  ? -12.037 7.678   -4.118  1.00 28.05 ? 44  GLU A C     1 
ATOM   355  O O     . GLU A 1 44  ? -12.850 7.203   -4.909  1.00 27.23 ? 44  GLU A O     1 
ATOM   356  C CB    . GLU A 1 44  ? -13.062 9.753   -3.111  1.00 33.56 ? 44  GLU A CB    1 
ATOM   357  C CG    . GLU A 1 44  ? -13.980 10.286  -2.016  1.00 34.67 ? 44  GLU A CG    1 
ATOM   358  C CD    . GLU A 1 44  ? -15.296 9.523   -1.922  1.00 39.35 ? 44  GLU A CD    1 
ATOM   359  O OE1   . GLU A 1 44  ? -16.267 9.903   -2.619  1.00 45.39 ? 44  GLU A OE1   1 
ATOM   360  O OE2   . GLU A 1 44  ? -15.362 8.535   -1.156  1.00 37.54 ? 44  GLU A OE2   1 
ATOM   361  N N     . LEU A 1 45  ? -10.722 7.601   -4.317  1.00 25.61 ? 45  LEU A N     1 
ATOM   362  C CA    . LEU A 1 45  ? -10.193 6.979   -5.531  1.00 28.60 ? 45  LEU A CA    1 
ATOM   363  C C     . LEU A 1 45  ? -9.744  5.527   -5.341  1.00 27.39 ? 45  LEU A C     1 
ATOM   364  O O     . LEU A 1 45  ? -9.216  4.921   -6.268  1.00 26.44 ? 45  LEU A O     1 
ATOM   365  C CB    . LEU A 1 45  ? -9.067  7.824   -6.132  1.00 27.97 ? 45  LEU A CB    1 
ATOM   366  C CG    . LEU A 1 45  ? -9.502  9.253   -6.494  1.00 30.35 ? 45  LEU A CG    1 
ATOM   367  C CD1   . LEU A 1 45  ? -8.285  10.091  -6.915  1.00 32.82 ? 45  LEU A CD1   1 
ATOM   368  C CD2   . LEU A 1 45  ? -10.563 9.237   -7.591  1.00 32.07 ? 45  LEU A CD2   1 
ATOM   369  N N     . PHE A 1 46  ? -9.975  4.962   -4.160  1.00 25.06 ? 46  PHE A N     1 
ATOM   370  C CA    . PHE A 1 46  ? -9.708  3.541   -3.960  1.00 25.39 ? 46  PHE A CA    1 
ATOM   371  C C     . PHE A 1 46  ? -10.886 2.717   -4.478  1.00 28.96 ? 46  PHE A C     1 
ATOM   372  O O     . PHE A 1 46  ? -12.016 3.205   -4.560  1.00 23.69 ? 46  PHE A O     1 
ATOM   373  C CB    . PHE A 1 46  ? -9.460  3.219   -2.484  1.00 23.62 ? 46  PHE A CB    1 
ATOM   374  C CG    . PHE A 1 46  ? -8.214  3.847   -1.918  1.00 23.21 ? 46  PHE A CG    1 
ATOM   375  C CD1   . PHE A 1 46  ? -7.310  4.498   -2.738  1.00 25.89 ? 46  PHE A CD1   1 
ATOM   376  C CD2   . PHE A 1 46  ? -7.964  3.802   -0.561  1.00 21.48 ? 46  PHE A CD2   1 
ATOM   377  C CE1   . PHE A 1 46  ? -6.159  5.082   -2.202  1.00 24.11 ? 46  PHE A CE1   1 
ATOM   378  C CE2   . PHE A 1 46  ? -6.819  4.369   -0.023  1.00 22.99 ? 46  PHE A CE2   1 
ATOM   379  C CZ    . PHE A 1 46  ? -5.918  5.012   -0.842  1.00 25.55 ? 46  PHE A CZ    1 
ATOM   380  N N     . PHE A 1 47  ? -10.617 1.467   -4.826  1.00 26.26 ? 47  PHE A N     1 
ATOM   381  C CA    . PHE A 1 47  ? -11.663 0.574   -5.310  1.00 26.46 ? 47  PHE A CA    1 
ATOM   382  C C     . PHE A 1 47  ? -12.569 0.190   -4.160  1.00 24.68 ? 47  PHE A C     1 
ATOM   383  O O     . PHE A 1 47  ? -12.096 -0.032  -3.044  1.00 23.32 ? 47  PHE A O     1 
ATOM   384  C CB    . PHE A 1 47  ? -11.047 -0.689  -5.900  1.00 31.45 ? 47  PHE A CB    1 
ATOM   385  C CG    . PHE A 1 47  ? -12.046 -1.567  -6.582  1.00 27.00 ? 47  PHE A CG    1 
ATOM   386  C CD1   . PHE A 1 47  ? -12.647 -2.629  -5.908  1.00 26.68 ? 47  PHE A CD1   1 
ATOM   387  C CD2   . PHE A 1 47  ? -12.431 -1.297  -7.886  1.00 27.64 ? 47  PHE A CD2   1 
ATOM   388  C CE1   . PHE A 1 47  ? -13.583 -3.428  -6.547  1.00 31.22 ? 47  PHE A CE1   1 
ATOM   389  C CE2   . PHE A 1 47  ? -13.377 -2.096  -8.528  1.00 30.90 ? 47  PHE A CE2   1 
ATOM   390  C CZ    . PHE A 1 47  ? -13.951 -3.158  -7.860  1.00 28.17 ? 47  PHE A CZ    1 
ATOM   391  N N     . PRO A 1 48  ? -13.886 0.102   -4.417  1.00 24.62 ? 48  PRO A N     1 
ATOM   392  C CA    . PRO A 1 48  ? -14.774 -0.305  -3.323  1.00 28.70 ? 48  PRO A CA    1 
ATOM   393  C C     . PRO A 1 48  ? -14.842 -1.825  -3.188  1.00 26.13 ? 48  PRO A C     1 
ATOM   394  O O     . PRO A 1 48  ? -15.585 -2.482  -3.915  1.00 24.42 ? 48  PRO A O     1 
ATOM   395  C CB    . PRO A 1 48  ? -16.134 0.298   -3.719  1.00 28.63 ? 48  PRO A CB    1 
ATOM   396  C CG    . PRO A 1 48  ? -16.086 0.422   -5.217  1.00 27.65 ? 48  PRO A CG    1 
ATOM   397  C CD    . PRO A 1 48  ? -14.614 0.625   -5.589  1.00 27.39 ? 48  PRO A CD    1 
ATOM   398  N N     . MET A 1 49  ? -14.042 -2.372  -2.271  1.00 27.10 ? 49  MET A N     1 
ATOM   399  C CA    . MET A 1 49  ? -13.950 -3.816  -2.073  1.00 26.18 ? 49  MET A CA    1 
ATOM   400  C C     . MET A 1 49  ? -15.260 -4.395  -1.538  1.00 24.80 ? 49  MET A C     1 
ATOM   401  O O     . MET A 1 49  ? -15.740 -3.976  -0.487  1.00 26.85 ? 49  MET A O     1 
ATOM   402  C CB    . MET A 1 49  ? -12.797 -4.161  -1.119  1.00 25.06 ? 49  MET A CB    1 
ATOM   403  C CG    . MET A 1 49  ? -11.407 -3.877  -1.689  1.00 24.08 ? 49  MET A CG    1 
ATOM   404  S SD    . MET A 1 49  ? -11.092 -4.832  -3.188  1.00 32.38 ? 49  MET A SD    1 
ATOM   405  C CE    . MET A 1 49  ? -10.999 -6.488  -2.505  1.00 36.85 ? 49  MET A CE    1 
ATOM   406  N N     . SER A 1 50  ? -15.823 -5.364  -2.259  1.00 24.90 ? 50  SER A N     1 
ATOM   407  C CA    . SER A 1 50  ? -17.123 -5.942  -1.902  1.00 26.91 ? 50  SER A CA    1 
ATOM   408  C C     . SER A 1 50  ? -17.035 -7.178  -1.005  1.00 26.93 ? 50  SER A C     1 
ATOM   409  O O     . SER A 1 50  ? -16.291 -8.124  -1.304  1.00 26.25 ? 50  SER A O     1 
ATOM   410  C CB    . SER A 1 50  ? -17.901 -6.318  -3.168  1.00 27.97 ? 50  SER A CB    1 
ATOM   411  O OG    . SER A 1 50  ? -19.073 -7.053  -2.823  1.00 27.97 ? 50  SER A OG    1 
ATOM   412  N N     . PRO A 1 51  ? -17.815 -7.184  0.085   1.00 26.88 ? 51  PRO A N     1 
ATOM   413  C CA    . PRO A 1 51  ? -17.941 -8.366  0.944   1.00 27.21 ? 51  PRO A CA    1 
ATOM   414  C C     . PRO A 1 51  ? -18.847 -9.444  0.348   1.00 28.30 ? 51  PRO A C     1 
ATOM   415  O O     . PRO A 1 51  ? -19.010 -10.491 0.967   1.00 28.23 ? 51  PRO A O     1 
ATOM   416  C CB    . PRO A 1 51  ? -18.589 -7.800  2.212   1.00 25.10 ? 51  PRO A CB    1 
ATOM   417  C CG    . PRO A 1 51  ? -19.431 -6.662  1.704   1.00 30.05 ? 51  PRO A CG    1 
ATOM   418  C CD    . PRO A 1 51  ? -18.654 -6.060  0.554   1.00 27.97 ? 51  PRO A CD    1 
ATOM   419  N N     . TYR A 1 52  ? -19.424 -9.201  -0.825  1.00 26.27 ? 52  TYR A N     1 
ATOM   420  C CA    . TYR A 1 52  ? -20.443 -10.106 -1.367  1.00 26.52 ? 52  TYR A CA    1 
ATOM   421  C C     . TYR A 1 52  ? -19.857 -11.044 -2.412  1.00 35.95 ? 52  TYR A C     1 
ATOM   422  O O     . TYR A 1 52  ? -20.540 -11.907 -2.953  1.00 34.48 ? 52  TYR A O     1 
ATOM   423  C CB    . TYR A 1 52  ? -21.607 -9.310  -1.958  1.00 32.44 ? 52  TYR A CB    1 
ATOM   424  C CG    . TYR A 1 52  ? -22.166 -8.286  -0.992  1.00 27.24 ? 52  TYR A CG    1 
ATOM   425  C CD1   . TYR A 1 52  ? -22.510 -8.646  0.305   1.00 24.23 ? 52  TYR A CD1   1 
ATOM   426  C CD2   . TYR A 1 52  ? -22.328 -6.956  -1.374  1.00 28.61 ? 52  TYR A CD2   1 
ATOM   427  C CE1   . TYR A 1 52  ? -23.011 -7.711  1.198   1.00 28.52 ? 52  TYR A CE1   1 
ATOM   428  C CE2   . TYR A 1 52  ? -22.838 -6.006  -0.480  1.00 28.19 ? 52  TYR A CE2   1 
ATOM   429  C CZ    . TYR A 1 52  ? -23.172 -6.397  0.803   1.00 26.63 ? 52  TYR A CZ    1 
ATOM   430  O OH    . TYR A 1 52  ? -23.673 -5.469  1.694   1.00 27.60 ? 52  TYR A OH    1 
ATOM   431  N N     . THR A 1 53  ? -18.573 -10.871 -2.693  1.00 34.13 ? 53  THR A N     1 
ATOM   432  C CA    . THR A 1 53  ? -17.910 -11.725 -3.665  1.00 41.91 ? 53  THR A CA    1 
ATOM   433  C C     . THR A 1 53  ? -17.886 -13.186 -3.214  1.00 37.96 ? 53  THR A C     1 
ATOM   434  O O     . THR A 1 53  ? -17.500 -13.504 -2.085  1.00 39.67 ? 53  THR A O     1 
ATOM   435  C CB    . THR A 1 53  ? -16.472 -11.271 -3.925  1.00 32.92 ? 53  THR A CB    1 
ATOM   436  O OG1   . THR A 1 53  ? -16.470 -9.882  -4.284  1.00 32.60 ? 53  THR A OG1   1 
ATOM   437  C CG2   . THR A 1 53  ? -15.855 -12.098 -5.060  1.00 41.78 ? 53  THR A CG2   1 
ATOM   438  N N     . SER A 1 54  ? -18.297 -14.071 -4.110  1.00 40.94 ? 54  SER A N     1 
ATOM   439  C CA    . SER A 1 54  ? -18.159 -15.501 -3.874  1.00 52.62 ? 54  SER A CA    1 
ATOM   440  C C     . SER A 1 54  ? -16.695 -15.935 -4.029  1.00 51.52 ? 54  SER A C     1 
ATOM   441  O O     . SER A 1 54  ? -16.062 -15.655 -5.053  1.00 55.00 ? 54  SER A O     1 
ATOM   442  C CB    . SER A 1 54  ? -19.033 -16.279 -4.857  1.00 55.03 ? 54  SER A CB    1 
ATOM   443  O OG    . SER A 1 54  ? -18.730 -15.915 -6.191  1.00 62.63 ? 54  SER A OG    1 
ATOM   444  N N     . SER A 1 55  ? -16.158 -16.585 -3.001  1.00 55.31 ? 55  SER A N     1 
ATOM   445  C CA    . SER A 1 55  ? -14.833 -17.225 -3.055  1.00 54.30 ? 55  SER A CA    1 
ATOM   446  C C     . SER A 1 55  ? -13.598 -16.339 -2.860  1.00 50.90 ? 55  SER A C     1 
ATOM   447  O O     . SER A 1 55  ? -12.477 -16.806 -3.079  1.00 59.42 ? 55  SER A O     1 
ATOM   448  C CB    . SER A 1 55  ? -14.655 -18.051 -4.345  1.00 58.87 ? 55  SER A CB    1 
ATOM   449  O OG    . SER A 1 55  ? -14.081 -17.278 -5.390  1.00 52.05 ? 55  SER A OG    1 
ATOM   450  N N     . SER A 1 56  ? -13.764 -15.084 -2.455  1.00 44.54 ? 56  SER A N     1 
ATOM   451  C CA    . SER A 1 56  ? -12.580 -14.257 -2.217  1.00 41.08 ? 56  SER A CA    1 
ATOM   452  C C     . SER A 1 56  ? -11.898 -14.628 -0.906  1.00 40.31 ? 56  SER A C     1 
ATOM   453  O O     . SER A 1 56  ? -12.560 -14.989 0.071   1.00 41.57 ? 56  SER A O     1 
ATOM   454  C CB    . SER A 1 56  ? -12.914 -12.765 -2.214  1.00 38.75 ? 56  SER A CB    1 
ATOM   455  O OG    . SER A 1 56  ? -11.736 -12.019 -1.948  1.00 37.30 ? 56  SER A OG    1 
ATOM   456  N N     . ARG A 1 57  ? -10.572 -14.557 -0.894  1.00 36.86 ? 57  ARG A N     1 
ATOM   457  C CA    . ARG A 1 57  ? -9.822  -14.694 0.347   1.00 34.73 ? 57  ARG A CA    1 
ATOM   458  C C     . ARG A 1 57  ? -9.746  -13.366 1.099   1.00 37.92 ? 57  ARG A C     1 
ATOM   459  O O     . ARG A 1 57  ? -9.295  -13.314 2.242   1.00 38.13 ? 57  ARG A O     1 
ATOM   460  C CB    . ARG A 1 57  ? -8.407  -15.204 0.075   1.00 38.69 ? 57  ARG A CB    1 
ATOM   461  C CG    . ARG A 1 57  ? -8.320  -16.688 -0.220  1.00 45.29 ? 57  ARG A CG    1 
ATOM   462  C CD    . ARG A 1 57  ? -6.989  -17.220 0.288   1.00 51.42 ? 57  ARG A CD    1 
ATOM   463  N NE    . ARG A 1 57  ? -6.874  -17.032 1.732   1.00 61.95 ? 57  ARG A NE    1 
ATOM   464  C CZ    . ARG A 1 57  ? -6.764  -18.023 2.612   1.00 60.36 ? 57  ARG A CZ    1 
ATOM   465  N NH1   . ARG A 1 57  ? -6.730  -19.281 2.194   1.00 62.79 ? 57  ARG A NH1   1 
ATOM   466  N NH2   . ARG A 1 57  ? -6.675  -17.752 3.909   1.00 60.57 ? 57  ARG A NH2   1 
ATOM   467  N N     . TRP A 1 58  ? -10.168 -12.288 0.450   1.00 32.54 ? 58  TRP A N     1 
ATOM   468  C CA    . TRP A 1 58  ? -10.159 -10.972 1.098   1.00 37.44 ? 58  TRP A CA    1 
ATOM   469  C C     . TRP A 1 58  ? -11.141 -10.991 2.278   1.00 35.72 ? 58  TRP A C     1 
ATOM   470  O O     . TRP A 1 58  ? -12.297 -11.415 2.138   1.00 41.89 ? 58  TRP A O     1 
ATOM   471  C CB    . TRP A 1 58  ? -10.539 -9.889  0.080   1.00 31.13 ? 58  TRP A CB    1 
ATOM   472  C CG    . TRP A 1 58  ? -10.360 -8.487  0.550   1.00 35.17 ? 58  TRP A CG    1 
ATOM   473  C CD1   . TRP A 1 58  ? -11.238 -7.761  1.302   1.00 29.65 ? 58  TRP A CD1   1 
ATOM   474  C CD2   . TRP A 1 58  ? -9.248  -7.620  0.283   1.00 30.36 ? 58  TRP A CD2   1 
ATOM   475  N NE1   . TRP A 1 58  ? -10.740 -6.500  1.525   1.00 29.87 ? 58  TRP A NE1   1 
ATOM   476  C CE2   . TRP A 1 58  ? -9.521  -6.382  0.907   1.00 30.15 ? 58  TRP A CE2   1 
ATOM   477  C CE3   . TRP A 1 58  ? -8.052  -7.762  -0.432  1.00 30.11 ? 58  TRP A CE3   1 
ATOM   478  C CZ2   . TRP A 1 58  ? -8.644  -5.300  0.855   1.00 31.53 ? 58  TRP A CZ2   1 
ATOM   479  C CZ3   . TRP A 1 58  ? -7.178  -6.680  -0.489  1.00 27.28 ? 58  TRP A CZ3   1 
ATOM   480  C CH2   . TRP A 1 58  ? -7.480  -5.467  0.153   1.00 29.30 ? 58  TRP A CH2   1 
ATOM   481  N N     . ARG A 1 59  ? -10.674 -10.561 3.443   1.00 31.64 ? 59  ARG A N     1 
ATOM   482  C CA    . ARG A 1 59  ? -11.498 -10.531 4.646   1.00 39.91 ? 59  ARG A CA    1 
ATOM   483  C C     . ARG A 1 59  ? -11.711 -9.113  5.183   1.00 38.33 ? 59  ARG A C     1 
ATOM   484  O O     . ARG A 1 59  ? -12.221 -8.930  6.288   1.00 41.67 ? 59  ARG A O     1 
ATOM   485  C CB    . ARG A 1 59  ? -10.887 -11.426 5.739   1.00 40.96 ? 59  ARG A CB    1 
ATOM   486  C CG    . ARG A 1 59  ? -10.920 -12.917 5.413   1.00 35.53 ? 59  ARG A CG    1 
ATOM   487  C CD    . ARG A 1 59  ? -12.347 -13.419 5.277   1.00 46.47 ? 59  ARG A CD    1 
ATOM   488  N NE    . ARG A 1 59  ? -12.409 -14.832 4.894   1.00 47.60 ? 59  ARG A NE    1 
ATOM   489  C CZ    . ARG A 1 59  ? -12.551 -15.262 3.644   1.00 48.88 ? 59  ARG A CZ    1 
ATOM   490  N NH1   . ARG A 1 59  ? -12.644 -14.391 2.645   1.00 44.00 ? 59  ARG A NH1   1 
ATOM   491  N NH2   . ARG A 1 59  ? -12.607 -16.561 3.395   1.00 51.93 ? 59  ARG A NH2   1 
ATOM   492  N N     . GLY A 1 60  ? -11.343 -8.111  4.391   1.00 37.76 ? 60  GLY A N     1 
ATOM   493  C CA    . GLY A 1 60  ? -11.491 -6.719  4.809   1.00 26.81 ? 60  GLY A CA    1 
ATOM   494  C C     . GLY A 1 60  ? -10.166 -5.993  4.706   1.00 34.22 ? 60  GLY A C     1 
ATOM   495  O O     . GLY A 1 60  ? -9.121  -6.649  4.516   1.00 32.66 ? 60  GLY A O     1 
ATOM   496  N N     . PRO A 1 61  ? -10.182 -4.651  4.814   1.00 31.41 ? 61  PRO A N     1 
ATOM   497  C CA    . PRO A 1 61  ? -11.386 -3.827  4.981   1.00 26.64 ? 61  PRO A CA    1 
ATOM   498  C C     . PRO A 1 61  ? -12.198 -3.744  3.697   1.00 24.34 ? 61  PRO A C     1 
ATOM   499  O O     . PRO A 1 61  ? -11.654 -3.939  2.612   1.00 25.36 ? 61  PRO A O     1 
ATOM   500  C CB    . PRO A 1 61  ? -10.827 -2.445  5.333   1.00 29.49 ? 61  PRO A CB    1 
ATOM   501  C CG    . PRO A 1 61  ? -9.454  -2.428  4.702   1.00 29.60 ? 61  PRO A CG    1 
ATOM   502  C CD    . PRO A 1 61  ? -8.949  -3.843  4.839   1.00 27.30 ? 61  PRO A CD    1 
ATOM   503  N N     . PHE A 1 62  ? -13.495 -3.471  3.834   1.00 23.04 ? 62  PHE A N     1 
ATOM   504  C CA    . PHE A 1 62  ? -14.385 -3.352  2.691   1.00 24.17 ? 62  PHE A CA    1 
ATOM   505  C C     . PHE A 1 62  ? -14.673 -1.889  2.358   1.00 23.13 ? 62  PHE A C     1 
ATOM   506  O O     . PHE A 1 62  ? -14.492 -1.001  3.191   1.00 26.38 ? 62  PHE A O     1 
ATOM   507  C CB    . PHE A 1 62  ? -15.677 -4.140  2.951   1.00 26.23 ? 62  PHE A CB    1 
ATOM   508  C CG    . PHE A 1 62  ? -15.430 -5.609  3.130   1.00 26.60 ? 62  PHE A CG    1 
ATOM   509  C CD1   . PHE A 1 62  ? -15.094 -6.395  2.040   1.00 24.96 ? 62  PHE A CD1   1 
ATOM   510  C CD2   . PHE A 1 62  ? -15.476 -6.191  4.386   1.00 31.37 ? 62  PHE A CD2   1 
ATOM   511  C CE1   . PHE A 1 62  ? -14.827 -7.768  2.196   1.00 23.50 ? 62  PHE A CE1   1 
ATOM   512  C CE2   . PHE A 1 62  ? -15.209 -7.548  4.558   1.00 29.42 ? 62  PHE A CE2   1 
ATOM   513  C CZ    . PHE A 1 62  ? -14.888 -8.334  3.468   1.00 27.48 ? 62  PHE A CZ    1 
ATOM   514  N N     . GLY A 1 63  ? -15.101 -1.642  1.126   1.00 24.86 ? 63  GLY A N     1 
ATOM   515  C CA    . GLY A 1 63  ? -15.253 -0.279  0.650   1.00 24.49 ? 63  GLY A CA    1 
ATOM   516  C C     . GLY A 1 63  ? -13.900 0.286   0.247   1.00 25.75 ? 63  GLY A C     1 
ATOM   517  O O     . GLY A 1 63  ? -12.936 -0.457  0.019   1.00 21.45 ? 63  GLY A O     1 
ATOM   518  N N     . ARG A 1 64  ? -13.818 1.607   0.211   1.00 25.06 ? 64  ARG A N     1 
ATOM   519  C CA    . ARG A 1 64  ? -12.685 2.287   -0.406  1.00 28.13 ? 64  ARG A CA    1 
ATOM   520  C C     . ARG A 1 64  ? -11.533 2.527   0.575   1.00 23.51 ? 64  ARG A C     1 
ATOM   521  O O     . ARG A 1 64  ? -11.172 3.674   0.851   1.00 22.13 ? 64  ARG A O     1 
ATOM   522  C CB    . ARG A 1 64  ? -13.155 3.605   -1.032  1.00 26.85 ? 64  ARG A CB    1 
ATOM   523  C CG    . ARG A 1 64  ? -14.292 3.503   -2.070  1.00 23.86 ? 64  ARG A CG    1 
ATOM   524  C CD    . ARG A 1 64  ? -14.501 4.876   -2.759  1.00 25.88 ? 64  ARG A CD    1 
ATOM   525  N NE    . ARG A 1 64  ? -15.703 4.938   -3.596  1.00 25.90 ? 64  ARG A NE    1 
ATOM   526  C CZ    . ARG A 1 64  ? -15.743 4.591   -4.881  1.00 29.38 ? 64  ARG A CZ    1 
ATOM   527  N NH1   . ARG A 1 64  ? -14.655 4.149   -5.491  1.00 31.11 ? 64  ARG A NH1   1 
ATOM   528  N NH2   . ARG A 1 64  ? -16.879 4.677   -5.554  1.00 27.15 ? 64  ARG A NH2   1 
ATOM   529  N N     . PHE A 1 65  ? -10.918 1.447   1.062   1.00 24.30 ? 65  PHE A N     1 
ATOM   530  C CA    . PHE A 1 65  ? -9.937  1.545   2.156   1.00 23.44 ? 65  PHE A CA    1 
ATOM   531  C C     . PHE A 1 65  ? -8.530  1.021   1.856   1.00 25.05 ? 65  PHE A C     1 
ATOM   532  O O     . PHE A 1 65  ? -7.646  1.101   2.713   1.00 26.62 ? 65  PHE A O     1 
ATOM   533  C CB    . PHE A 1 65  ? -10.474 0.854   3.422   1.00 26.53 ? 65  PHE A CB    1 
ATOM   534  C CG    . PHE A 1 65  ? -11.415 1.704   4.216   1.00 29.13 ? 65  PHE A CG    1 
ATOM   535  C CD1   . PHE A 1 65  ? -12.749 1.766   3.880   1.00 25.06 ? 65  PHE A CD1   1 
ATOM   536  C CD2   . PHE A 1 65  ? -10.957 2.464   5.283   1.00 31.56 ? 65  PHE A CD2   1 
ATOM   537  C CE1   . PHE A 1 65  ? -13.629 2.562   4.604   1.00 32.17 ? 65  PHE A CE1   1 
ATOM   538  C CE2   . PHE A 1 65  ? -11.827 3.259   6.016   1.00 31.82 ? 65  PHE A CE2   1 
ATOM   539  C CZ    . PHE A 1 65  ? -13.161 3.311   5.675   1.00 31.55 ? 65  PHE A CZ    1 
ATOM   540  N N     . SER A 1 66  ? -8.311  0.501   0.652   1.00 21.93 ? 66  SER A N     1 
ATOM   541  C CA    . SER A 1 66  ? -7.021  -0.107  0.352   1.00 23.68 ? 66  SER A CA    1 
ATOM   542  C C     . SER A 1 66  ? -6.479  0.376   -0.983  1.00 22.98 ? 66  SER A C     1 
ATOM   543  O O     . SER A 1 66  ? -7.236  0.763   -1.876  1.00 26.27 ? 66  SER A O     1 
ATOM   544  C CB    . SER A 1 66  ? -7.132  -1.637  0.357   1.00 23.13 ? 66  SER A CB    1 
ATOM   545  O OG    . SER A 1 66  ? -7.643  -2.087  1.596   1.00 26.42 ? 66  SER A OG    1 
ATOM   546  N N     . ILE A 1 67  ? -5.157  0.369   -1.114  1.00 24.54 ? 67  ILE A N     1 
ATOM   547  C CA    . ILE A 1 67  ? -4.557  0.791   -2.367  1.00 26.03 ? 67  ILE A CA    1 
ATOM   548  C C     . ILE A 1 67  ? -3.599  -0.264  -2.891  1.00 25.92 ? 67  ILE A C     1 
ATOM   549  O O     . ILE A 1 67  ? -2.860  -0.888  -2.119  1.00 24.42 ? 67  ILE A O     1 
ATOM   550  C CB    . ILE A 1 67  ? -3.808  2.123   -2.222  1.00 23.82 ? 67  ILE A CB    1 
ATOM   551  C CG1   . ILE A 1 67  ? -3.326  2.623   -3.598  1.00 23.48 ? 67  ILE A CG1   1 
ATOM   552  C CG2   . ILE A 1 67  ? -2.623  1.979   -1.236  1.00 25.30 ? 67  ILE A CG2   1 
ATOM   553  C CD1   . ILE A 1 67  ? -2.708  3.998   -3.542  1.00 25.63 ? 67  ILE A CD1   1 
ATOM   554  N N     . ARG A 1 68  ? -3.622  -0.461  -4.203  1.00 25.59 ? 68  ARG A N     1 
ATOM   555  C CA    . ARG A 1 68  ? -2.709  -1.401  -4.840  1.00 24.80 ? 68  ARG A CA    1 
ATOM   556  C C     . ARG A 1 68  ? -1.342  -0.754  -5.062  1.00 24.96 ? 68  ARG A C     1 
ATOM   557  O O     . ARG A 1 68  ? -1.245  0.398   -5.497  1.00 25.74 ? 68  ARG A O     1 
ATOM   558  C CB    . ARG A 1 68  ? -3.287  -1.904  -6.166  1.00 29.32 ? 68  ARG A CB    1 
ATOM   559  C CG    . ARG A 1 68  ? -2.340  -2.806  -6.950  1.00 28.96 ? 68  ARG A CG    1 
ATOM   560  C CD    . ARG A 1 68  ? -3.086  -3.655  -7.973  1.00 37.52 ? 68  ARG A CD    1 
ATOM   561  N NE    . ARG A 1 68  ? -3.772  -2.839  -8.957  1.00 43.19 ? 68  ARG A NE    1 
ATOM   562  C CZ    . ARG A 1 68  ? -4.995  -3.087  -9.416  1.00 43.34 ? 68  ARG A CZ    1 
ATOM   563  N NH1   . ARG A 1 68  ? -5.673  -4.145  -8.988  1.00 45.57 ? 68  ARG A NH1   1 
ATOM   564  N NH2   . ARG A 1 68  ? -5.540  -2.275  -10.308 1.00 43.43 ? 68  ARG A NH2   1 
ATOM   565  N N     . CYS A 1 69  ? -0.282  -1.503  -4.768  1.00 23.69 ? 69  CYS A N     1 
ATOM   566  C CA    . CYS A 1 69  ? 1.075   -1.006  -4.964  1.00 23.57 ? 69  CYS A CA    1 
ATOM   567  C C     . CYS A 1 69  ? 1.798   -1.976  -5.881  1.00 23.81 ? 69  CYS A C     1 
ATOM   568  O O     . CYS A 1 69  ? 1.850   -3.178  -5.594  1.00 23.93 ? 69  CYS A O     1 
ATOM   569  C CB    . CYS A 1 69  ? 1.818   -0.940  -3.629  1.00 28.21 ? 69  CYS A CB    1 
ATOM   570  S SG    . CYS A 1 69  ? 1.008   0.010   -2.339  1.00 25.71 ? 69  CYS A SG    1 
ATOM   571  N N     . ILE A 1 70  ? 2.314   -1.469  -6.997  1.00 22.42 ? 70  ILE A N     1 
ATOM   572  C CA    . ILE A 1 70  ? 3.041   -2.306  -7.946  1.00 27.21 ? 70  ILE A CA    1 
ATOM   573  C C     . ILE A 1 70  ? 4.539   -2.068  -7.761  1.00 26.56 ? 70  ILE A C     1 
ATOM   574  O O     . ILE A 1 70  ? 5.016   -0.944  -7.903  1.00 24.46 ? 70  ILE A O     1 
ATOM   575  C CB    . ILE A 1 70  ? 2.654   -1.983  -9.407  1.00 25.13 ? 70  ILE A CB    1 
ATOM   576  C CG1   . ILE A 1 70  ? 1.130   -2.036  -9.594  1.00 29.64 ? 70  ILE A CG1   1 
ATOM   577  C CG2   . ILE A 1 70  ? 3.336   -2.952  -10.357 1.00 30.32 ? 70  ILE A CG2   1 
ATOM   578  C CD1   . ILE A 1 70  ? 0.527   -3.399  -9.311  1.00 30.59 ? 70  ILE A CD1   1 
ATOM   579  N N     . LEU A 1 71  ? 5.269   -3.130  -7.431  1.00 25.75 ? 71  LEU A N     1 
ATOM   580  C CA    . LEU A 1 71  ? 6.700   -3.046  -7.192  1.00 27.71 ? 71  LEU A CA    1 
ATOM   581  C C     . LEU A 1 71  ? 7.450   -3.701  -8.347  1.00 26.61 ? 71  LEU A C     1 
ATOM   582  O O     . LEU A 1 71  ? 7.202   -4.865  -8.682  1.00 26.08 ? 71  LEU A O     1 
ATOM   583  C CB    . LEU A 1 71  ? 7.058   -3.715  -5.857  1.00 22.11 ? 71  LEU A CB    1 
ATOM   584  C CG    . LEU A 1 71  ? 6.765   -2.918  -4.571  1.00 28.83 ? 71  LEU A CG    1 
ATOM   585  C CD1   . LEU A 1 71  ? 5.282   -2.562  -4.436  1.00 22.81 ? 71  LEU A CD1   1 
ATOM   586  C CD2   . LEU A 1 71  ? 7.230   -3.682  -3.332  1.00 26.70 ? 71  LEU A CD2   1 
ATOM   587  N N     . TRP A 1 72  ? 8.374   -2.941  -8.940  1.00 28.75 ? 72  TRP A N     1 
ATOM   588  C CA    . TRP A 1 72  ? 9.163   -3.391  -10.079 1.00 26.65 ? 72  TRP A CA    1 
ATOM   589  C C     . TRP A 1 72  ? 10.633  -3.562  -9.702  1.00 25.67 ? 72  TRP A C     1 
ATOM   590  O O     . TRP A 1 72  ? 11.142  -2.901  -8.785  1.00 23.10 ? 72  TRP A O     1 
ATOM   591  C CB    . TRP A 1 72  ? 9.089   -2.344  -11.205 1.00 26.20 ? 72  TRP A CB    1 
ATOM   592  C CG    . TRP A 1 72  ? 7.721   -2.099  -11.780 1.00 28.64 ? 72  TRP A CG    1 
ATOM   593  C CD1   . TRP A 1 72  ? 6.907   -1.037  -11.525 1.00 28.49 ? 72  TRP A CD1   1 
ATOM   594  C CD2   . TRP A 1 72  ? 7.034   -2.911  -12.740 1.00 28.62 ? 72  TRP A CD2   1 
ATOM   595  N NE1   . TRP A 1 72  ? 5.738   -1.147  -12.253 1.00 30.18 ? 72  TRP A NE1   1 
ATOM   596  C CE2   . TRP A 1 72  ? 5.797   -2.286  -13.012 1.00 29.84 ? 72  TRP A CE2   1 
ATOM   597  C CE3   . TRP A 1 72  ? 7.339   -4.111  -13.391 1.00 29.36 ? 72  TRP A CE3   1 
ATOM   598  C CZ2   . TRP A 1 72  ? 4.870   -2.822  -13.899 1.00 31.67 ? 72  TRP A CZ2   1 
ATOM   599  C CZ3   . TRP A 1 72  ? 6.425   -4.638  -14.276 1.00 35.09 ? 72  TRP A CZ3   1 
ATOM   600  C CH2   . TRP A 1 72  ? 5.199   -4.000  -14.516 1.00 34.78 ? 72  TRP A CH2   1 
ATOM   601  N N     . ASP A 1 73  ? 11.316  -4.432  -10.433 1.00 24.48 ? 73  ASP A N     1 
ATOM   602  C CA    . ASP A 1 73  ? 12.775  -4.497  -10.361 1.00 30.94 ? 73  ASP A CA    1 
ATOM   603  C C     . ASP A 1 73  ? 13.268  -4.739  -8.929  1.00 25.76 ? 73  ASP A C     1 
ATOM   604  O O     . ASP A 1 73  ? 12.842  -5.703  -8.297  1.00 27.75 ? 73  ASP A O     1 
ATOM   605  C CB    . ASP A 1 73  ? 13.360  -3.216  -10.961 1.00 31.89 ? 73  ASP A CB    1 
ATOM   606  C CG    . ASP A 1 73  ? 12.865  -2.967  -12.379 1.00 31.49 ? 73  ASP A CG    1 
ATOM   607  O OD1   . ASP A 1 73  ? 12.929  -3.910  -13.199 1.00 33.39 ? 73  ASP A OD1   1 
ATOM   608  O OD2   . ASP A 1 73  ? 12.393  -1.841  -12.674 1.00 34.05 ? 73  ASP A OD2   1 
ATOM   609  N N     . GLU A 1 74  ? 14.162  -3.893  -8.416  1.00 32.41 ? 74  GLU A N     1 
ATOM   610  C CA    . GLU A 1 74  ? 14.796  -4.177  -7.113  1.00 29.32 ? 74  GLU A CA    1 
ATOM   611  C C     . GLU A 1 74  ? 13.798  -4.165  -5.950  1.00 29.40 ? 74  GLU A C     1 
ATOM   612  O O     . GLU A 1 74  ? 13.968  -4.863  -4.947  1.00 26.14 ? 74  GLU A O     1 
ATOM   613  C CB    . GLU A 1 74  ? 15.983  -3.243  -6.832  1.00 25.86 ? 74  GLU A CB    1 
ATOM   614  C CG    . GLU A 1 74  ? 15.603  -1.772  -6.565  1.00 27.84 ? 74  GLU A CG    1 
ATOM   615  C CD    . GLU A 1 74  ? 15.519  -0.940  -7.837  1.00 29.10 ? 74  GLU A CD    1 
ATOM   616  O OE1   . GLU A 1 74  ? 15.509  -1.521  -8.943  1.00 32.26 ? 74  GLU A OE1   1 
ATOM   617  O OE2   . GLU A 1 74  ? 15.469  0.302   -7.728  1.00 30.53 ? 74  GLU A OE2   1 
ATOM   618  N N     . HIS A 1 75  ? 12.738  -3.376  -6.104  1.00 25.39 ? 75  HIS A N     1 
ATOM   619  C CA    . HIS A 1 75  ? 11.639  -3.377  -5.154  1.00 25.39 ? 75  HIS A CA    1 
ATOM   620  C C     . HIS A 1 75  ? 10.936  -4.727  -5.171  1.00 22.70 ? 75  HIS A C     1 
ATOM   621  O O     . HIS A 1 75  ? 10.590  -5.272  -4.131  1.00 22.56 ? 75  HIS A O     1 
ATOM   622  C CB    . HIS A 1 75  ? 10.663  -2.249  -5.501  1.00 24.31 ? 75  HIS A CB    1 
ATOM   623  C CG    . HIS A 1 75  ? 11.352  -0.965  -5.847  1.00 24.76 ? 75  HIS A CG    1 
ATOM   624  N ND1   . HIS A 1 75  ? 11.994  -0.189  -4.901  1.00 22.66 ? 75  HIS A ND1   1 
ATOM   625  C CD2   . HIS A 1 75  ? 11.527  -0.334  -7.032  1.00 27.71 ? 75  HIS A CD2   1 
ATOM   626  C CE1   . HIS A 1 75  ? 12.514  0.877   -5.493  1.00 28.24 ? 75  HIS A CE1   1 
ATOM   627  N NE2   . HIS A 1 75  ? 12.257  0.804   -6.783  1.00 30.44 ? 75  HIS A NE2   1 
ATOM   628  N N     . ASP A 1 76  ? 10.726  -5.262  -6.363  1.00 20.49 ? 76  ASP A N     1 
ATOM   629  C CA    . ASP A 1 76  ? 10.077  -6.559  -6.518  1.00 23.08 ? 76  ASP A CA    1 
ATOM   630  C C     . ASP A 1 76  ? 10.955  -7.665  -5.916  1.00 26.60 ? 76  ASP A C     1 
ATOM   631  O O     . ASP A 1 76  ? 10.526  -8.412  -5.027  1.00 24.38 ? 76  ASP A O     1 
ATOM   632  C CB    . ASP A 1 76  ? 9.804   -6.781  -8.011  1.00 25.72 ? 76  ASP A CB    1 
ATOM   633  C CG    . ASP A 1 76  ? 9.489   -8.220  -8.367  1.00 25.15 ? 76  ASP A CG    1 
ATOM   634  O OD1   . ASP A 1 76  ? 9.150   -9.043  -7.485  1.00 28.08 ? 76  ASP A OD1   1 
ATOM   635  O OD2   . ASP A 1 76  ? 9.558   -8.537  -9.571  1.00 32.23 ? 76  ASP A OD2   1 
ATOM   636  N N     . PHE A 1 77  ? 12.195  -7.747  -6.385  1.00 21.96 ? 77  PHE A N     1 
ATOM   637  C CA    . PHE A 1 77  ? 13.129  -8.790  -5.932  1.00 26.20 ? 77  PHE A CA    1 
ATOM   638  C C     . PHE A 1 77  ? 13.342  -8.776  -4.426  1.00 23.26 ? 77  PHE A C     1 
ATOM   639  O O     . PHE A 1 77  ? 13.428  -9.831  -3.806  1.00 24.80 ? 77  PHE A O     1 
ATOM   640  C CB    . PHE A 1 77  ? 14.486  -8.618  -6.636  1.00 28.08 ? 77  PHE A CB    1 
ATOM   641  C CG    . PHE A 1 77  ? 14.378  -8.547  -8.140  1.00 32.04 ? 77  PHE A CG    1 
ATOM   642  C CD1   . PHE A 1 77  ? 13.470  -9.342  -8.818  1.00 34.77 ? 77  PHE A CD1   1 
ATOM   643  C CD2   . PHE A 1 77  ? 15.173  -7.675  -8.866  1.00 35.67 ? 77  PHE A CD2   1 
ATOM   644  C CE1   . PHE A 1 77  ? 13.364  -9.280  -10.196 1.00 40.50 ? 77  PHE A CE1   1 
ATOM   645  C CE2   . PHE A 1 77  ? 15.072  -7.599  -10.244 1.00 38.75 ? 77  PHE A CE2   1 
ATOM   646  C CZ    . PHE A 1 77  ? 14.167  -8.405  -10.912 1.00 38.16 ? 77  PHE A CZ    1 
ATOM   647  N N     . TYR A 1 78  ? 13.447  -7.583  -3.842  1.00 22.55 ? 78  TYR A N     1 
ATOM   648  C CA    . TYR A 1 78  ? 13.599  -7.451  -2.397  1.00 23.56 ? 78  TYR A CA    1 
ATOM   649  C C     . TYR A 1 78  ? 12.361  -7.884  -1.613  1.00 26.46 ? 78  TYR A C     1 
ATOM   650  O O     . TYR A 1 78  ? 12.472  -8.571  -0.601  1.00 26.21 ? 78  TYR A O     1 
ATOM   651  C CB    . TYR A 1 78  ? 13.936  -6.001  -2.028  1.00 26.89 ? 78  TYR A CB    1 
ATOM   652  C CG    . TYR A 1 78  ? 14.093  -5.764  -0.540  1.00 24.22 ? 78  TYR A CG    1 
ATOM   653  C CD1   . TYR A 1 78  ? 14.942  -6.558  0.219   1.00 26.32 ? 78  TYR A CD1   1 
ATOM   654  C CD2   . TYR A 1 78  ? 13.419  -4.737  0.101   1.00 24.42 ? 78  TYR A CD2   1 
ATOM   655  C CE1   . TYR A 1 78  ? 15.104  -6.345  1.574   1.00 22.66 ? 78  TYR A CE1   1 
ATOM   656  C CE2   . TYR A 1 78  ? 13.578  -4.510  1.467   1.00 28.04 ? 78  TYR A CE2   1 
ATOM   657  C CZ    . TYR A 1 78  ? 14.428  -5.321  2.194   1.00 28.29 ? 78  TYR A CZ    1 
ATOM   658  O OH    . TYR A 1 78  ? 14.607  -5.136  3.544   1.00 27.02 ? 78  TYR A OH    1 
ATOM   659  N N     . CYS A 1 79  ? 11.183  -7.461  -2.054  1.00 25.51 ? 79  CYS A N     1 
ATOM   660  C CA    . CYS A 1 79  ? 9.975   -7.690  -1.251  1.00 25.19 ? 79  CYS A CA    1 
ATOM   661  C C     . CYS A 1 79  ? 9.280   -9.027  -1.459  1.00 24.78 ? 79  CYS A C     1 
ATOM   662  O O     . CYS A 1 79  ? 8.572   -9.510  -0.560  1.00 23.82 ? 79  CYS A O     1 
ATOM   663  C CB    . CYS A 1 79  ? 8.974   -6.550  -1.477  1.00 25.65 ? 79  CYS A CB    1 
ATOM   664  S SG    . CYS A 1 79  ? 9.499   -4.948  -0.782  1.00 23.28 ? 79  CYS A SG    1 
ATOM   665  N N     . ARG A 1 80  ? 9.473   -9.626  -2.629  1.00 25.21 ? 80  ARG A N     1 
ATOM   666  C CA    . ARG A 1 80  ? 8.621   -10.751 -3.032  1.00 24.29 ? 80  ARG A CA    1 
ATOM   667  C C     . ARG A 1 80  ? 8.659   -11.961 -2.090  1.00 27.90 ? 80  ARG A C     1 
ATOM   668  O O     . ARG A 1 80  ? 7.649   -12.650 -1.931  1.00 24.26 ? 80  ARG A O     1 
ATOM   669  C CB    . ARG A 1 80  ? 8.857   -11.161 -4.497  1.00 26.35 ? 80  ARG A CB    1 
ATOM   670  C CG    . ARG A 1 80  ? 10.283  -11.614 -4.835  1.00 26.37 ? 80  ARG A CG    1 
ATOM   671  C CD    . ARG A 1 80  ? 10.476  -11.781 -6.356  1.00 30.46 ? 80  ARG A CD    1 
ATOM   672  N NE    . ARG A 1 80  ? 9.725   -12.908 -6.917  1.00 30.28 ? 80  ARG A NE    1 
ATOM   673  C CZ    . ARG A 1 80  ? 8.680   -12.793 -7.736  1.00 35.58 ? 80  ARG A CZ    1 
ATOM   674  N NH1   . ARG A 1 80  ? 8.240   -11.596 -8.103  1.00 27.89 ? 80  ARG A NH1   1 
ATOM   675  N NH2   . ARG A 1 80  ? 8.078   -13.880 -8.199  1.00 28.04 ? 80  ARG A NH2   1 
ATOM   676  N N     . ASN A 1 81  ? 9.800   -12.214 -1.454  1.00 23.22 ? 81  ASN A N     1 
ATOM   677  C CA    . ASN A 1 81  ? 9.888   -13.316 -0.498  1.00 26.31 ? 81  ASN A CA    1 
ATOM   678  C C     . ASN A 1 81  ? 10.101  -12.814 0.926   1.00 27.19 ? 81  ASN A C     1 
ATOM   679  O O     . ASN A 1 81  ? 10.630  -13.532 1.778   1.00 30.63 ? 81  ASN A O     1 
ATOM   680  C CB    . ASN A 1 81  ? 11.016  -14.280 -0.897  1.00 27.63 ? 81  ASN A CB    1 
ATOM   681  C CG    . ASN A 1 81  ? 10.916  -14.719 -2.344  1.00 28.39 ? 81  ASN A CG    1 
ATOM   682  O OD1   . ASN A 1 81  ? 11.708  -14.299 -3.187  1.00 26.57 ? 81  ASN A OD1   1 
ATOM   683  N ND2   . ASN A 1 81  ? 9.921   -15.552 -2.644  1.00 30.56 ? 81  ASN A ND2   1 
ATOM   684  N N     . TYR A 1 82  ? 9.669   -11.589 1.180   1.00 23.38 ? 82  TYR A N     1 
ATOM   685  C CA    . TYR A 1 82  ? 9.982   -10.904 2.432   1.00 24.55 ? 82  TYR A CA    1 
ATOM   686  C C     . TYR A 1 82  ? 8.753   -10.234 3.074   1.00 31.83 ? 82  TYR A C     1 
ATOM   687  O O     . TYR A 1 82  ? 8.411   -10.496 4.236   1.00 25.92 ? 82  TYR A O     1 
ATOM   688  C CB    . TYR A 1 82  ? 11.109  -9.896  2.161   1.00 22.89 ? 82  TYR A CB    1 
ATOM   689  C CG    . TYR A 1 82  ? 11.526  -9.064  3.346   1.00 24.04 ? 82  TYR A CG    1 
ATOM   690  C CD1   . TYR A 1 82  ? 11.918  -9.658  4.541   1.00 29.64 ? 82  TYR A CD1   1 
ATOM   691  C CD2   . TYR A 1 82  ? 11.543  -7.687  3.261   1.00 28.94 ? 82  TYR A CD2   1 
ATOM   692  C CE1   . TYR A 1 82  ? 12.312  -8.883  5.622   1.00 28.50 ? 82  TYR A CE1   1 
ATOM   693  C CE2   . TYR A 1 82  ? 11.934  -6.904  4.331   1.00 31.64 ? 82  TYR A CE2   1 
ATOM   694  C CZ    . TYR A 1 82  ? 12.316  -7.505  5.507   1.00 30.16 ? 82  TYR A CZ    1 
ATOM   695  O OH    . TYR A 1 82  ? 12.707  -6.709  6.562   1.00 33.61 ? 82  TYR A OH    1 
ATOM   696  N N     . ILE A 1 83  ? 8.079   -9.379  2.316   1.00 28.46 ? 83  ILE A N     1 
ATOM   697  C CA    . ILE A 1 83  ? 6.891   -8.719  2.837   1.00 29.81 ? 83  ILE A CA    1 
ATOM   698  C C     . ILE A 1 83  ? 5.703   -9.677  2.759   1.00 26.22 ? 83  ILE A C     1 
ATOM   699  O O     . ILE A 1 83  ? 5.392   -10.192 1.685   1.00 26.98 ? 83  ILE A O     1 
ATOM   700  C CB    . ILE A 1 83  ? 6.589   -7.416  2.078   1.00 27.02 ? 83  ILE A CB    1 
ATOM   701  C CG1   . ILE A 1 83  ? 7.813   -6.489  2.109   1.00 30.35 ? 83  ILE A CG1   1 
ATOM   702  C CG2   . ILE A 1 83  ? 5.357   -6.741  2.666   1.00 29.95 ? 83  ILE A CG2   1 
ATOM   703  C CD1   . ILE A 1 83  ? 8.116   -5.896  3.495   1.00 31.46 ? 83  ILE A CD1   1 
ATOM   704  N N     . LYS A 1 84  ? 5.053   -9.916  3.899   1.00 25.45 ? 84  LYS A N     1 
ATOM   705  C CA    . LYS A 1 84  ? 3.957   -10.883 4.001   1.00 24.65 ? 84  LYS A CA    1 
ATOM   706  C C     . LYS A 1 84  ? 2.622   -10.223 4.338   1.00 29.79 ? 84  LYS A C     1 
ATOM   707  O O     . LYS A 1 84  ? 2.589   -9.128  4.901   1.00 26.83 ? 84  LYS A O     1 
ATOM   708  C CB    . LYS A 1 84  ? 4.270   -11.896 5.105   1.00 30.79 ? 84  LYS A CB    1 
ATOM   709  C CG    . LYS A 1 84  ? 5.610   -12.579 4.945   1.00 38.43 ? 84  LYS A CG    1 
ATOM   710  C CD    . LYS A 1 84  ? 5.695   -13.292 3.606   1.00 42.84 ? 84  LYS A CD    1 
ATOM   711  C CE    . LYS A 1 84  ? 6.966   -14.135 3.512   1.00 47.00 ? 84  LYS A CE    1 
ATOM   712  N NZ    . LYS A 1 84  ? 7.316   -14.425 2.094   1.00 47.62 ? 84  LYS A NZ    1 
ATOM   713  N N     . GLU A 1 85  ? 1.525   -10.897 4.004   1.00 26.83 ? 85  GLU A N     1 
ATOM   714  C CA    . GLU A 1 85  ? 0.211   -10.443 4.448   1.00 27.45 ? 85  GLU A CA    1 
ATOM   715  C C     . GLU A 1 85  ? 0.207   -10.290 5.978   1.00 30.17 ? 85  GLU A C     1 
ATOM   716  O O     . GLU A 1 85  ? 0.649   -11.195 6.704   1.00 31.30 ? 85  GLU A O     1 
ATOM   717  C CB    . GLU A 1 85  ? -0.890  -11.401 3.953   1.00 26.03 ? 85  GLU A CB    1 
ATOM   718  C CG    . GLU A 1 85  ? -0.910  -11.491 2.430   1.00 27.28 ? 85  GLU A CG    1 
ATOM   719  C CD    . GLU A 1 85  ? -2.029  -12.331 1.848   1.00 32.63 ? 85  GLU A CD    1 
ATOM   720  O OE1   . GLU A 1 85  ? -2.715  -13.073 2.592   1.00 33.48 ? 85  GLU A OE1   1 
ATOM   721  O OE2   . GLU A 1 85  ? -2.220  -12.251 0.617   1.00 29.86 ? 85  GLU A OE2   1 
ATOM   722  N N     . GLY A 1 86  ? -0.246  -9.129  6.458   1.00 26.34 ? 86  GLY A N     1 
ATOM   723  C CA    . GLY A 1 86  ? -0.242  -8.831  7.882   1.00 28.90 ? 86  GLY A CA    1 
ATOM   724  C C     . GLY A 1 86  ? 0.903   -7.947  8.356   1.00 30.49 ? 86  GLY A C     1 
ATOM   725  O O     . GLY A 1 86  ? 0.818   -7.325  9.422   1.00 31.32 ? 86  GLY A O     1 
ATOM   726  N N     . ASP A 1 87  ? 1.982   -7.875  7.582   1.00 26.61 ? 87  ASP A N     1 
ATOM   727  C CA    . ASP A 1 87  ? 3.115   -7.038  7.988   1.00 29.74 ? 87  ASP A CA    1 
ATOM   728  C C     . ASP A 1 87  ? 2.727   -5.566  7.985   1.00 28.77 ? 87  ASP A C     1 
ATOM   729  O O     . ASP A 1 87  ? 1.834   -5.148  7.241   1.00 29.44 ? 87  ASP A O     1 
ATOM   730  C CB    . ASP A 1 87  ? 4.317   -7.225  7.053   1.00 26.41 ? 87  ASP A CB    1 
ATOM   731  C CG    . ASP A 1 87  ? 4.965   -8.600  7.182   1.00 29.79 ? 87  ASP A CG    1 
ATOM   732  O OD1   . ASP A 1 87  ? 4.716   -9.307  8.181   1.00 30.01 ? 87  ASP A OD1   1 
ATOM   733  O OD2   . ASP A 1 87  ? 5.743   -8.962  6.281   1.00 29.67 ? 87  ASP A OD2   1 
ATOM   734  N N     . TYR A 1 88  ? 3.399   -4.780  8.820   1.00 31.22 ? 88  TYR A N     1 
ATOM   735  C CA    . TYR A 1 88  ? 3.319   -3.329  8.701   1.00 33.32 ? 88  TYR A CA    1 
ATOM   736  C C     . TYR A 1 88  ? 4.527   -2.837  7.918   1.00 29.67 ? 88  TYR A C     1 
ATOM   737  O O     . TYR A 1 88  ? 5.644   -3.348  8.085   1.00 33.84 ? 88  TYR A O     1 
ATOM   738  C CB    . TYR A 1 88  ? 3.258   -2.662  10.073  1.00 26.76 ? 88  TYR A CB    1 
ATOM   739  C CG    . TYR A 1 88  ? 2.060   -3.057  10.885  1.00 33.87 ? 88  TYR A CG    1 
ATOM   740  C CD1   . TYR A 1 88  ? 2.118   -4.127  11.773  1.00 35.39 ? 88  TYR A CD1   1 
ATOM   741  C CD2   . TYR A 1 88  ? 0.855   -2.371  10.757  1.00 31.53 ? 88  TYR A CD2   1 
ATOM   742  C CE1   . TYR A 1 88  ? 1.007   -4.494  12.521  1.00 37.13 ? 88  TYR A CE1   1 
ATOM   743  C CE2   . TYR A 1 88  ? -0.251  -2.730  11.496  1.00 31.22 ? 88  TYR A CE2   1 
ATOM   744  C CZ    . TYR A 1 88  ? -0.171  -3.788  12.376  1.00 37.22 ? 88  TYR A CZ    1 
ATOM   745  O OH    . TYR A 1 88  ? -1.282  -4.134  13.110  1.00 35.93 ? 88  TYR A OH    1 
ATOM   746  N N     . VAL A 1 89  ? 4.300   -1.855  7.052   1.00 27.79 ? 89  VAL A N     1 
ATOM   747  C CA    . VAL A 1 89  ? 5.365   -1.303  6.225   1.00 25.36 ? 89  VAL A CA    1 
ATOM   748  C C     . VAL A 1 89  ? 5.382   0.217   6.291   1.00 28.49 ? 89  VAL A C     1 
ATOM   749  O O     . VAL A 1 89  ? 4.371   0.853   6.587   1.00 26.91 ? 89  VAL A O     1 
ATOM   750  C CB    . VAL A 1 89  ? 5.236   -1.737  4.739   1.00 26.39 ? 89  VAL A CB    1 
ATOM   751  C CG1   . VAL A 1 89  ? 5.489   -3.256  4.589   1.00 28.17 ? 89  VAL A CG1   1 
ATOM   752  C CG2   . VAL A 1 89  ? 3.846   -1.365  4.193   1.00 26.15 ? 89  VAL A CG2   1 
ATOM   753  N N     . VAL A 1 90  ? 6.550   0.791   6.039   1.00 26.70 ? 90  VAL A N     1 
ATOM   754  C CA    . VAL A 1 90  ? 6.642   2.223   5.802   1.00 29.10 ? 90  VAL A CA    1 
ATOM   755  C C     . VAL A 1 90  ? 7.156   2.412   4.388   1.00 28.10 ? 90  VAL A C     1 
ATOM   756  O O     . VAL A 1 90  ? 8.188   1.857   4.009   1.00 25.73 ? 90  VAL A O     1 
ATOM   757  C CB    . VAL A 1 90  ? 7.545   2.950   6.832   1.00 29.86 ? 90  VAL A CB    1 
ATOM   758  C CG1   . VAL A 1 90  ? 8.929   2.347   6.863   1.00 30.99 ? 90  VAL A CG1   1 
ATOM   759  C CG2   . VAL A 1 90  ? 7.622   4.465   6.521   1.00 27.09 ? 90  VAL A CG2   1 
ATOM   760  N N     . MET A 1 91  ? 6.404   3.173   3.600   1.00 21.36 ? 91  MET A N     1 
ATOM   761  C CA    . MET A 1 91  ? 6.752   3.384   2.207   1.00 23.38 ? 91  MET A CA    1 
ATOM   762  C C     . MET A 1 91  ? 7.113   4.855   2.002   1.00 26.72 ? 91  MET A C     1 
ATOM   763  O O     . MET A 1 91  ? 6.349   5.755   2.361   1.00 27.64 ? 91  MET A O     1 
ATOM   764  C CB    . MET A 1 91  ? 5.606   2.899   1.301   1.00 29.38 ? 91  MET A CB    1 
ATOM   765  C CG    . MET A 1 91  ? 5.287   1.406   1.552   1.00 27.79 ? 91  MET A CG    1 
ATOM   766  S SD    . MET A 1 91  ? 3.954   0.588   0.636   1.00 32.43 ? 91  MET A SD    1 
ATOM   767  C CE    . MET A 1 91  ? 4.462   1.003   -1.026  1.00 23.49 ? 91  MET A CE    1 
ATOM   768  N N     . LYS A 1 92  ? 8.288   5.101   1.444   1.00 25.35 ? 92  LYS A N     1 
ATOM   769  C CA    . LYS A 1 92  ? 8.806   6.464   1.383   1.00 28.55 ? 92  LYS A CA    1 
ATOM   770  C C     . LYS A 1 92  ? 9.045   6.925   -0.044  1.00 26.09 ? 92  LYS A C     1 
ATOM   771  O O     . LYS A 1 92  ? 9.641   6.209   -0.849  1.00 27.39 ? 92  LYS A O     1 
ATOM   772  C CB    . LYS A 1 92  ? 10.108  6.580   2.206   1.00 29.26 ? 92  LYS A CB    1 
ATOM   773  C CG    . LYS A 1 92  ? 9.900   6.401   3.704   1.00 30.83 ? 92  LYS A CG    1 
ATOM   774  C CD    . LYS A 1 92  ? 11.239  6.360   4.453   1.00 38.81 ? 92  LYS A CD    1 
ATOM   775  C CE    . LYS A 1 92  ? 11.029  6.124   5.949   1.00 39.15 ? 92  LYS A CE    1 
ATOM   776  N NZ    . LYS A 1 92  ? 12.320  5.924   6.682   1.00 43.74 ? 92  LYS A NZ    1 
ATOM   777  N N     . ASN A 1 93  ? 8.576   8.134   -0.346  1.00 29.65 ? 93  ASN A N     1 
ATOM   778  C CA    . ASN A 1 93  ? 8.792   8.742   -1.649  1.00 29.67 ? 93  ASN A CA    1 
ATOM   779  C C     . ASN A 1 93  ? 8.322   7.888   -2.828  1.00 28.42 ? 93  ASN A C     1 
ATOM   780  O O     . ASN A 1 93  ? 8.958   7.882   -3.890  1.00 30.31 ? 93  ASN A O     1 
ATOM   781  C CB    . ASN A 1 93  ? 10.266  9.126   -1.814  1.00 32.89 ? 93  ASN A CB    1 
ATOM   782  C CG    . ASN A 1 93  ? 10.724  10.102  -0.746  1.00 35.55 ? 93  ASN A CG    1 
ATOM   783  O OD1   . ASN A 1 93  ? 9.980   11.008  -0.361  1.00 33.59 ? 93  ASN A OD1   1 
ATOM   784  N ND2   . ASN A 1 93  ? 11.935  9.899   -0.236  1.00 36.87 ? 93  ASN A ND2   1 
ATOM   785  N N     . VAL A 1 94  ? 7.208   7.173   -2.648  1.00 27.52 ? 94  VAL A N     1 
ATOM   786  C CA    . VAL A 1 94  ? 6.658   6.374   -3.738  1.00 24.49 ? 94  VAL A CA    1 
ATOM   787  C C     . VAL A 1 94  ? 5.795   7.255   -4.640  1.00 30.93 ? 94  VAL A C     1 
ATOM   788  O O     . VAL A 1 94  ? 5.416   8.370   -4.265  1.00 28.25 ? 94  VAL A O     1 
ATOM   789  C CB    . VAL A 1 94  ? 5.860   5.135   -3.237  1.00 25.37 ? 94  VAL A CB    1 
ATOM   790  C CG1   . VAL A 1 94  ? 6.733   4.290   -2.324  1.00 30.43 ? 94  VAL A CG1   1 
ATOM   791  C CG2   . VAL A 1 94  ? 4.585   5.572   -2.521  1.00 28.60 ? 94  VAL A CG2   1 
ATOM   792  N N     . ARG A 1 95  ? 5.504   6.756   -5.835  1.00 28.88 ? 95  ARG A N     1 
ATOM   793  C CA    . ARG A 1 95  ? 4.824   7.537   -6.855  1.00 29.30 ? 95  ARG A CA    1 
ATOM   794  C C     . ARG A 1 95  ? 3.366   7.106   -6.929  1.00 28.72 ? 95  ARG A C     1 
ATOM   795  O O     . ARG A 1 95  ? 3.066   5.915   -6.835  1.00 28.38 ? 95  ARG A O     1 
ATOM   796  C CB    . ARG A 1 95  ? 5.506   7.267   -8.201  1.00 31.66 ? 95  ARG A CB    1 
ATOM   797  C CG    . ARG A 1 95  ? 4.908   7.982   -9.377  1.00 40.62 ? 95  ARG A CG    1 
ATOM   798  C CD    . ARG A 1 95  ? 5.341   9.434   -9.396  1.00 44.34 ? 95  ARG A CD    1 
ATOM   799  N NE    . ARG A 1 95  ? 4.507   10.219  -10.298 1.00 48.87 ? 95  ARG A NE    1 
ATOM   800  C CZ    . ARG A 1 95  ? 4.492   11.547  -10.330 1.00 43.03 ? 95  ARG A CZ    1 
ATOM   801  N NH1   . ARG A 1 95  ? 5.271   12.243  -9.508  1.00 40.43 ? 95  ARG A NH1   1 
ATOM   802  N NH2   . ARG A 1 95  ? 3.694   12.174  -11.183 1.00 34.84 ? 95  ARG A NH2   1 
ATOM   803  N N     . THR A 1 96  ? 2.445   8.053   -7.095  1.00 23.68 ? 96  THR A N     1 
ATOM   804  C CA    . THR A 1 96  ? 1.062   7.651   -7.322  1.00 28.97 ? 96  THR A CA    1 
ATOM   805  C C     . THR A 1 96  ? 0.625   7.914   -8.766  1.00 31.26 ? 96  THR A C     1 
ATOM   806  O O     . THR A 1 96  ? 1.158   8.801   -9.446  1.00 26.99 ? 96  THR A O     1 
ATOM   807  C CB    . THR A 1 96  ? 0.082   8.330   -6.351  1.00 28.42 ? 96  THR A CB    1 
ATOM   808  O OG1   . THR A 1 96  ? 0.089   9.743   -6.587  1.00 28.11 ? 96  THR A OG1   1 
ATOM   809  C CG2   . THR A 1 96  ? 0.459   8.036   -4.899  1.00 27.31 ? 96  THR A CG2   1 
ATOM   810  N N     . LYS A 1 97  ? -0.349  7.135   -9.225  1.00 27.23 ? 97  LYS A N     1 
ATOM   811  C CA    . LYS A 1 97  ? -0.944  7.353   -10.532 1.00 26.82 ? 97  LYS A CA    1 
ATOM   812  C C     . LYS A 1 97  ? -2.399  6.908   -10.509 1.00 30.72 ? 97  LYS A C     1 
ATOM   813  O O     . LYS A 1 97  ? -2.889  6.394   -9.493  1.00 25.70 ? 97  LYS A O     1 
ATOM   814  C CB    . LYS A 1 97  ? -0.169  6.626   -11.635 1.00 27.76 ? 97  LYS A CB    1 
ATOM   815  C CG    . LYS A 1 97  ? -0.136  5.104   -11.484 1.00 34.66 ? 97  LYS A CG    1 
ATOM   816  C CD    . LYS A 1 97  ? 0.570   4.442   -12.667 1.00 42.14 ? 97  LYS A CD    1 
ATOM   817  C CE    . LYS A 1 97  ? -0.388  4.228   -13.825 1.00 39.30 ? 97  LYS A CE    1 
ATOM   818  N NZ    . LYS A 1 97  ? 0.296   3.709   -15.039 1.00 49.32 ? 97  LYS A NZ    1 
ATOM   819  N N     . ILE A 1 98  ? -3.085  7.120   -11.629 1.00 32.42 ? 98  ILE A N     1 
ATOM   820  C CA    . ILE A 1 98  ? -4.465  6.683   -11.796 1.00 34.27 ? 98  ILE A CA    1 
ATOM   821  C C     . ILE A 1 98  ? -4.487  5.617   -12.880 1.00 39.00 ? 98  ILE A C     1 
ATOM   822  O O     . ILE A 1 98  ? -3.864  5.799   -13.926 1.00 42.13 ? 98  ILE A O     1 
ATOM   823  C CB    . ILE A 1 98  ? -5.360  7.862   -12.222 1.00 35.93 ? 98  ILE A CB    1 
ATOM   824  C CG1   . ILE A 1 98  ? -5.620  8.782   -11.038 1.00 42.25 ? 98  ILE A CG1   1 
ATOM   825  C CG2   . ILE A 1 98  ? -6.689  7.366   -12.738 1.00 41.36 ? 98  ILE A CG2   1 
ATOM   826  C CD1   . ILE A 1 98  ? -6.665  8.234   -10.102 1.00 42.37 ? 98  ILE A CD1   1 
ATOM   827  N N     . ASP A 1 99  ? -5.172  4.498   -12.642 1.00 32.19 ? 99  ASP A N     1 
ATOM   828  C CA    . ASP A 1 99  ? -5.201  3.449   -13.659 1.00 37.82 ? 99  ASP A CA    1 
ATOM   829  C C     . ASP A 1 99  ? -6.245  3.756   -14.734 1.00 33.62 ? 99  ASP A C     1 
ATOM   830  O O     . ASP A 1 99  ? -6.812  4.847   -14.757 1.00 36.70 ? 99  ASP A O     1 
ATOM   831  C CB    . ASP A 1 99  ? -5.337  2.035   -13.066 1.00 30.63 ? 99  ASP A CB    1 
ATOM   832  C CG    . ASP A 1 99  ? -6.690  1.781   -12.403 1.00 35.07 ? 99  ASP A CG    1 
ATOM   833  O OD1   . ASP A 1 99  ? -7.650  2.551   -12.627 1.00 30.47 ? 99  ASP A OD1   1 
ATOM   834  O OD2   . ASP A 1 99  ? -6.796  0.790   -11.655 1.00 30.38 ? 99  ASP A OD2   1 
ATOM   835  N N     . HIS A 1 100 ? -6.475  2.812   -15.638 1.00 39.79 ? 100 HIS A N     1 
ATOM   836  C CA    . HIS A 1 100 ? -7.329  3.077   -16.794 1.00 42.54 ? 100 HIS A CA    1 
ATOM   837  C C     . HIS A 1 100 ? -8.805  3.172   -16.420 1.00 45.07 ? 100 HIS A C     1 
ATOM   838  O O     . HIS A 1 100 ? -9.619  3.669   -17.196 1.00 46.58 ? 100 HIS A O     1 
ATOM   839  C CB    . HIS A 1 100 ? -7.087  2.042   -17.896 1.00 50.32 ? 100 HIS A CB    1 
ATOM   840  C CG    . HIS A 1 100 ? -5.739  2.168   -18.543 1.00 59.96 ? 100 HIS A CG    1 
ATOM   841  N ND1   . HIS A 1 100 ? -4.562  2.112   -17.826 1.00 57.83 ? 100 HIS A ND1   1 
ATOM   842  C CD2   . HIS A 1 100 ? -5.382  2.374   -19.833 1.00 56.82 ? 100 HIS A CD2   1 
ATOM   843  C CE1   . HIS A 1 100 ? -3.539  2.267   -18.648 1.00 61.11 ? 100 HIS A CE1   1 
ATOM   844  N NE2   . HIS A 1 100 ? -4.010  2.427   -19.872 1.00 64.05 ? 100 HIS A NE2   1 
ATOM   845  N N     . LEU A 1 101 ? -9.140  2.713   -15.218 1.00 39.20 ? 101 LEU A N     1 
ATOM   846  C CA    . LEU A 1 101 ? -10.514 2.783   -14.734 1.00 37.44 ? 101 LEU A CA    1 
ATOM   847  C C     . LEU A 1 101 ? -10.718 3.926   -13.747 1.00 39.30 ? 101 LEU A C     1 
ATOM   848  O O     . LEU A 1 101 ? -11.802 4.082   -13.189 1.00 38.20 ? 101 LEU A O     1 
ATOM   849  C CB    . LEU A 1 101 ? -10.924 1.466   -14.090 1.00 41.18 ? 101 LEU A CB    1 
ATOM   850  C CG    . LEU A 1 101 ? -11.104 0.299   -15.059 1.00 43.45 ? 101 LEU A CG    1 
ATOM   851  C CD1   . LEU A 1 101 ? -11.516 -0.964  -14.304 1.00 44.87 ? 101 LEU A CD1   1 
ATOM   852  C CD2   . LEU A 1 101 ? -12.141 0.671   -16.116 1.00 47.78 ? 101 LEU A CD2   1 
ATOM   853  N N     . GLY A 1 102 ? -9.665  4.708   -13.521 1.00 38.62 ? 102 GLY A N     1 
ATOM   854  C CA    . GLY A 1 102 ? -9.752  5.880   -12.668 1.00 35.74 ? 102 GLY A CA    1 
ATOM   855  C C     . GLY A 1 102 ? -9.348  5.695   -11.209 1.00 34.10 ? 102 GLY A C     1 
ATOM   856  O O     . GLY A 1 102 ? -9.515  6.614   -10.402 1.00 34.15 ? 102 GLY A O     1 
ATOM   857  N N     . TYR A 1 103 ? -8.807  4.527   -10.862 1.00 31.08 ? 103 TYR A N     1 
ATOM   858  C CA    . TYR A 1 103 ? -8.457  4.252   -9.468  1.00 24.60 ? 103 TYR A CA    1 
ATOM   859  C C     . TYR A 1 103 ? -7.012  4.606   -9.126  1.00 24.92 ? 103 TYR A C     1 
ATOM   860  O O     . TYR A 1 103 ? -6.102  4.361   -9.914  1.00 26.17 ? 103 TYR A O     1 
ATOM   861  C CB    . TYR A 1 103 ? -8.713  2.782   -9.111  1.00 22.99 ? 103 TYR A CB    1 
ATOM   862  C CG    . TYR A 1 103 ? -10.151 2.357   -9.297  1.00 31.40 ? 103 TYR A CG    1 
ATOM   863  C CD1   . TYR A 1 103 ? -11.138 2.726   -8.380  1.00 26.03 ? 103 TYR A CD1   1 
ATOM   864  C CD2   . TYR A 1 103 ? -10.529 1.594   -10.391 1.00 33.28 ? 103 TYR A CD2   1 
ATOM   865  C CE1   . TYR A 1 103 ? -12.471 2.335   -8.563  1.00 26.96 ? 103 TYR A CE1   1 
ATOM   866  C CE2   . TYR A 1 103 ? -11.850 1.204   -10.576 1.00 32.44 ? 103 TYR A CE2   1 
ATOM   867  C CZ    . TYR A 1 103 ? -12.812 1.578   -9.666  1.00 34.36 ? 103 TYR A CZ    1 
ATOM   868  O OH    . TYR A 1 103 ? -14.126 1.174   -9.862  1.00 33.64 ? 103 TYR A OH    1 
ATOM   869  N N     . LEU A 1 104 ? -6.811  5.128   -7.923  1.00 24.68 ? 104 LEU A N     1 
ATOM   870  C CA    . LEU A 1 104 ? -5.465  5.429   -7.438  1.00 22.26 ? 104 LEU A CA    1 
ATOM   871  C C     . LEU A 1 104 ? -4.628  4.166   -7.298  1.00 28.81 ? 104 LEU A C     1 
ATOM   872  O O     . LEU A 1 104 ? -5.115  3.113   -6.884  1.00 30.65 ? 104 LEU A O     1 
ATOM   873  C CB    . LEU A 1 104 ? -5.531  6.125   -6.084  1.00 28.82 ? 104 LEU A CB    1 
ATOM   874  C CG    . LEU A 1 104 ? -5.110  7.578   -5.931  1.00 32.02 ? 104 LEU A CG    1 
ATOM   875  C CD1   . LEU A 1 104 ? -5.308  8.001   -4.477  1.00 27.77 ? 104 LEU A CD1   1 
ATOM   876  C CD2   . LEU A 1 104 ? -3.671  7.783   -6.370  1.00 31.03 ? 104 LEU A CD2   1 
ATOM   877  N N     . GLU A 1 105 ? -3.348  4.288   -7.629  1.00 23.71 ? 105 GLU A N     1 
ATOM   878  C CA    . GLU A 1 105 ? -2.428  3.171   -7.553  1.00 28.02 ? 105 GLU A CA    1 
ATOM   879  C C     . GLU A 1 105 ? -1.083  3.748   -7.153  1.00 23.48 ? 105 GLU A C     1 
ATOM   880  O O     . GLU A 1 105 ? -0.775  4.904   -7.444  1.00 23.78 ? 105 GLU A O     1 
ATOM   881  C CB    . GLU A 1 105 ? -2.307  2.542   -8.943  1.00 32.94 ? 105 GLU A CB    1 
ATOM   882  C CG    . GLU A 1 105 ? -1.909  1.106   -8.991  1.00 36.47 ? 105 GLU A CG    1 
ATOM   883  C CD    . GLU A 1 105 ? -2.111  0.545   -10.382 1.00 35.85 ? 105 GLU A CD    1 
ATOM   884  O OE1   . GLU A 1 105 ? -1.845  1.282   -11.363 1.00 39.53 ? 105 GLU A OE1   1 
ATOM   885  O OE2   . GLU A 1 105 ? -2.542  -0.616  -10.491 1.00 44.95 ? 105 GLU A OE2   1 
ATOM   886  N N     . CYS A 1 106 ? -0.285  2.940   -6.484  1.00 26.28 ? 106 CYS A N     1 
ATOM   887  C CA    A CYS A 1 106 ? 1.039   3.356   -6.067  0.67 26.78 ? 106 CYS A CA    1 
ATOM   888  C CA    B CYS A 1 106 ? 1.056   3.342   -6.073  0.33 26.80 ? 106 CYS A CA    1 
ATOM   889  C C     . CYS A 1 106 ? 2.065   2.493   -6.815  1.00 25.36 ? 106 CYS A C     1 
ATOM   890  O O     . CYS A 1 106 ? 1.885   1.281   -6.935  1.00 25.65 ? 106 CYS A O     1 
ATOM   891  C CB    A CYS A 1 106 ? 1.123   3.191   -4.542  0.67 30.34 ? 106 CYS A CB    1 
ATOM   892  C CB    B CYS A 1 106 ? 1.253   3.150   -4.569  0.33 30.17 ? 106 CYS A CB    1 
ATOM   893  S SG    A CYS A 1 106 ? 2.726   3.142   -3.806  0.67 33.55 ? 106 CYS A SG    1 
ATOM   894  S SG    B CYS A 1 106 ? 0.894   4.603   -3.581  0.33 29.35 ? 106 CYS A SG    1 
ATOM   895  N N     . ILE A 1 107 ? 3.126   3.127   -7.322  1.00 27.63 ? 107 ILE A N     1 
ATOM   896  C CA    . ILE A 1 107 ? 4.135   2.435   -8.135  1.00 27.61 ? 107 ILE A CA    1 
ATOM   897  C C     . ILE A 1 107 ? 5.560   2.685   -7.643  1.00 26.90 ? 107 ILE A C     1 
ATOM   898  O O     . ILE A 1 107 ? 5.931   3.812   -7.301  1.00 28.74 ? 107 ILE A O     1 
ATOM   899  C CB    . ILE A 1 107 ? 4.089   2.897   -9.627  1.00 29.56 ? 107 ILE A CB    1 
ATOM   900  C CG1   . ILE A 1 107 ? 2.650   2.971   -10.153 1.00 32.95 ? 107 ILE A CG1   1 
ATOM   901  C CG2   . ILE A 1 107 ? 4.994   2.013   -10.504 1.00 31.38 ? 107 ILE A CG2   1 
ATOM   902  C CD1   . ILE A 1 107 ? 2.019   1.634   -10.495 1.00 27.79 ? 107 ILE A CD1   1 
ATOM   903  N N     . LEU A 1 108 ? 6.350   1.618   -7.602  1.00 24.90 ? 108 LEU A N     1 
ATOM   904  C CA    . LEU A 1 108 ? 7.779   1.719   -7.338  1.00 27.38 ? 108 LEU A CA    1 
ATOM   905  C C     . LEU A 1 108 ? 8.516   1.188   -8.557  1.00 26.58 ? 108 LEU A C     1 
ATOM   906  O O     . LEU A 1 108 ? 8.652   -0.027  -8.733  1.00 26.28 ? 108 LEU A O     1 
ATOM   907  C CB    . LEU A 1 108 ? 8.168   0.941   -6.072  1.00 32.90 ? 108 LEU A CB    1 
ATOM   908  C CG    . LEU A 1 108 ? 7.677   1.538   -4.741  1.00 29.59 ? 108 LEU A CG    1 
ATOM   909  C CD1   . LEU A 1 108 ? 6.192   1.283   -4.527  1.00 26.20 ? 108 LEU A CD1   1 
ATOM   910  C CD2   . LEU A 1 108 ? 8.463   1.012   -3.554  1.00 28.67 ? 108 LEU A CD2   1 
ATOM   911  N N     . HIS A 1 109 ? 8.950   2.109   -9.420  1.00 26.28 ? 109 HIS A N     1 
ATOM   912  C CA    . HIS A 1 109 ? 9.739   1.786   -10.608 1.00 29.43 ? 109 HIS A CA    1 
ATOM   913  C C     . HIS A 1 109 ? 11.195  1.531   -10.210 1.00 26.16 ? 109 HIS A C     1 
ATOM   914  O O     . HIS A 1 109 ? 11.683  2.102   -9.231  1.00 27.50 ? 109 HIS A O     1 
ATOM   915  C CB    . HIS A 1 109 ? 9.705   2.955   -11.612 1.00 28.39 ? 109 HIS A CB    1 
ATOM   916  C CG    . HIS A 1 109 ? 8.392   3.123   -12.316 1.00 33.36 ? 109 HIS A CG    1 
ATOM   917  N ND1   . HIS A 1 109 ? 7.942   2.242   -13.277 1.00 27.92 ? 109 HIS A ND1   1 
ATOM   918  C CD2   . HIS A 1 109 ? 7.445   4.087   -12.220 1.00 32.83 ? 109 HIS A CD2   1 
ATOM   919  C CE1   . HIS A 1 109 ? 6.773   2.648   -13.734 1.00 34.12 ? 109 HIS A CE1   1 
ATOM   920  N NE2   . HIS A 1 109 ? 6.446   3.764   -13.106 1.00 33.81 ? 109 HIS A NE2   1 
ATOM   921  N N     . GLY A 1 110 ? 11.892  0.680   -10.954 1.00 27.79 ? 110 GLY A N     1 
ATOM   922  C CA    . GLY A 1 110 ? 13.323  0.514   -10.729 1.00 30.56 ? 110 GLY A CA    1 
ATOM   923  C C     . GLY A 1 110 ? 14.001  1.881   -10.705 1.00 38.64 ? 110 GLY A C     1 
ATOM   924  O O     . GLY A 1 110 ? 13.566  2.792   -11.406 1.00 32.49 ? 110 GLY A O     1 
ATOM   925  N N     . ASP A 1 111 ? 15.044  2.033   -9.886  1.00 32.78 ? 111 ASP A N     1 
ATOM   926  C CA    . ASP A 1 111 ? 15.732  3.313   -9.740  1.00 35.61 ? 111 ASP A CA    1 
ATOM   927  C C     . ASP A 1 111 ? 17.176  3.048   -9.338  1.00 38.47 ? 111 ASP A C     1 
ATOM   928  O O     . ASP A 1 111 ? 17.602  3.393   -8.224  1.00 34.47 ? 111 ASP A O     1 
ATOM   929  C CB    . ASP A 1 111 ? 15.028  4.209   -8.707  1.00 32.65 ? 111 ASP A CB    1 
ATOM   930  C CG    . ASP A 1 111 ? 15.698  5.566   -8.542  1.00 39.52 ? 111 ASP A CG    1 
ATOM   931  O OD1   . ASP A 1 111 ? 16.466  5.967   -9.432  1.00 38.16 ? 111 ASP A OD1   1 
ATOM   932  O OD2   . ASP A 1 111 ? 15.455  6.239   -7.512  1.00 39.98 ? 111 ASP A OD2   1 
ATOM   933  N N     . SER A 1 112 ? 17.905  2.404   -10.246 1.00 34.62 ? 112 SER A N     1 
ATOM   934  C CA    . SER A 1 112 ? 19.335  2.132   -10.075 1.00 42.56 ? 112 SER A CA    1 
ATOM   935  C C     . SER A 1 112 ? 20.092  3.398   -9.706  1.00 48.00 ? 112 SER A C     1 
ATOM   936  O O     . SER A 1 112 ? 20.976  3.382   -8.843  1.00 47.26 ? 112 SER A O     1 
ATOM   937  C CB    . SER A 1 112 ? 19.918  1.567   -11.376 1.00 38.78 ? 112 SER A CB    1 
ATOM   938  O OG    . SER A 1 112 ? 19.381  0.288   -11.669 1.00 56.92 ? 112 SER A OG    1 
ATOM   939  N N     . ALA A 1 113 ? 19.723  4.493   -10.367 1.00 48.22 ? 113 ALA A N     1 
ATOM   940  C CA    . ALA A 1 113 ? 20.408  5.779   -10.228 1.00 44.69 ? 113 ALA A CA    1 
ATOM   941  C C     . ALA A 1 113 ? 20.122  6.487   -8.909  1.00 46.03 ? 113 ALA A C     1 
ATOM   942  O O     . ALA A 1 113 ? 20.582  7.613   -8.697  1.00 50.95 ? 113 ALA A O     1 
ATOM   943  C CB    . ALA A 1 113 ? 20.046  6.693   -11.397 1.00 49.82 ? 113 ALA A CB    1 
ATOM   944  N N     . LYS A 1 114 ? 19.370  5.835   -8.027  1.00 35.82 ? 114 LYS A N     1 
ATOM   945  C CA    . LYS A 1 114 ? 19.083  6.395   -6.707  1.00 41.64 ? 114 LYS A CA    1 
ATOM   946  C C     . LYS A 1 114 ? 18.740  7.883   -6.770  1.00 48.09 ? 114 LYS A C     1 
ATOM   947  O O     . LYS A 1 114 ? 19.283  8.698   -6.020  1.00 50.40 ? 114 LYS A O     1 
ATOM   948  C CB    . LYS A 1 114 ? 20.260  6.148   -5.757  1.00 48.25 ? 114 LYS A CB    1 
ATOM   949  C CG    . LYS A 1 114 ? 20.320  4.712   -5.253  1.00 54.05 ? 114 LYS A CG    1 
ATOM   950  C CD    . LYS A 1 114 ? 21.668  4.381   -4.628  1.00 58.51 ? 114 LYS A CD    1 
ATOM   951  C CE    . LYS A 1 114 ? 21.658  2.970   -4.053  1.00 55.75 ? 114 LYS A CE    1 
ATOM   952  N NZ    . LYS A 1 114 ? 22.790  2.736   -3.116  1.00 54.75 ? 114 LYS A NZ    1 
ATOM   953  N N     . ARG A 1 115 ? 17.835  8.231   -7.672  1.00 44.96 ? 115 ARG A N     1 
ATOM   954  C CA    . ARG A 1 115 ? 17.403  9.614   -7.801  1.00 45.85 ? 115 ARG A CA    1 
ATOM   955  C C     . ARG A 1 115 ? 16.364  9.991   -6.750  1.00 51.50 ? 115 ARG A C     1 
ATOM   956  O O     . ARG A 1 115 ? 16.335  11.135  -6.283  1.00 45.36 ? 115 ARG A O     1 
ATOM   957  C CB    . ARG A 1 115 ? 16.836  9.873   -9.203  1.00 42.79 ? 115 ARG A CB    1 
ATOM   958  C CG    . ARG A 1 115 ? 16.254  11.267  -9.345  1.00 56.25 ? 115 ARG A CG    1 
ATOM   959  C CD    . ARG A 1 115 ? 16.159  11.731  -10.786 1.00 61.22 ? 115 ARG A CD    1 
ATOM   960  N NE    . ARG A 1 115 ? 16.207  13.192  -10.838 1.00 67.75 ? 115 ARG A NE    1 
ATOM   961  C CZ    . ARG A 1 115 ? 15.930  13.926  -11.912 1.00 64.65 ? 115 ARG A CZ    1 
ATOM   962  N NH1   . ARG A 1 115 ? 15.567  13.346  -13.050 1.00 63.29 ? 115 ARG A NH1   1 
ATOM   963  N NH2   . ARG A 1 115 ? 16.011  15.247  -11.841 1.00 52.64 ? 115 ARG A NH2   1 
ATOM   964  N N     . TYR A 1 116 ? 15.518  9.037   -6.362  1.00 45.72 ? 116 TYR A N     1 
ATOM   965  C CA    . TYR A 1 116 ? 14.341  9.388   -5.561  1.00 41.65 ? 116 TYR A CA    1 
ATOM   966  C C     . TYR A 1 116 ? 14.352  8.973   -4.093  1.00 40.02 ? 116 TYR A C     1 
ATOM   967  O O     . TYR A 1 116 ? 13.452  9.357   -3.345  1.00 37.78 ? 116 TYR A O     1 
ATOM   968  C CB    . TYR A 1 116 ? 13.068  8.885   -6.234  1.00 36.76 ? 116 TYR A CB    1 
ATOM   969  C CG    . TYR A 1 116 ? 12.886  9.435   -7.623  1.00 44.21 ? 116 TYR A CG    1 
ATOM   970  C CD1   . TYR A 1 116 ? 12.672  10.794  -7.831  1.00 46.11 ? 116 TYR A CD1   1 
ATOM   971  C CD2   . TYR A 1 116 ? 12.928  8.601   -8.728  1.00 44.22 ? 116 TYR A CD2   1 
ATOM   972  C CE1   . TYR A 1 116 ? 12.509  11.301  -9.106  1.00 51.20 ? 116 TYR A CE1   1 
ATOM   973  C CE2   . TYR A 1 116 ? 12.764  9.096   -10.002 1.00 49.48 ? 116 TYR A CE2   1 
ATOM   974  C CZ    . TYR A 1 116 ? 12.556  10.443  -10.190 1.00 57.82 ? 116 TYR A CZ    1 
ATOM   975  O OH    . TYR A 1 116 ? 12.389  10.929  -11.471 1.00 66.16 ? 116 TYR A OH    1 
ATOM   976  N N     . ASN A 1 117 ? 15.353  8.205   -3.674  1.00 36.14 ? 117 ASN A N     1 
ATOM   977  C CA    . ASN A 1 117 ? 15.412  7.775   -2.279  1.00 37.37 ? 117 ASN A CA    1 
ATOM   978  C C     . ASN A 1 117 ? 14.098  7.083   -1.905  1.00 31.07 ? 117 ASN A C     1 
ATOM   979  O O     . ASN A 1 117 ? 13.537  7.305   -0.831  1.00 33.91 ? 117 ASN A O     1 
ATOM   980  C CB    . ASN A 1 117 ? 15.663  8.974   -1.356  1.00 44.41 ? 117 ASN A CB    1 
ATOM   981  C CG    . ASN A 1 117 ? 16.032  8.555   0.059   1.00 48.34 ? 117 ASN A CG    1 
ATOM   982  O OD1   . ASN A 1 117 ? 16.455  7.421   0.293   1.00 55.34 ? 117 ASN A OD1   1 
ATOM   983  N ND2   . ASN A 1 117 ? 15.876  9.469   1.009   1.00 54.50 ? 117 ASN A ND2   1 
ATOM   984  N N     . MET A 1 118 ? 13.616  6.257   -2.825  1.00 33.23 ? 118 MET A N     1 
ATOM   985  C CA    . MET A 1 118 ? 12.385  5.504   -2.664  1.00 34.46 ? 118 MET A CA    1 
ATOM   986  C C     . MET A 1 118 ? 12.725  4.253   -1.860  1.00 33.04 ? 118 MET A C     1 
ATOM   987  O O     . MET A 1 118 ? 13.803  3.676   -2.041  1.00 33.56 ? 118 MET A O     1 
ATOM   988  C CB    . MET A 1 118 ? 11.879  5.125   -4.057  1.00 38.82 ? 118 MET A CB    1 
ATOM   989  C CG    . MET A 1 118 ? 10.411  4.786   -4.163  1.00 37.55 ? 118 MET A CG    1 
ATOM   990  S SD    . MET A 1 118 ? 9.867   4.951   -5.880  1.00 38.65 ? 118 MET A SD    1 
ATOM   991  C CE    . MET A 1 118 ? 11.370  4.536   -6.775  1.00 37.62 ? 118 MET A CE    1 
ATOM   992  N N     . SER A 1 119 ? 11.842  3.847   -0.954  1.00 31.30 ? 119 SER A N     1 
ATOM   993  C CA    . SER A 1 119 ? 12.091  2.655   -0.146  1.00 30.54 ? 119 SER A CA    1 
ATOM   994  C C     . SER A 1 119 ? 10.820  2.063   0.460   1.00 31.42 ? 119 SER A C     1 
ATOM   995  O O     . SER A 1 119 ? 9.821   2.751   0.666   1.00 27.43 ? 119 SER A O     1 
ATOM   996  C CB    . SER A 1 119 ? 13.091  2.962   0.975   1.00 30.98 ? 119 SER A CB    1 
ATOM   997  O OG    . SER A 1 119 ? 12.496  3.796   1.959   1.00 29.17 ? 119 SER A OG    1 
ATOM   998  N N     . ILE A 1 120 ? 10.873  0.771   0.754   1.00 27.76 ? 120 ILE A N     1 
ATOM   999  C CA    . ILE A 1 120 ? 9.855   0.146   1.575   1.00 23.68 ? 120 ILE A CA    1 
ATOM   1000 C C     . ILE A 1 120 ? 10.540  -0.758  2.589   1.00 31.41 ? 120 ILE A C     1 
ATOM   1001 O O     . ILE A 1 120 ? 11.445  -1.528  2.248   1.00 34.30 ? 120 ILE A O     1 
ATOM   1002 C CB    . ILE A 1 120 ? 8.842   -0.656  0.726   1.00 26.84 ? 120 ILE A CB    1 
ATOM   1003 C CG1   . ILE A 1 120 ? 8.012   -1.584  1.615   1.00 27.14 ? 120 ILE A CG1   1 
ATOM   1004 C CG2   . ILE A 1 120 ? 9.555   -1.438  -0.369  1.00 32.92 ? 120 ILE A CG2   1 
ATOM   1005 C CD1   . ILE A 1 120 ? 6.854   -2.244  0.869   1.00 31.06 ? 120 ILE A CD1   1 
ATOM   1006 N N     . GLU A 1 121 ? 10.145  -0.642  3.846   1.00 30.49 ? 121 GLU A N     1 
ATOM   1007 C CA    . GLU A 1 121 ? 10.706  -1.520  4.857   1.00 34.44 ? 121 GLU A CA    1 
ATOM   1008 C C     . GLU A 1 121 ? 9.623   -1.998  5.805   1.00 30.79 ? 121 GLU A C     1 
ATOM   1009 O O     . GLU A 1 121 ? 8.546   -1.393  5.925   1.00 31.12 ? 121 GLU A O     1 
ATOM   1010 C CB    . GLU A 1 121 ? 11.880  -0.849  5.594   1.00 35.25 ? 121 GLU A CB    1 
ATOM   1011 C CG    . GLU A 1 121 ? 13.110  -0.533  4.703   1.00 41.02 ? 121 GLU A CG    1 
ATOM   1012 C CD    . GLU A 1 121 ? 14.010  -1.750  4.415   1.00 41.00 ? 121 GLU A CD    1 
ATOM   1013 O OE1   . GLU A 1 121 ? 13.533  -2.905  4.501   1.00 32.51 ? 121 GLU A OE1   1 
ATOM   1014 O OE2   . GLU A 1 121 ? 15.212  -1.548  4.105   1.00 43.41 ? 121 GLU A OE2   1 
ATOM   1015 N N     . LYS A 1 122 ? 9.899   -3.120  6.447   1.00 30.78 ? 122 LYS A N     1 
ATOM   1016 C CA    . LYS A 1 122 ? 8.972   -3.715  7.386   1.00 28.69 ? 122 LYS A CA    1 
ATOM   1017 C C     . LYS A 1 122 ? 9.025   -2.883  8.667   1.00 33.49 ? 122 LYS A C     1 
ATOM   1018 O O     . LYS A 1 122 ? 10.090  -2.413  9.051   1.00 36.10 ? 122 LYS A O     1 
ATOM   1019 C CB    . LYS A 1 122 ? 9.421   -5.156  7.651   1.00 32.19 ? 122 LYS A CB    1 
ATOM   1020 C CG    . LYS A 1 122 ? 8.353   -6.093  8.126   1.00 34.36 ? 122 LYS A CG    1 
ATOM   1021 C CD    . LYS A 1 122 ? 8.888   -7.527  8.186   1.00 33.66 ? 122 LYS A CD    1 
ATOM   1022 C CE    . LYS A 1 122 ? 9.006   -8.136  6.790   1.00 33.35 ? 122 LYS A CE    1 
ATOM   1023 N NZ    . LYS A 1 122 ? 8.809   -9.616  6.846   1.00 36.70 ? 122 LYS A NZ    1 
ATOM   1024 N N     . VAL A 1 123 ? 7.880   -2.676  9.310   1.00 33.38 ? 123 VAL A N     1 
ATOM   1025 C CA    . VAL A 1 123 ? 7.831   -1.925  10.558  1.00 36.12 ? 123 VAL A CA    1 
ATOM   1026 C C     . VAL A 1 123 ? 7.406   -2.848  11.694  1.00 39.67 ? 123 VAL A C     1 
ATOM   1027 O O     . VAL A 1 123 ? 6.352   -3.487  11.631  1.00 39.68 ? 123 VAL A O     1 
ATOM   1028 C CB    . VAL A 1 123 ? 6.865   -0.720  10.474  1.00 38.87 ? 123 VAL A CB    1 
ATOM   1029 C CG1   . VAL A 1 123 ? 6.743   -0.038  11.836  1.00 35.42 ? 123 VAL A CG1   1 
ATOM   1030 C CG2   . VAL A 1 123 ? 7.353   0.275   9.431   1.00 34.07 ? 123 VAL A CG2   1 
ATOM   1031 N N     . ASP A 1 124 ? 8.231   -2.927  12.731  1.00 46.08 ? 124 ASP A N     1 
ATOM   1032 C CA    . ASP A 1 124 ? 7.917   -3.791  13.864  1.00 46.30 ? 124 ASP A CA    1 
ATOM   1033 C C     . ASP A 1 124 ? 6.534   -3.470  14.422  1.00 48.39 ? 124 ASP A C     1 
ATOM   1034 O O     . ASP A 1 124 ? 6.181   -2.307  14.604  1.00 49.43 ? 124 ASP A O     1 
ATOM   1035 C CB    . ASP A 1 124 ? 8.972   -3.654  14.960  1.00 57.28 ? 124 ASP A CB    1 
ATOM   1036 C CG    . ASP A 1 124 ? 8.973   -4.833  15.909  1.00 61.11 ? 124 ASP A CG    1 
ATOM   1037 O OD1   . ASP A 1 124 ? 9.712   -5.809  15.636  1.00 69.41 ? 124 ASP A OD1   1 
ATOM   1038 O OD2   . ASP A 1 124 ? 8.236   -4.791  16.920  1.00 51.58 ? 124 ASP A OD2   1 
ATOM   1039 N N     . SER A 1 125 ? 5.764   -4.518  14.694  1.00 51.65 ? 125 SER A N     1 
ATOM   1040 C CA    . SER A 1 125 ? 4.380   -4.403  15.145  1.00 47.44 ? 125 SER A CA    1 
ATOM   1041 C C     . SER A 1 125 ? 4.155   -3.496  16.356  1.00 52.19 ? 125 SER A C     1 
ATOM   1042 O O     . SER A 1 125 ? 3.053   -2.979  16.545  1.00 51.12 ? 125 SER A O     1 
ATOM   1043 C CB    . SER A 1 125 ? 3.817   -5.801  15.435  1.00 52.69 ? 125 SER A CB    1 
ATOM   1044 O OG    . SER A 1 125 ? 4.821   -6.643  15.976  1.00 61.84 ? 125 SER A OG    1 
ATOM   1045 N N     . GLU A 1 126 ? 5.181   -3.303  17.177  1.00 50.93 ? 126 GLU A N     1 
ATOM   1046 C CA    . GLU A 1 126 ? 5.005   -2.559  18.425  1.00 56.48 ? 126 GLU A CA    1 
ATOM   1047 C C     . GLU A 1 126 ? 5.392   -1.083  18.330  1.00 55.81 ? 126 GLU A C     1 
ATOM   1048 O O     . GLU A 1 126 ? 5.154   -0.318  19.265  1.00 60.57 ? 126 GLU A O     1 
ATOM   1049 C CB    . GLU A 1 126 ? 5.759   -3.238  19.574  1.00 59.22 ? 126 GLU A CB    1 
ATOM   1050 C CG    . GLU A 1 126 ? 5.227   -4.618  19.914  1.00 63.91 ? 126 GLU A CG    1 
ATOM   1051 C CD    . GLU A 1 126 ? 3.751   -4.603  20.272  1.00 68.60 ? 126 GLU A CD    1 
ATOM   1052 O OE1   . GLU A 1 126 ? 3.339   -3.732  21.073  1.00 71.46 ? 126 GLU A OE1   1 
ATOM   1053 O OE2   . GLU A 1 126 ? 3.000   -5.459  19.752  1.00 67.15 ? 126 GLU A OE2   1 
ATOM   1054 N N     . GLU A 1 127 ? 5.981   -0.685  17.206  1.00 50.24 ? 127 GLU A N     1 
ATOM   1055 C CA    . GLU A 1 127 ? 6.327   0.718   16.992  1.00 47.95 ? 127 GLU A CA    1 
ATOM   1056 C C     . GLU A 1 127 ? 5.100   1.608   17.119  1.00 44.33 ? 127 GLU A C     1 
ATOM   1057 O O     . GLU A 1 127 ? 4.063   1.327   16.520  1.00 48.92 ? 127 GLU A O     1 
ATOM   1058 C CB    . GLU A 1 127 ? 6.998   0.917   15.630  1.00 46.31 ? 127 GLU A CB    1 
ATOM   1059 C CG    . GLU A 1 127 ? 8.438   0.439   15.596  1.00 54.59 ? 127 GLU A CG    1 
ATOM   1060 C CD    . GLU A 1 127 ? 9.253   0.980   16.760  1.00 55.07 ? 127 GLU A CD    1 
ATOM   1061 O OE1   . GLU A 1 127 ? 9.360   2.219   16.897  1.00 59.62 ? 127 GLU A OE1   1 
ATOM   1062 O OE2   . GLU A 1 127 ? 9.779   0.167   17.548  1.00 66.54 ? 127 GLU A OE2   1 
ATOM   1063 N N     . PRO A 1 128 ? 5.216   2.687   17.907  1.00 49.23 ? 128 PRO A N     1 
ATOM   1064 C CA    . PRO A 1 128 ? 4.102   3.601   18.198  1.00 46.39 ? 128 PRO A CA    1 
ATOM   1065 C C     . PRO A 1 128 ? 3.555   4.317   16.959  1.00 42.64 ? 128 PRO A C     1 
ATOM   1066 O O     . PRO A 1 128 ? 2.402   4.758   16.967  1.00 40.21 ? 128 PRO A O     1 
ATOM   1067 C CB    . PRO A 1 128 ? 4.725   4.613   19.171  1.00 49.67 ? 128 PRO A CB    1 
ATOM   1068 C CG    . PRO A 1 128 ? 6.191   4.509   18.957  1.00 45.55 ? 128 PRO A CG    1 
ATOM   1069 C CD    . PRO A 1 128 ? 6.444   3.076   18.619  1.00 46.27 ? 128 PRO A CD    1 
ATOM   1070 N N     . GLU A 1 129 ? 4.374   4.427   15.917  1.00 42.24 ? 129 GLU A N     1 
ATOM   1071 C CA    . GLU A 1 129 ? 3.932   5.018   14.662  1.00 42.56 ? 129 GLU A CA    1 
ATOM   1072 C C     . GLU A 1 129 ? 2.729   4.274   14.089  1.00 37.42 ? 129 GLU A C     1 
ATOM   1073 O O     . GLU A 1 129 ? 1.959   4.838   13.311  1.00 37.35 ? 129 GLU A O     1 
ATOM   1074 C CB    . GLU A 1 129 ? 5.074   5.047   13.642  1.00 39.66 ? 129 GLU A CB    1 
ATOM   1075 C CG    . GLU A 1 129 ? 6.098   6.138   13.888  1.00 46.73 ? 129 GLU A CG    1 
ATOM   1076 C CD    . GLU A 1 129 ? 7.084   5.795   14.990  1.00 46.89 ? 129 GLU A CD    1 
ATOM   1077 O OE1   . GLU A 1 129 ? 7.071   4.644   15.490  1.00 48.28 ? 129 GLU A OE1   1 
ATOM   1078 O OE2   . GLU A 1 129 ? 7.886   6.683   15.355  1.00 53.20 ? 129 GLU A OE2   1 
ATOM   1079 N N     . LEU A 1 130 ? 2.562   3.018   14.495  1.00 37.59 ? 130 LEU A N     1 
ATOM   1080 C CA    . LEU A 1 130 ? 1.479   2.178   13.982  1.00 35.17 ? 130 LEU A CA    1 
ATOM   1081 C C     . LEU A 1 130 ? 0.203   2.276   14.834  1.00 40.02 ? 130 LEU A C     1 
ATOM   1082 O O     . LEU A 1 130 ? -0.826  1.687   14.501  1.00 35.65 ? 130 LEU A O     1 
ATOM   1083 C CB    . LEU A 1 130 ? 1.945   0.721   13.896  1.00 36.06 ? 130 LEU A CB    1 
ATOM   1084 C CG    . LEU A 1 130 ? 3.208   0.428   13.080  1.00 36.47 ? 130 LEU A CG    1 
ATOM   1085 C CD1   . LEU A 1 130 ? 3.608   -1.035  13.212  1.00 37.16 ? 130 LEU A CD1   1 
ATOM   1086 C CD2   . LEU A 1 130 ? 2.999   0.794   11.614  1.00 36.83 ? 130 LEU A CD2   1 
ATOM   1087 N N     . ASN A 1 131 ? 0.273   3.032   15.927  1.00 37.67 ? 131 ASN A N     1 
ATOM   1088 C CA    . ASN A 1 131 ? -0.825  3.087   16.888  1.00 43.98 ? 131 ASN A CA    1 
ATOM   1089 C C     . ASN A 1 131 ? -2.162  3.583   16.323  1.00 37.75 ? 131 ASN A C     1 
ATOM   1090 O O     . ASN A 1 131 ? -3.214  3.051   16.675  1.00 38.09 ? 131 ASN A O     1 
ATOM   1091 C CB    . ASN A 1 131 ? -0.430  3.897   18.127  1.00 47.36 ? 131 ASN A CB    1 
ATOM   1092 C CG    . ASN A 1 131 ? 0.500   3.132   19.057  1.00 44.39 ? 131 ASN A CG    1 
ATOM   1093 O OD1   . ASN A 1 131 ? 0.679   1.920   18.926  1.00 50.54 ? 131 ASN A OD1   1 
ATOM   1094 N ND2   . ASN A 1 131 ? 1.089   3.840   20.011  1.00 47.82 ? 131 ASN A ND2   1 
ATOM   1095 N N     . GLU A 1 132 ? -2.121  4.590   15.450  1.00 37.55 ? 132 GLU A N     1 
ATOM   1096 C CA    . GLU A 1 132 ? -3.337  5.111   14.818  1.00 42.63 ? 132 GLU A CA    1 
ATOM   1097 C C     . GLU A 1 132 ? -3.964  4.103   13.855  1.00 39.64 ? 132 GLU A C     1 
ATOM   1098 O O     . GLU A 1 132 ? -5.196  4.025   13.740  1.00 38.09 ? 132 GLU A O     1 
ATOM   1099 C CB    . GLU A 1 132 ? -3.055  6.431   14.096  1.00 45.36 ? 132 GLU A CB    1 
ATOM   1100 C CG    . GLU A 1 132 ? -2.683  7.591   15.017  1.00 54.27 ? 132 GLU A CG    1 
ATOM   1101 C CD    . GLU A 1 132 ? -3.896  8.339   15.548  1.00 62.74 ? 132 GLU A CD    1 
ATOM   1102 O OE1   . GLU A 1 132 ? -4.522  9.093   14.766  1.00 62.72 ? 132 GLU A OE1   1 
ATOM   1103 O OE2   . GLU A 1 132 ? -4.226  8.175   16.745  1.00 64.30 ? 132 GLU A OE2   1 
ATOM   1104 N N     . ILE A 1 133 ? -3.122  3.339   13.160  1.00 34.48 ? 133 ILE A N     1 
ATOM   1105 C CA    . ILE A 1 133 ? -3.607  2.288   12.271  1.00 34.00 ? 133 ILE A CA    1 
ATOM   1106 C C     . ILE A 1 133 ? -4.372  1.246   13.081  1.00 40.03 ? 133 ILE A C     1 
ATOM   1107 O O     . ILE A 1 133 ? -5.468  0.831   12.702  1.00 38.80 ? 133 ILE A O     1 
ATOM   1108 C CB    . ILE A 1 133 ? -2.450  1.608   11.507  1.00 38.94 ? 133 ILE A CB    1 
ATOM   1109 C CG1   . ILE A 1 133 ? -1.971  2.514   10.367  1.00 35.58 ? 133 ILE A CG1   1 
ATOM   1110 C CG2   . ILE A 1 133 ? -2.881  0.265   10.945  1.00 34.80 ? 133 ILE A CG2   1 
ATOM   1111 C CD1   . ILE A 1 133 ? -0.688  2.019   9.698   1.00 32.54 ? 133 ILE A CD1   1 
ATOM   1112 N N     . LYS A 1 134 ? -3.792  0.844   14.208  1.00 34.64 ? 134 LYS A N     1 
ATOM   1113 C CA    . LYS A 1 134 ? -4.412  -0.141  15.087  1.00 34.03 ? 134 LYS A CA    1 
ATOM   1114 C C     . LYS A 1 134 ? -5.704  0.372   15.736  1.00 38.49 ? 134 LYS A C     1 
ATOM   1115 O O     . LYS A 1 134 ? -6.668  -0.383  15.903  1.00 43.72 ? 134 LYS A O     1 
ATOM   1116 C CB    . LYS A 1 134 ? -3.409  -0.584  16.153  1.00 36.65 ? 134 LYS A CB    1 
ATOM   1117 C CG    . LYS A 1 134 ? -2.155  -1.250  15.577  1.00 37.15 ? 134 LYS A CG    1 
ATOM   1118 C CD    . LYS A 1 134 ? -1.119  -1.509  16.655  1.00 41.34 ? 134 LYS A CD    1 
ATOM   1119 C CE    . LYS A 1 134 ? -0.332  -2.778  16.360  1.00 51.18 ? 134 LYS A CE    1 
ATOM   1120 N NZ    . LYS A 1 134 ? 0.627   -3.103  17.461  1.00 48.92 ? 134 LYS A NZ    1 
ATOM   1121 N N     . SER A 1 135 ? -5.729  1.651   16.097  1.00 36.94 ? 135 SER A N     1 
ATOM   1122 C CA    . SER A 1 135 ? -6.914  2.224   16.731  1.00 42.65 ? 135 SER A CA    1 
ATOM   1123 C C     . SER A 1 135 ? -8.075  2.386   15.743  1.00 45.45 ? 135 SER A C     1 
ATOM   1124 O O     . SER A 1 135 ? -9.238  2.162   16.088  1.00 40.15 ? 135 SER A O     1 
ATOM   1125 C CB    . SER A 1 135 ? -6.587  3.552   17.426  1.00 46.23 ? 135 SER A CB    1 
ATOM   1126 O OG    . SER A 1 135 ? -6.140  4.531   16.503  1.00 53.64 ? 135 SER A OG    1 
ATOM   1127 N N     . ARG A 1 136 ? -7.759  2.768   14.513  1.00 39.35 ? 136 ARG A N     1 
ATOM   1128 C CA    . ARG A 1 136 ? -8.774  2.869   13.470  1.00 36.21 ? 136 ARG A CA    1 
ATOM   1129 C C     . ARG A 1 136 ? -9.273  1.484   13.055  1.00 41.66 ? 136 ARG A C     1 
ATOM   1130 O O     . ARG A 1 136 ? -10.457 1.296   12.779  1.00 40.93 ? 136 ARG A O     1 
ATOM   1131 C CB    . ARG A 1 136 ? -8.225  3.629   12.265  1.00 32.04 ? 136 ARG A CB    1 
ATOM   1132 C CG    . ARG A 1 136 ? -8.175  5.138   12.458  1.00 34.65 ? 136 ARG A CG    1 
ATOM   1133 C CD    . ARG A 1 136 ? -7.838  5.841   11.152  1.00 36.16 ? 136 ARG A CD    1 
ATOM   1134 N NE    . ARG A 1 136 ? -6.548  5.404   10.607  1.00 38.33 ? 136 ARG A NE    1 
ATOM   1135 C CZ    . ARG A 1 136 ? -5.412  6.080   10.730  1.00 33.46 ? 136 ARG A CZ    1 
ATOM   1136 N NH1   . ARG A 1 136 ? -5.398  7.233   11.386  1.00 36.08 ? 136 ARG A NH1   1 
ATOM   1137 N NH2   . ARG A 1 136 ? -4.290  5.602   10.199  1.00 28.38 ? 136 ARG A NH2   1 
ATOM   1138 N N     . LYS A 1 137 ? -8.364  0.515   13.023  1.00 34.42 ? 137 LYS A N     1 
ATOM   1139 C CA    . LYS A 1 137 ? -8.742  -0.851  12.680  1.00 39.17 ? 137 LYS A CA    1 
ATOM   1140 C C     . LYS A 1 137 ? -9.825  -1.396  13.612  1.00 42.27 ? 137 LYS A C     1 
ATOM   1141 O O     . LYS A 1 137 ? -10.671 -2.183  13.193  1.00 43.76 ? 137 LYS A O     1 
ATOM   1142 C CB    . LYS A 1 137 ? -7.523  -1.777  12.672  1.00 39.55 ? 137 LYS A CB    1 
ATOM   1143 C CG    . LYS A 1 137 ? -7.882  -3.236  12.479  1.00 45.22 ? 137 LYS A CG    1 
ATOM   1144 C CD    . LYS A 1 137 ? -6.702  -4.060  11.991  1.00 48.11 ? 137 LYS A CD    1 
ATOM   1145 C CE    . LYS A 1 137 ? -7.148  -5.481  11.669  1.00 52.86 ? 137 LYS A CE    1 
ATOM   1146 N NZ    . LYS A 1 137 ? -6.161  -6.213  10.822  1.00 57.59 ? 137 LYS A NZ    1 
ATOM   1147 N N     . ARG A 1 138 ? -9.810  -0.963  14.869  1.00 43.25 ? 138 ARG A N     1 
ATOM   1148 C CA    . ARG A 1 138 ? -10.822 -1.391  15.840  1.00 47.36 ? 138 ARG A CA    1 
ATOM   1149 C C     . ARG A 1 138 ? -12.241 -0.994  15.431  1.00 51.28 ? 138 ARG A C     1 
ATOM   1150 O O     . ARG A 1 138 ? -13.193 -1.747  15.644  1.00 48.50 ? 138 ARG A O     1 
ATOM   1151 C CB    . ARG A 1 138 ? -10.509 -0.815  17.222  1.00 48.87 ? 138 ARG A CB    1 
ATOM   1152 C CG    . ARG A 1 138 ? -9.225  -1.340  17.836  1.00 53.54 ? 138 ARG A CG    1 
ATOM   1153 C CD    . ARG A 1 138 ? -9.035  -0.814  19.252  1.00 58.27 ? 138 ARG A CD    1 
ATOM   1154 N NE    . ARG A 1 138 ? -7.965  -1.527  19.948  1.00 68.62 ? 138 ARG A NE    1 
ATOM   1155 C CZ    . ARG A 1 138 ? -6.730  -1.058  20.114  1.00 71.13 ? 138 ARG A CZ    1 
ATOM   1156 N NH1   . ARG A 1 138 ? -6.402  0.141   19.644  1.00 61.28 ? 138 ARG A NH1   1 
ATOM   1157 N NH2   . ARG A 1 138 ? -5.824  -1.786  20.756  1.00 72.74 ? 138 ARG A NH2   1 
ATOM   1158 N N     . LEU A 1 139 ? -12.370 0.198   14.858  1.00 49.62 ? 139 LEU A N     1 
ATOM   1159 C CA    . LEU A 1 139 ? -13.655 0.729   14.415  1.00 44.50 ? 139 LEU A CA    1 
ATOM   1160 C C     . LEU A 1 139 ? -14.305 -0.162  13.362  1.00 49.37 ? 139 LEU A C     1 
ATOM   1161 O O     . LEU A 1 139 ? -15.527 -0.181  13.215  1.00 50.64 ? 139 LEU A O     1 
ATOM   1162 C CB    . LEU A 1 139 ? -13.463 2.133   13.836  1.00 47.75 ? 139 LEU A CB    1 
ATOM   1163 C CG    . LEU A 1 139 ? -13.416 3.372   14.741  1.00 51.07 ? 139 LEU A CG    1 
ATOM   1164 C CD1   . LEU A 1 139 ? -12.655 3.132   16.035  1.00 52.97 ? 139 LEU A CD1   1 
ATOM   1165 C CD2   . LEU A 1 139 ? -12.811 4.543   13.973  1.00 52.94 ? 139 LEU A CD2   1 
ATOM   1166 N N     . TYR A 1 140 ? -13.483 -0.898  12.623  1.00 44.86 ? 140 TYR A N     1 
ATOM   1167 C CA    . TYR A 1 140 ? -13.984 -1.741  11.542  1.00 46.50 ? 140 TYR A CA    1 
ATOM   1168 C C     . TYR A 1 140 ? -13.921 -3.207  11.939  1.00 52.15 ? 140 TYR A C     1 
ATOM   1169 O O     . TYR A 1 140 ? -14.000 -4.097  11.093  1.00 53.17 ? 140 TYR A O     1 
ATOM   1170 C CB    . TYR A 1 140 ? -13.184 -1.466  10.254  1.00 46.37 ? 140 TYR A CB    1 
ATOM   1171 C CG    . TYR A 1 140 ? -13.250 -0.007  9.869   1.00 42.77 ? 140 TYR A CG    1 
ATOM   1172 C CD1   . TYR A 1 140 ? -14.330 0.486   9.153   1.00 41.30 ? 140 TYR A CD1   1 
ATOM   1173 C CD2   . TYR A 1 140 ? -12.267 0.888   10.270  1.00 41.29 ? 140 TYR A CD2   1 
ATOM   1174 C CE1   . TYR A 1 140 ? -14.419 1.828   8.821   1.00 41.07 ? 140 TYR A CE1   1 
ATOM   1175 C CE2   . TYR A 1 140 ? -12.344 2.237   9.936   1.00 40.09 ? 140 TYR A CE2   1 
ATOM   1176 C CZ    . TYR A 1 140 ? -13.425 2.700   9.214   1.00 40.34 ? 140 TYR A CZ    1 
ATOM   1177 O OH    . TYR A 1 140 ? -13.523 4.032   8.876   1.00 40.21 ? 140 TYR A OH    1 
ATOM   1178 N N     . VAL A 1 141 ? -13.811 -3.449  13.243  1.00 57.64 ? 141 VAL A N     1 
ATOM   1179 C CA    . VAL A 1 141 ? -13.570 -4.795  13.757  1.00 61.55 ? 141 VAL A CA    1 
ATOM   1180 C C     . VAL A 1 141 ? -14.429 -5.148  14.976  1.00 61.28 ? 141 VAL A C     1 
ATOM   1181 O O     . VAL A 1 141 ? -14.638 -4.326  15.870  1.00 62.01 ? 141 VAL A O     1 
ATOM   1182 C CB    . VAL A 1 141 ? -12.079 -4.983  14.091  1.00 60.69 ? 141 VAL A CB    1 
ATOM   1183 C CG1   . VAL A 1 141 ? -11.907 -5.697  15.419  1.00 63.68 ? 141 VAL A CG1   1 
ATOM   1184 C CG2   . VAL A 1 141 ? -11.376 -5.728  12.966  1.00 58.82 ? 141 VAL A CG2   1 
ATOM   1185 O "O5'" . DC  B 2 1   ? 10.549  2.865   -22.617 1.00 73.67 ? 1   DC  B "O5'" 1 
ATOM   1186 C "C5'" . DC  B 2 1   ? 9.928   3.120   -21.358 1.00 67.51 ? 1   DC  B "C5'" 1 
ATOM   1187 C "C4'" . DC  B 2 1   ? 9.099   1.941   -20.875 1.00 69.89 ? 1   DC  B "C4'" 1 
ATOM   1188 O "O4'" . DC  B 2 1   ? 9.835   1.239   -19.836 1.00 73.79 ? 1   DC  B "O4'" 1 
ATOM   1189 C "C3'" . DC  B 2 1   ? 7.754   2.316   -20.257 1.00 71.37 ? 1   DC  B "C3'" 1 
ATOM   1190 O "O3'" . DC  B 2 1   ? 6.708   2.276   -21.246 1.00 77.68 ? 1   DC  B "O3'" 1 
ATOM   1191 C "C2'" . DC  B 2 1   ? 7.578   1.277   -19.151 1.00 64.87 ? 1   DC  B "C2'" 1 
ATOM   1192 C "C1'" . DC  B 2 1   ? 9.012   0.997   -18.711 1.00 60.59 ? 1   DC  B "C1'" 1 
ATOM   1193 N N1    . DC  B 2 1   ? 9.458   1.874   -17.589 1.00 54.76 ? 1   DC  B N1    1 
ATOM   1194 C C2    . DC  B 2 1   ? 10.659  1.599   -16.921 1.00 55.82 ? 1   DC  B C2    1 
ATOM   1195 O O2    . DC  B 2 1   ? 11.338  0.620   -17.273 1.00 60.80 ? 1   DC  B O2    1 
ATOM   1196 N N3    . DC  B 2 1   ? 11.041  2.418   -15.904 1.00 59.08 ? 1   DC  B N3    1 
ATOM   1197 C C4    . DC  B 2 1   ? 10.276  3.460   -15.554 1.00 51.65 ? 1   DC  B C4    1 
ATOM   1198 N N4    . DC  B 2 1   ? 10.686  4.244   -14.547 1.00 52.45 ? 1   DC  B N4    1 
ATOM   1199 C C5    . DC  B 2 1   ? 9.051   3.750   -16.225 1.00 54.09 ? 1   DC  B C5    1 
ATOM   1200 C C6    . DC  B 2 1   ? 8.684   2.937   -17.223 1.00 54.29 ? 1   DC  B C6    1 
ATOM   1201 P P     . DG  B 2 2   ? 5.473   1.252   -21.093 1.00 87.48 ? 2   DG  B P     1 
ATOM   1202 O OP1   . DG  B 2 2   ? 4.675   1.309   -22.341 1.00 77.49 ? 2   DG  B OP1   1 
ATOM   1203 O OP2   . DG  B 2 2   ? 4.794   1.536   -19.806 1.00 76.12 ? 2   DG  B OP2   1 
ATOM   1204 O "O5'" . DG  B 2 2   ? 6.183   -0.181  -20.989 1.00 76.43 ? 2   DG  B "O5'" 1 
ATOM   1205 C "C5'" . DG  B 2 2   ? 5.363   -1.318  -20.845 1.00 63.82 ? 2   DG  B "C5'" 1 
ATOM   1206 C "C4'" . DG  B 2 2   ? 5.984   -2.434  -20.029 1.00 60.30 ? 2   DG  B "C4'" 1 
ATOM   1207 O "O4'" . DG  B 2 2   ? 6.966   -2.004  -19.046 1.00 61.36 ? 2   DG  B "O4'" 1 
ATOM   1208 C "C3'" . DG  B 2 2   ? 4.912   -3.159  -19.241 1.00 55.05 ? 2   DG  B "C3'" 1 
ATOM   1209 O "O3'" . DG  B 2 2   ? 5.125   -4.527  -19.427 1.00 60.05 ? 2   DG  B "O3'" 1 
ATOM   1210 C "C2'" . DG  B 2 2   ? 5.143   -2.714  -17.799 1.00 48.17 ? 2   DG  B "C2'" 1 
ATOM   1211 C "C1'" . DG  B 2 2   ? 6.660   -2.589  -17.790 1.00 46.43 ? 2   DG  B "C1'" 1 
ATOM   1212 N N9    . DG  B 2 2   ? 7.172   -1.716  -16.736 1.00 38.17 ? 2   DG  B N9    1 
ATOM   1213 C C8    . DG  B 2 2   ? 6.606   -0.554  -16.269 1.00 38.30 ? 2   DG  B C8    1 
ATOM   1214 N N7    . DG  B 2 2   ? 7.308   0.021   -15.330 1.00 36.26 ? 2   DG  B N7    1 
ATOM   1215 C C5    . DG  B 2 2   ? 8.409   -0.811  -15.168 1.00 36.51 ? 2   DG  B C5    1 
ATOM   1216 C C6    . DG  B 2 2   ? 9.514   -0.706  -14.297 1.00 31.86 ? 2   DG  B C6    1 
ATOM   1217 O O6    . DG  B 2 2   ? 9.750   0.174   -13.458 1.00 31.38 ? 2   DG  B O6    1 
ATOM   1218 N N1    . DG  B 2 2   ? 10.402  -1.764  -14.468 1.00 30.17 ? 2   DG  B N1    1 
ATOM   1219 C C2    . DG  B 2 2   ? 10.245  -2.798  -15.356 1.00 36.10 ? 2   DG  B C2    1 
ATOM   1220 N N2    . DG  B 2 2   ? 11.207  -3.736  -15.374 1.00 36.43 ? 2   DG  B N2    1 
ATOM   1221 N N3    . DG  B 2 2   ? 9.211   -2.906  -16.181 1.00 34.62 ? 2   DG  B N3    1 
ATOM   1222 C C4    . DG  B 2 2   ? 8.339   -1.878  -16.029 1.00 33.32 ? 2   DG  B C4    1 
ATOM   1223 P P     . DG  B 2 3   ? 3.876   -5.519  -19.572 1.00 64.63 ? 3   DG  B P     1 
ATOM   1224 O OP1   . DG  B 2 3   ? 4.303   -6.666  -20.406 1.00 74.47 ? 3   DG  B OP1   1 
ATOM   1225 O OP2   . DG  B 2 3   ? 2.701   -4.713  -19.977 1.00 62.40 ? 3   DG  B OP2   1 
ATOM   1226 O "O5'" . DG  B 2 3   ? 3.641   -6.026  -18.071 1.00 64.05 ? 3   DG  B "O5'" 1 
ATOM   1227 C "C5'" . DG  B 2 3   ? 2.766   -7.107  -17.782 1.00 62.27 ? 3   DG  B "C5'" 1 
ATOM   1228 C "C4'" . DG  B 2 3   ? 1.481   -6.588  -17.169 1.00 64.41 ? 3   DG  B "C4'" 1 
ATOM   1229 O "O4'" . DG  B 2 3   ? 1.810   -5.552  -16.208 1.00 58.95 ? 3   DG  B "O4'" 1 
ATOM   1230 C "C3'" . DG  B 2 3   ? 0.522   -5.908  -18.141 1.00 64.94 ? 3   DG  B "C3'" 1 
ATOM   1231 O "O3'" . DG  B 2 3   ? -0.345  -6.876  -18.747 1.00 72.79 ? 3   DG  B "O3'" 1 
ATOM   1232 C "C2'" . DG  B 2 3   ? -0.250  -4.956  -17.235 1.00 55.56 ? 3   DG  B "C2'" 1 
ATOM   1233 C "C1'" . DG  B 2 3   ? 0.644   -4.785  -16.008 1.00 53.05 ? 3   DG  B "C1'" 1 
ATOM   1234 N N9    . DG  B 2 3   ? 0.961   -3.380  -15.763 1.00 45.35 ? 3   DG  B N9    1 
ATOM   1235 C C8    . DG  B 2 3   ? 1.815   -2.545  -16.438 1.00 42.66 ? 3   DG  B C8    1 
ATOM   1236 N N7    . DG  B 2 3   ? 1.829   -1.330  -15.953 1.00 44.17 ? 3   DG  B N7    1 
ATOM   1237 C C5    . DG  B 2 3   ? 0.927   -1.363  -14.897 1.00 41.96 ? 3   DG  B C5    1 
ATOM   1238 C C6    . DG  B 2 3   ? 0.521   -0.351  -13.996 1.00 39.39 ? 3   DG  B C6    1 
ATOM   1239 O O6    . DG  B 2 3   ? 0.903   0.833   -13.947 1.00 38.30 ? 3   DG  B O6    1 
ATOM   1240 N N1    . DG  B 2 3   ? -0.421  -0.832  -13.085 1.00 37.50 ? 3   DG  B N1    1 
ATOM   1241 C C2    . DG  B 2 3   ? -0.906  -2.124  -13.054 1.00 44.01 ? 3   DG  B C2    1 
ATOM   1242 N N2    . DG  B 2 3   ? -1.810  -2.426  -12.108 1.00 44.67 ? 3   DG  B N2    1 
ATOM   1243 N N3    . DG  B 2 3   ? -0.531  -3.076  -13.896 1.00 38.46 ? 3   DG  B N3    1 
ATOM   1244 C C4    . DG  B 2 3   ? 0.384   -2.618  -14.780 1.00 43.66 ? 3   DG  B C4    1 
ATOM   1245 P P     . DT  B 2 4   ? -1.730  -6.418  -19.430 1.00 75.15 ? 4   DT  B P     1 
ATOM   1246 O OP1   . DT  B 2 4   ? -2.167  -7.498  -20.347 1.00 79.87 ? 4   DT  B OP1   1 
ATOM   1247 O OP2   . DT  B 2 4   ? -1.563  -5.034  -19.937 1.00 58.55 ? 4   DT  B OP2   1 
ATOM   1248 O "O5'" . DT  B 2 4   ? -2.746  -6.355  -18.205 1.00 67.12 ? 4   DT  B "O5'" 1 
ATOM   1249 C "C5'" . DT  B 2 4   ? -2.762  -7.386  -17.238 1.00 60.46 ? 4   DT  B "C5'" 1 
ATOM   1250 C "C4'" . DT  B 2 4   ? -3.849  -7.038  -16.243 1.00 53.05 ? 4   DT  B "C4'" 1 
ATOM   1251 O "O4'" . DT  B 2 4   ? -3.440  -5.851  -15.536 1.00 48.88 ? 4   DT  B "O4'" 1 
ATOM   1252 C "C3'" . DT  B 2 4   ? -5.208  -6.734  -16.882 1.00 54.46 ? 4   DT  B "C3'" 1 
ATOM   1253 O "O3'" . DT  B 2 4   ? -6.111  -7.770  -16.483 1.00 50.04 ? 4   DT  B "O3'" 1 
ATOM   1254 C "C2'" . DT  B 2 4   ? -5.597  -5.335  -16.395 1.00 47.14 ? 4   DT  B "C2'" 1 
ATOM   1255 C "C1'" . DT  B 2 4   ? -4.549  -5.002  -15.337 1.00 53.03 ? 4   DT  B "C1'" 1 
ATOM   1256 N N1    . DT  B 2 4   ? -4.046  -3.599  -15.384 1.00 53.57 ? 4   DT  B N1    1 
ATOM   1257 C C2    . DT  B 2 4   ? -4.413  -2.747  -14.369 1.00 53.49 ? 4   DT  B C2    1 
ATOM   1258 O O2    . DT  B 2 4   ? -5.133  -3.105  -13.444 1.00 47.45 ? 4   DT  B O2    1 
ATOM   1259 N N3    . DT  B 2 4   ? -3.901  -1.477  -14.486 1.00 48.44 ? 4   DT  B N3    1 
ATOM   1260 C C4    . DT  B 2 4   ? -3.080  -0.998  -15.498 1.00 50.24 ? 4   DT  B C4    1 
ATOM   1261 O O4    . DT  B 2 4   ? -2.665  0.159   -15.520 1.00 53.54 ? 4   DT  B O4    1 
ATOM   1262 C C5    . DT  B 2 4   ? -2.736  -1.951  -16.526 1.00 45.98 ? 4   DT  B C5    1 
ATOM   1263 C C7    . DT  B 2 4   ? -1.853  -1.543  -17.669 1.00 42.70 ? 4   DT  B C7    1 
ATOM   1264 C C6    . DT  B 2 4   ? -3.230  -3.191  -16.420 1.00 50.73 ? 4   DT  B C6    1 
ATOM   1265 P P     . DT  B 2 5   ? -7.698  -7.612  -16.709 1.00 47.83 ? 5   DT  B P     1 
ATOM   1266 O OP1   . DT  B 2 5   ? -8.237  -8.947  -17.046 1.00 50.76 ? 5   DT  B OP1   1 
ATOM   1267 O OP2   . DT  B 2 5   ? -7.919  -6.465  -17.625 1.00 48.83 ? 5   DT  B OP2   1 
ATOM   1268 O "O5'" . DT  B 2 5   ? -8.242  -7.200  -15.260 1.00 45.63 ? 5   DT  B "O5'" 1 
ATOM   1269 C "C5'" . DT  B 2 5   ? -7.611  -7.686  -14.089 1.00 44.22 ? 5   DT  B "C5'" 1 
ATOM   1270 C "C4'" . DT  B 2 5   ? -8.177  -6.988  -12.866 1.00 41.86 ? 5   DT  B "C4'" 1 
ATOM   1271 O "O4'" . DT  B 2 5   ? -7.682  -5.626  -12.770 1.00 39.96 ? 5   DT  B "O4'" 1 
ATOM   1272 C "C3'" . DT  B 2 5   ? -9.694  -6.859  -12.843 1.00 40.53 ? 5   DT  B "C3'" 1 
ATOM   1273 O "O3'" . DT  B 2 5   ? -10.097 -6.993  -11.497 1.00 46.94 ? 5   DT  B "O3'" 1 
ATOM   1274 C "C2'" . DT  B 2 5   ? -9.946  -5.443  -13.366 1.00 44.69 ? 5   DT  B "C2'" 1 
ATOM   1275 C "C1'" . DT  B 2 5   ? -8.771  -4.721  -12.717 1.00 41.71 ? 5   DT  B "C1'" 1 
ATOM   1276 N N1    . DT  B 2 5   ? -8.305  -3.470  -13.371 1.00 44.20 ? 5   DT  B N1    1 
ATOM   1277 C C2    . DT  B 2 5   ? -7.995  -2.404  -12.556 1.00 36.40 ? 5   DT  B C2    1 
ATOM   1278 O O2    . DT  B 2 5   ? -8.106  -2.443  -11.343 1.00 40.35 ? 5   DT  B O2    1 
ATOM   1279 N N3    . DT  B 2 5   ? -7.558  -1.287  -13.218 1.00 39.13 ? 5   DT  B N3    1 
ATOM   1280 C C4    . DT  B 2 5   ? -7.395  -1.129  -14.577 1.00 40.33 ? 5   DT  B C4    1 
ATOM   1281 O O4    . DT  B 2 5   ? -6.989  -0.079  -15.065 1.00 43.43 ? 5   DT  B O4    1 
ATOM   1282 C C5    . DT  B 2 5   ? -7.734  -2.283  -15.373 1.00 47.65 ? 5   DT  B C5    1 
ATOM   1283 C C7    . DT  B 2 5   ? -7.598  -2.219  -16.863 1.00 48.76 ? 5   DT  B C7    1 
ATOM   1284 C C6    . DT  B 2 5   ? -8.166  -3.388  -14.744 1.00 45.24 ? 5   DT  B C6    1 
ATOM   1285 P P     . DA  B 2 6   ? -11.590 -7.480  -11.141 1.00 50.63 ? 6   DA  B P     1 
ATOM   1286 O OP1   . DA  B 2 6   ? -11.774 -8.837  -11.704 1.00 47.03 ? 6   DA  B OP1   1 
ATOM   1287 O OP2   . DA  B 2 6   ? -12.513 -6.378  -11.474 1.00 49.12 ? 6   DA  B OP2   1 
ATOM   1288 O "O5'" . DA  B 2 6   ? -11.559 -7.631  -9.550  1.00 40.55 ? 6   DA  B "O5'" 1 
ATOM   1289 C "C5'" . DA  B 2 6   ? -10.654 -8.530  -8.900  1.00 42.83 ? 6   DA  B "C5'" 1 
ATOM   1290 C "C4'" . DA  B 2 6   ? -10.629 -8.114  -7.446  1.00 41.79 ? 6   DA  B "C4'" 1 
ATOM   1291 O "O4'" . DA  B 2 6   ? -9.668  -7.035  -7.310  1.00 32.34 ? 6   DA  B "O4'" 1 
ATOM   1292 C "C3'" . DA  B 2 6   ? -11.982 -7.519  -7.060  1.00 41.39 ? 6   DA  B "C3'" 1 
ATOM   1293 O "O3'" . DA  B 2 6   ? -12.921 -8.413  -6.363  1.00 64.34 ? 6   DA  B "O3'" 1 
ATOM   1294 C "C2'" . DA  B 2 6   ? -11.669 -6.215  -6.319  1.00 37.09 ? 6   DA  B "C2'" 1 
ATOM   1295 C "C1'" . DA  B 2 6   ? -10.207 -5.899  -6.651  1.00 33.02 ? 6   DA  B "C1'" 1 
ATOM   1296 N N9    . DA  B 2 6   ? -9.973  -4.714  -7.494  1.00 33.85 ? 6   DA  B N9    1 
ATOM   1297 C C8    . DA  B 2 6   ? -10.550 -4.425  -8.698  1.00 32.39 ? 6   DA  B C8    1 
ATOM   1298 N N7    . DA  B 2 6   ? -10.129 -3.296  -9.234  1.00 37.17 ? 6   DA  B N7    1 
ATOM   1299 C C5    . DA  B 2 6   ? -9.204  -2.809  -8.324  1.00 36.43 ? 6   DA  B C5    1 
ATOM   1300 C C6    . DA  B 2 6   ? -8.397  -1.651  -8.303  1.00 35.87 ? 6   DA  B C6    1 
ATOM   1301 N N6    . DA  B 2 6   ? -8.387  -0.726  -9.270  1.00 38.67 ? 6   DA  B N6    1 
ATOM   1302 N N1    . DA  B 2 6   ? -7.583  -1.472  -7.237  1.00 35.84 ? 6   DA  B N1    1 
ATOM   1303 C C2    . DA  B 2 6   ? -7.578  -2.389  -6.265  1.00 38.42 ? 6   DA  B C2    1 
ATOM   1304 N N3    . DA  B 2 6   ? -8.293  -3.515  -6.174  1.00 36.88 ? 6   DA  B N3    1 
ATOM   1305 C C4    . DA  B 2 6   ? -9.095  -3.672  -7.246  1.00 34.33 ? 6   DA  B C4    1 
ATOM   1306 P P     . DC  B 2 7   ? -12.459 -9.284  -5.083  1.00 43.26 ? 7   DC  B P     1 
ATOM   1307 O OP1   . DC  B 2 7   ? -13.540 -9.211  -4.080  1.00 53.37 ? 7   DC  B OP1   1 
ATOM   1308 O OP2   . DC  B 2 7   ? -11.104 -8.842  -4.709  1.00 54.62 ? 7   DC  B OP2   1 
ATOM   1309 O "O5'" . DC  B 2 7   ? -12.432 -10.781 -5.661  1.00 31.26 ? 7   DC  B "O5'" 1 
ATOM   1310 C "C5'" . DC  B 2 7   ? -11.266 -11.620 -5.623  1.00 37.75 ? 7   DC  B "C5'" 1 
ATOM   1311 C "C4'" . DC  B 2 7   ? -11.283 -12.531 -6.842  1.00 41.12 ? 7   DC  B "C4'" 1 
ATOM   1312 O "O4'" . DC  B 2 7   ? -10.628 -11.857 -7.952  1.00 46.06 ? 7   DC  B "O4'" 1 
ATOM   1313 C "C3'" . DC  B 2 7   ? -10.574 -13.877 -6.709  1.00 44.49 ? 7   DC  B "C3'" 1 
ATOM   1314 O "O3'" . DC  B 2 7   ? -11.268 -14.872 -7.490  1.00 45.55 ? 7   DC  B "O3'" 1 
ATOM   1315 C "C2'" . DC  B 2 7   ? -9.183  -13.578 -7.266  1.00 35.93 ? 7   DC  B "C2'" 1 
ATOM   1316 C "C1'" . DC  B 2 7   ? -9.502  -12.606 -8.394  1.00 39.54 ? 7   DC  B "C1'" 1 
ATOM   1317 N N1    . DC  B 2 7   ? -8.447  -11.596 -8.714  1.00 40.90 ? 7   DC  B N1    1 
ATOM   1318 C C2    . DC  B 2 7   ? -8.104  -11.337 -10.052 1.00 47.77 ? 7   DC  B C2    1 
ATOM   1319 O O2    . DC  B 2 7   ? -8.665  -11.971 -10.958 1.00 54.53 ? 7   DC  B O2    1 
ATOM   1320 N N3    . DC  B 2 7   ? -7.155  -10.405 -10.328 1.00 41.85 ? 7   DC  B N3    1 
ATOM   1321 C C4    . DC  B 2 7   ? -6.576  -9.736  -9.332  1.00 37.08 ? 7   DC  B C4    1 
ATOM   1322 N N4    . DC  B 2 7   ? -5.650  -8.822  -9.652  1.00 41.96 ? 7   DC  B N4    1 
ATOM   1323 C C5    . DC  B 2 7   ? -6.919  -9.974  -7.964  1.00 39.56 ? 7   DC  B C5    1 
ATOM   1324 C C6    . DC  B 2 7   ? -7.855  -10.900 -7.701  1.00 38.72 ? 7   DC  B C6    1 
ATOM   1325 P P     . DG  B 2 8   ? -11.170 -16.429 -7.097  1.00 47.20 ? 8   DG  B P     1 
ATOM   1326 O OP1   . DG  B 2 8   ? -12.111 -17.178 -7.962  1.00 51.80 ? 8   DG  B OP1   1 
ATOM   1327 O OP2   . DG  B 2 8   ? -11.277 -16.537 -5.627  1.00 47.93 ? 8   DG  B OP2   1 
ATOM   1328 O "O5'" . DG  B 2 8   ? -9.664  -16.829 -7.496  1.00 41.58 ? 8   DG  B "O5'" 1 
ATOM   1329 C "C5'" . DG  B 2 8   ? -9.340  -17.193 -8.838  1.00 36.36 ? 8   DG  B "C5'" 1 
ATOM   1330 C "C4'" . DG  B 2 8   ? -7.827  -17.276 -9.009  1.00 39.08 ? 8   DG  B "C4'" 1 
ATOM   1331 O "O4'" . DG  B 2 8   ? -7.280  -15.932 -8.989  1.00 33.31 ? 8   DG  B "O4'" 1 
ATOM   1332 C "C3'" . DG  B 2 8   ? -7.089  -18.066 -7.929  1.00 38.25 ? 8   DG  B "C3'" 1 
ATOM   1333 O "O3'" . DG  B 2 8   ? -6.346  -19.130 -8.520  1.00 39.34 ? 8   DG  B "O3'" 1 
ATOM   1334 C "C2'" . DG  B 2 8   ? -6.144  -17.047 -7.292  1.00 40.90 ? 8   DG  B "C2'" 1 
ATOM   1335 C "C1'" . DG  B 2 8   ? -6.009  -15.994 -8.386  1.00 34.43 ? 8   DG  B "C1'" 1 
ATOM   1336 N N9    . DG  B 2 8   ? -5.592  -14.692 -7.861  1.00 32.01 ? 8   DG  B N9    1 
ATOM   1337 C C8    . DG  B 2 8   ? -5.720  -14.227 -6.573  1.00 29.55 ? 8   DG  B C8    1 
ATOM   1338 N N7    . DG  B 2 8   ? -5.229  -13.032 -6.398  1.00 26.93 ? 8   DG  B N7    1 
ATOM   1339 C C5    . DG  B 2 8   ? -4.742  -12.679 -7.644  1.00 31.19 ? 8   DG  B C5    1 
ATOM   1340 C C6    . DG  B 2 8   ? -4.087  -11.502 -8.061  1.00 26.25 ? 8   DG  B C6    1 
ATOM   1341 O O6    . DG  B 2 8   ? -3.830  -10.504 -7.379  1.00 28.44 ? 8   DG  B O6    1 
ATOM   1342 N N1    . DG  B 2 8   ? -3.749  -11.541 -9.413  1.00 27.85 ? 8   DG  B N1    1 
ATOM   1343 C C2    . DG  B 2 8   ? -4.000  -12.615 -10.243 1.00 28.03 ? 8   DG  B C2    1 
ATOM   1344 N N2    . DG  B 2 8   ? -3.600  -12.485 -11.516 1.00 26.31 ? 8   DG  B N2    1 
ATOM   1345 N N3    . DG  B 2 8   ? -4.621  -13.732 -9.859  1.00 26.74 ? 8   DG  B N3    1 
ATOM   1346 C C4    . DG  B 2 8   ? -4.950  -13.697 -8.551  1.00 29.63 ? 8   DG  B C4    1 
ATOM   1347 P P     . DG  B 2 9   ? -6.088  -20.498 -7.712  1.00 42.52 ? 9   DG  B P     1 
ATOM   1348 O OP1   . DG  B 2 9   ? -5.161  -21.329 -8.521  1.00 47.34 ? 9   DG  B OP1   1 
ATOM   1349 O OP2   . DG  B 2 9   ? -7.400  -21.039 -7.298  1.00 49.52 ? 9   DG  B OP2   1 
ATOM   1350 O "O5'" . DG  B 2 9   ? -5.301  -20.030 -6.393  1.00 37.52 ? 9   DG  B "O5'" 1 
ATOM   1351 C "C5'" . DG  B 2 9   ? -3.871  -20.048 -6.411  1.00 40.01 ? 9   DG  B "C5'" 1 
ATOM   1352 C "C4'" . DG  B 2 9   ? -3.258  -19.300 -5.237  1.00 48.19 ? 9   DG  B "C4'" 1 
ATOM   1353 O "O4'" . DG  B 2 9   ? -3.875  -17.994 -5.064  1.00 41.22 ? 9   DG  B "O4'" 1 
ATOM   1354 C "C3'" . DG  B 2 9   ? -3.382  -20.002 -3.889  1.00 43.71 ? 9   DG  B "C3'" 1 
ATOM   1355 O "O3'" . DG  B 2 9   ? -2.120  -19.962 -3.251  1.00 49.26 ? 9   DG  B "O3'" 1 
ATOM   1356 C "C2'" . DG  B 2 9   ? -4.417  -19.162 -3.140  1.00 44.66 ? 9   DG  B "C2'" 1 
ATOM   1357 C "C1'" . DG  B 2 9   ? -4.098  -17.773 -3.684  1.00 40.02 ? 9   DG  B "C1'" 1 
ATOM   1358 N N9    . DG  B 2 9   ? -5.147  -16.757 -3.553  1.00 37.79 ? 9   DG  B N9    1 
ATOM   1359 C C8    . DG  B 2 9   ? -4.961  -15.453 -3.170  1.00 36.16 ? 9   DG  B C8    1 
ATOM   1360 N N7    . DG  B 2 9   ? -6.055  -14.747 -3.144  1.00 42.52 ? 9   DG  B N7    1 
ATOM   1361 C C5    . DG  B 2 9   ? -7.045  -15.640 -3.540  1.00 45.61 ? 9   DG  B C5    1 
ATOM   1362 C C6    . DG  B 2 9   ? -8.442  -15.447 -3.701  1.00 42.49 ? 9   DG  B C6    1 
ATOM   1363 O O6    . DG  B 2 9   ? -9.118  -14.417 -3.525  1.00 42.09 ? 9   DG  B O6    1 
ATOM   1364 N N1    . DG  B 2 9   ? -9.075  -16.616 -4.119  1.00 43.53 ? 9   DG  B N1    1 
ATOM   1365 C C2    . DG  B 2 9   ? -8.445  -17.820 -4.347  1.00 44.98 ? 9   DG  B C2    1 
ATOM   1366 N N2    . DG  B 2 9   ? -9.232  -18.837 -4.743  1.00 45.93 ? 9   DG  B N2    1 
ATOM   1367 N N3    . DG  B 2 9   ? -7.138  -18.015 -4.200  1.00 46.97 ? 9   DG  B N3    1 
ATOM   1368 C C4    . DG  B 2 9   ? -6.498  -16.883 -3.795  1.00 41.95 ? 9   DG  B C4    1 
ATOM   1369 P P     . DT  B 2 10  ? -1.009  -21.072 -3.582  1.00 46.29 ? 10  DT  B P     1 
ATOM   1370 O OP1   . DT  B 2 10  ? -1.650  -22.404 -3.483  1.00 58.25 ? 10  DT  B OP1   1 
ATOM   1371 O OP2   . DT  B 2 10  ? 0.194   -20.772 -2.774  1.00 60.98 ? 10  DT  B OP2   1 
ATOM   1372 O "O5'" . DT  B 2 10  ? -0.651  -20.809 -5.119  1.00 51.30 ? 10  DT  B "O5'" 1 
ATOM   1373 C "C5'" . DT  B 2 10  ? 0.033   -21.811 -5.871  1.00 45.42 ? 10  DT  B "C5'" 1 
ATOM   1374 C "C4'" . DT  B 2 10  ? 0.409   -21.311 -7.255  1.00 40.83 ? 10  DT  B "C4'" 1 
ATOM   1375 O "O4'" . DT  B 2 10  ? -0.261  -20.048 -7.525  1.00 40.30 ? 10  DT  B "O4'" 1 
ATOM   1376 C "C3'" . DT  B 2 10  ? 1.895   -21.034 -7.422  1.00 48.18 ? 10  DT  B "C3'" 1 
ATOM   1377 O "O3'" . DT  B 2 10  ? 2.531   -22.179 -7.969  1.00 50.41 ? 10  DT  B "O3'" 1 
ATOM   1378 C "C2'" . DT  B 2 10  ? 1.955   -19.859 -8.391  1.00 37.51 ? 10  DT  B "C2'" 1 
ATOM   1379 C "C1'" . DT  B 2 10  ? 0.647   -19.134 -8.109  1.00 38.26 ? 10  DT  B "C1'" 1 
ATOM   1380 N N1    . DT  B 2 10  ? 0.807   -17.910 -7.243  1.00 33.93 ? 10  DT  B N1    1 
ATOM   1381 C C2    . DT  B 2 10  ? 1.287   -16.766 -7.842  1.00 27.91 ? 10  DT  B C2    1 
ATOM   1382 O O2    . DT  B 2 10  ? 1.595   -16.699 -9.019  1.00 28.91 ? 10  DT  B O2    1 
ATOM   1383 N N3    . DT  B 2 10  ? 1.394   -15.677 -7.015  1.00 29.23 ? 10  DT  B N3    1 
ATOM   1384 C C4    . DT  B 2 10  ? 1.074   -15.616 -5.676  1.00 30.89 ? 10  DT  B C4    1 
ATOM   1385 O O4    . DT  B 2 10  ? 1.219   -14.596 -5.005  1.00 28.95 ? 10  DT  B O4    1 
ATOM   1386 C C5    . DT  B 2 10  ? 0.588   -16.845 -5.106  1.00 34.97 ? 10  DT  B C5    1 
ATOM   1387 C C7    . DT  B 2 10  ? 0.223   -16.858 -3.650  1.00 39.09 ? 10  DT  B C7    1 
ATOM   1388 C C6    . DT  B 2 10  ? 0.467   -17.925 -5.903  1.00 34.95 ? 10  DT  B C6    1 
HETATM 1389 O O     . HOH C 3 .   ? 2.131   -9.089  -8.935  1.00 24.23 ? 201 HOH A O     1 
HETATM 1390 O O     . HOH C 3 .   ? 12.569  -3.967  6.406   1.00 33.43 ? 202 HOH A O     1 
HETATM 1391 O O     . HOH C 3 .   ? -10.080 -0.777  -1.258  1.00 25.18 ? 203 HOH A O     1 
HETATM 1392 O O     . HOH C 3 .   ? -0.834  5.825   7.680   1.00 26.65 ? 204 HOH A O     1 
HETATM 1393 O O     . HOH C 3 .   ? -6.190  3.129   3.851   1.00 27.42 ? 205 HOH A O     1 
HETATM 1394 O O     . HOH C 3 .   ? -14.449 -3.100  6.458   1.00 30.60 ? 206 HOH A O     1 
HETATM 1395 O O     . HOH C 3 .   ? 12.511  -11.447 -0.474  1.00 27.14 ? 207 HOH A O     1 
HETATM 1396 O O     . HOH C 3 .   ? -8.006  0.524   -4.492  1.00 28.43 ? 208 HOH A O     1 
HETATM 1397 O O     . HOH C 3 .   ? -10.277 -1.769  1.197   1.00 22.35 ? 209 HOH A O     1 
HETATM 1398 O O     . HOH C 3 .   ? -0.583  4.441   12.540  1.00 34.80 ? 210 HOH A O     1 
HETATM 1399 O O     . HOH C 3 .   ? 3.591   12.158  1.930   1.00 29.85 ? 211 HOH A O     1 
HETATM 1400 O O     . HOH C 3 .   ? 8.179   4.871   -8.797  1.00 30.57 ? 212 HOH A O     1 
HETATM 1401 O O     . HOH C 3 .   ? 1.675   -13.834 -2.367  1.00 31.59 ? 213 HOH A O     1 
HETATM 1402 O O     . HOH C 3 .   ? -5.794  0.599   -5.974  1.00 25.24 ? 214 HOH A O     1 
HETATM 1403 O O     . HOH C 3 .   ? 5.240   -5.807  10.557  1.00 36.30 ? 215 HOH A O     1 
HETATM 1404 O O     . HOH C 3 .   ? 6.015   -12.510 0.434   1.00 37.33 ? 216 HOH A O     1 
HETATM 1405 O O     . HOH C 3 .   ? 10.753  2.893   3.976   1.00 32.53 ? 217 HOH A O     1 
HETATM 1406 O O     . HOH C 3 .   ? -11.479 10.303  3.843   1.00 33.75 ? 218 HOH A O     1 
HETATM 1407 O O     . HOH C 3 .   ? -11.443 7.571   6.666   1.00 30.62 ? 219 HOH A O     1 
HETATM 1408 O O     . HOH C 3 .   ? 1.736   9.162   9.543   1.00 43.14 ? 220 HOH A O     1 
HETATM 1409 O O     . HOH C 3 .   ? -14.762 -6.286  -4.604  1.00 30.76 ? 221 HOH A O     1 
HETATM 1410 O O     . HOH C 3 .   ? 10.780  -1.351  13.202  1.00 47.24 ? 222 HOH A O     1 
HETATM 1411 O O     . HOH C 3 .   ? 13.731  -12.563 -2.873  1.00 25.91 ? 223 HOH A O     1 
HETATM 1412 O O     . HOH C 3 .   ? 10.105  -6.619  -11.685 1.00 34.65 ? 224 HOH A O     1 
HETATM 1413 O O     . HOH C 3 .   ? -1.498  6.282   10.512  1.00 31.44 ? 225 HOH A O     1 
HETATM 1414 O O     . HOH C 3 .   ? -4.246  -9.869  5.665   1.00 39.07 ? 226 HOH A O     1 
HETATM 1415 O O     . HOH C 3 .   ? -16.375 -5.949  -6.713  1.00 36.17 ? 227 HOH A O     1 
HETATM 1416 O O     . HOH C 3 .   ? 8.293   -16.305 0.056   1.00 39.52 ? 228 HOH A O     1 
HETATM 1417 O O     . HOH C 3 .   ? 2.610   -11.021 8.701   1.00 38.44 ? 229 HOH A O     1 
HETATM 1418 O O     . HOH C 3 .   ? -3.116  14.175  -11.424 1.00 38.81 ? 230 HOH A O     1 
HETATM 1419 O O     . HOH C 3 .   ? 2.010   -13.239 2.440   1.00 34.36 ? 231 HOH A O     1 
HETATM 1420 O O     . HOH C 3 .   ? 11.426  -14.941 -5.868  1.00 32.35 ? 232 HOH A O     1 
HETATM 1421 O O     . HOH C 3 .   ? -5.637  0.895   -9.264  1.00 36.03 ? 233 HOH A O     1 
HETATM 1422 O O     . HOH C 3 .   ? -13.901 -0.580  5.971   1.00 32.05 ? 234 HOH A O     1 
HETATM 1423 O O     . HOH C 3 .   ? 13.977  6.184   1.654   1.00 33.85 ? 235 HOH A O     1 
HETATM 1424 O O     . HOH C 3 .   ? 1.160   7.518   7.089   1.00 29.68 ? 236 HOH A O     1 
HETATM 1425 O O     . HOH C 3 .   ? 3.772   13.985  -0.107  1.00 39.48 ? 237 HOH A O     1 
HETATM 1426 O O     . HOH C 3 .   ? -14.283 7.694   6.252   1.00 43.35 ? 238 HOH A O     1 
HETATM 1427 O O     . HOH C 3 .   ? -11.351 5.938   8.749   1.00 40.02 ? 239 HOH A O     1 
HETATM 1428 O O     . HOH C 3 .   ? -17.385 -3.250  -5.987  1.00 32.04 ? 240 HOH A O     1 
HETATM 1429 O O     . HOH C 3 .   ? -17.487 -1.831  -8.467  1.00 37.40 ? 241 HOH A O     1 
HETATM 1430 O O     . HOH C 3 .   ? -8.481  11.230  -3.391  1.00 40.96 ? 242 HOH A O     1 
HETATM 1431 O O     . HOH C 3 .   ? -16.115 3.218   -7.942  1.00 42.47 ? 243 HOH A O     1 
HETATM 1432 O O     . HOH C 3 .   ? 6.444   -15.704 -10.151 1.00 37.22 ? 244 HOH A O     1 
HETATM 1433 O O     . HOH C 3 .   ? 1.864   -0.263  17.860  1.00 55.28 ? 245 HOH A O     1 
HETATM 1434 O O     . HOH C 3 .   ? 5.012   15.261  -5.425  1.00 40.41 ? 246 HOH A O     1 
HETATM 1435 O O     . HOH C 3 .   ? -0.163  8.378   11.365  1.00 43.62 ? 247 HOH A O     1 
HETATM 1436 O O     . HOH C 3 .   ? -1.099  -7.044  -9.714  1.00 31.84 ? 248 HOH A O     1 
HETATM 1437 O O     . HOH C 3 .   ? -0.743  -14.349 -0.627  1.00 31.05 ? 249 HOH A O     1 
HETATM 1438 O O     . HOH C 3 .   ? 15.114  5.065   -5.106  1.00 42.12 ? 250 HOH A O     1 
HETATM 1439 O O     . HOH C 3 .   ? -3.100  -13.358 -2.000  1.00 34.50 ? 251 HOH A O     1 
HETATM 1440 O O     . HOH C 3 .   ? -7.094  12.434  -1.131  1.00 38.47 ? 252 HOH A O     1 
HETATM 1441 O O     . HOH C 3 .   ? -4.314  -13.788 -0.258  1.00 41.08 ? 253 HOH A O     1 
HETATM 1442 O O     . HOH C 3 .   ? -0.006  -13.072 -12.289 1.00 40.03 ? 254 HOH A O     1 
HETATM 1443 O O     . HOH C 3 .   ? 10.883  -13.098 -10.654 1.00 50.67 ? 255 HOH A O     1 
HETATM 1444 O O     . HOH C 3 .   ? 9.457   -10.553 -11.124 1.00 33.67 ? 256 HOH A O     1 
HETATM 1445 O O     . HOH C 3 .   ? -15.629 7.713   -6.765  1.00 51.41 ? 257 HOH A O     1 
HETATM 1446 O O     . HOH C 3 .   ? -6.324  -10.742 2.084   1.00 34.61 ? 258 HOH A O     1 
HETATM 1447 O O     . HOH C 3 .   ? -6.390  -3.341  16.002  1.00 42.36 ? 259 HOH A O     1 
HETATM 1448 O O     . HOH C 3 .   ? -6.578  -11.740 -0.279  1.00 34.24 ? 260 HOH A O     1 
HETATM 1449 O O     . HOH C 3 .   ? -10.183 11.676  1.569   1.00 42.37 ? 261 HOH A O     1 
HETATM 1450 O O     . HOH C 3 .   ? 3.197   -17.932 -1.075  1.00 41.04 ? 262 HOH A O     1 
HETATM 1451 O O     . HOH C 3 .   ? -8.515  10.552  7.484   1.00 43.59 ? 263 HOH A O     1 
HETATM 1452 O O     . HOH C 3 .   ? -10.966 11.076  -0.802  1.00 36.34 ? 264 HOH A O     1 
HETATM 1453 O O     . HOH C 3 .   ? -14.147 10.349  4.172   1.00 50.66 ? 265 HOH A O     1 
HETATM 1454 O O     . HOH C 3 .   ? 0.305   16.471  -8.443  1.00 45.36 ? 266 HOH A O     1 
HETATM 1455 O O     . HOH C 3 .   ? 3.905   -13.782 0.877   1.00 45.81 ? 267 HOH A O     1 
HETATM 1456 O O     . HOH C 3 .   ? 3.623   -15.220 -1.268  1.00 38.63 ? 268 HOH A O     1 
HETATM 1457 O O     . HOH C 3 .   ? -2.414  -16.094 -1.465  1.00 40.36 ? 269 HOH A O     1 
HETATM 1458 O O     . HOH C 3 .   ? 0.101   13.616  -0.132  1.00 43.53 ? 270 HOH A O     1 
HETATM 1459 O O     . HOH C 3 .   ? 11.751  -7.674  -13.575 1.00 42.84 ? 271 HOH A O     1 
HETATM 1460 O O     . HOH C 3 .   ? -17.518 8.092   -4.620  1.00 40.12 ? 272 HOH A O     1 
HETATM 1461 O O     . HOH C 3 .   ? -6.841  8.088   13.981  1.00 50.42 ? 273 HOH A O     1 
HETATM 1462 O O     . HOH C 3 .   ? -14.649 -11.153 0.609   1.00 39.13 ? 274 HOH A O     1 
HETATM 1463 O O     . HOH C 3 .   ? 12.629  2.916   6.203   1.00 47.22 ? 275 HOH A O     1 
HETATM 1464 O O     . HOH C 3 .   ? -15.748 4.887   7.538   1.00 43.80 ? 276 HOH A O     1 
HETATM 1465 O O     . HOH C 3 .   ? 5.776   14.792  -9.510  1.00 47.44 ? 277 HOH A O     1 
HETATM 1466 O O     . HOH C 3 .   ? 3.694   -13.450 9.701   1.00 51.07 ? 278 HOH A O     1 
HETATM 1467 O O     . HOH C 3 .   ? -11.160 10.044  6.526   1.00 47.63 ? 279 HOH A O     1 
HETATM 1468 O O     . HOH C 3 .   ? -8.558  -9.731  3.737   1.00 44.31 ? 280 HOH A O     1 
HETATM 1469 O O     . HOH C 3 .   ? 15.426  2.179   -5.406  1.00 35.50 ? 281 HOH A O     1 
HETATM 1470 O O     . HOH C 3 .   ? 14.291  8.168   3.858   1.00 41.47 ? 282 HOH A O     1 
HETATM 1471 O O     . HOH C 3 .   ? 7.188   -10.542 8.910   1.00 46.80 ? 283 HOH A O     1 
HETATM 1472 O O     . HOH C 3 .   ? -3.406  -3.367  12.684  1.00 41.52 ? 284 HOH A O     1 
HETATM 1473 O O     . HOH C 3 .   ? 9.517   -7.377  -15.356 1.00 49.30 ? 285 HOH A O     1 
HETATM 1474 O O     . HOH C 3 .   ? -19.546 6.368   -5.815  1.00 47.76 ? 286 HOH A O     1 
HETATM 1475 O O     . HOH C 3 .   ? -10.960 7.738   10.919  1.00 45.81 ? 287 HOH A O     1 
HETATM 1476 O O     . HOH C 3 .   ? -10.043 9.057   -11.362 1.00 47.46 ? 288 HOH A O     1 
HETATM 1477 O O     . HOH C 3 .   ? -7.415  15.019  -0.998  1.00 47.15 ? 289 HOH A O     1 
HETATM 1478 O O     . HOH C 3 .   ? 12.425  10.413  2.869   1.00 47.11 ? 290 HOH A O     1 
HETATM 1479 O O     . HOH C 3 .   ? 4.233   5.684   -13.159 1.00 47.24 ? 291 HOH A O     1 
HETATM 1480 O O     . HOH C 3 .   ? 10.969  -10.117 -13.034 1.00 52.75 ? 292 HOH A O     1 
HETATM 1481 O O     . HOH C 3 .   ? 5.090   13.831  8.717   1.00 49.39 ? 293 HOH A O     1 
HETATM 1482 O O     . HOH C 3 .   ? 2.731   -19.499 -3.185  1.00 45.01 ? 294 HOH A O     1 
HETATM 1483 O O     . HOH C 3 .   ? -7.474  14.038  -7.394  1.00 43.55 ? 295 HOH A O     1 
HETATM 1484 O O     . HOH C 3 .   ? 1.108   -17.249 0.381   1.00 52.38 ? 296 HOH A O     1 
HETATM 1485 O O     . HOH C 3 .   ? -8.661  13.503  -4.822  1.00 54.22 ? 297 HOH A O     1 
HETATM 1486 O O     . HOH C 3 .   ? -6.919  10.958  11.730  1.00 52.72 ? 298 HOH A O     1 
HETATM 1487 O O     . HOH C 3 .   ? -8.078  9.735   9.777   1.00 52.06 ? 299 HOH A O     1 
HETATM 1488 O O     . HOH C 3 .   ? 10.002  10.514  3.883   1.00 47.61 ? 300 HOH A O     1 
HETATM 1489 O O     . HOH C 3 .   ? 3.626   -15.088 -13.263 1.00 38.01 ? 301 HOH A O     1 
HETATM 1490 O O     . HOH C 3 .   ? 1.184   8.021   13.519  1.00 54.41 ? 302 HOH A O     1 
HETATM 1491 O O     . HOH C 3 .   ? 16.662  1.727   -12.856 1.00 50.05 ? 303 HOH A O     1 
HETATM 1492 O O     . HOH C 3 .   ? 4.964   -16.102 -16.970 1.00 50.97 ? 304 HOH A O     1 
HETATM 1493 O O     . HOH C 3 .   ? -7.947  13.421  4.184   1.00 40.68 ? 305 HOH A O     1 
HETATM 1494 O O     . HOH C 3 .   ? -13.703 -14.685 -5.056  1.00 37.97 ? 306 HOH A O     1 
HETATM 1495 O O     . HOH C 3 .   ? 8.035   -17.544 -8.598  1.00 52.58 ? 307 HOH A O     1 
HETATM 1496 O O     . HOH D 3 .   ? -2.200  -9.657  -10.919 1.00 30.77 ? 101 HOH B O     1 
HETATM 1497 O O     . HOH D 3 .   ? 0.361   -9.379  -11.395 1.00 38.27 ? 102 HOH B O     1 
HETATM 1498 O O     . HOH D 3 .   ? 3.737   0.772   -13.510 1.00 35.38 ? 103 HOH B O     1 
HETATM 1499 O O     . HOH D 3 .   ? -2.478  -8.350  -7.701  1.00 34.49 ? 104 HOH B O     1 
HETATM 1500 O O     . HOH D 3 .   ? -9.224  -9.898  -3.449  1.00 37.74 ? 105 HOH B O     1 
HETATM 1501 O O     . HOH D 3 .   ? -7.975  -12.120 -2.636  1.00 32.97 ? 106 HOH B O     1 
HETATM 1502 O O     . HOH D 3 .   ? -5.209  -6.304  -11.837 1.00 49.73 ? 107 HOH B O     1 
HETATM 1503 O O     . HOH D 3 .   ? -13.893 -9.489  -1.406  1.00 34.18 ? 108 HOH B O     1 
HETATM 1504 O O     . HOH D 3 .   ? -8.408  -2.231  -3.022  1.00 31.74 ? 109 HOH B O     1 
HETATM 1505 O O     . HOH D 3 .   ? -11.600 -2.871  -11.293 1.00 43.75 ? 110 HOH B O     1 
HETATM 1506 O O     . HOH D 3 .   ? -8.134  -4.881  -4.040  1.00 40.69 ? 111 HOH B O     1 
HETATM 1507 O O     . HOH D 3 .   ? 8.725   -5.827  -17.227 1.00 45.13 ? 112 HOH B O     1 
HETATM 1508 O O     . HOH D 3 .   ? -7.732  -8.045  -4.888  1.00 40.74 ? 113 HOH B O     1 
HETATM 1509 O O     . HOH D 3 .   ? -14.997 -9.514  -7.594  1.00 46.23 ? 114 HOH B O     1 
HETATM 1510 O O     . HOH D 3 .   ? 3.860   -16.367 -10.592 1.00 41.26 ? 115 HOH B O     1 
HETATM 1511 O O     . HOH D 3 .   ? 1.454   -14.694 -11.053 1.00 38.69 ? 116 HOH B O     1 
# 
loop_
_pdbx_poly_seq_scheme.asym_id 
_pdbx_poly_seq_scheme.entity_id 
_pdbx_poly_seq_scheme.seq_id 
_pdbx_poly_seq_scheme.mon_id 
_pdbx_poly_seq_scheme.ndb_seq_num 
_pdbx_poly_seq_scheme.pdb_seq_num 
_pdbx_poly_seq_scheme.auth_seq_num 
_pdbx_poly_seq_scheme.pdb_mon_id 
_pdbx_poly_seq_scheme.auth_mon_id 
_pdbx_poly_seq_scheme.pdb_strand_id 
_pdbx_poly_seq_scheme.pdb_ins_code 
_pdbx_poly_seq_scheme.hetero 
A 1 1   MET 1   1   ?   ?   ?   A . n 
A 1 2   SER 2   2   ?   ?   ?   A . n 
A 1 3   ASP 3   3   3   ASP ASP A . n 
A 1 4   SER 4   4   4   SER SER A . n 
A 1 5   PHE 5   5   5   PHE PHE A . n 
A 1 6   SER 6   6   6   SER SER A . n 
A 1 7   LEU 7   7   7   LEU LEU A . n 
A 1 8   LEU 8   8   8   LEU LEU A . n 
A 1 9   SER 9   9   9   SER SER A . n 
A 1 10  GLN 10  10  10  GLN GLN A . n 
A 1 11  ILE 11  11  11  ILE ILE A . n 
A 1 12  THR 12  12  12  THR THR A . n 
A 1 13  PRO 13  13  13  PRO PRO A . n 
A 1 14  HIS 14  14  14  HIS HIS A . n 
A 1 15  GLN 15  15  15  GLN GLN A . n 
A 1 16  ARG 16  16  16  ARG ARG A . n 
A 1 17  CYS 17  17  17  CYS CYS A . n 
A 1 18  SER 18  18  18  SER SER A . n 
A 1 19  PHE 19  19  19  PHE PHE A . n 
A 1 20  TYR 20  20  20  TYR TYR A . n 
A 1 21  ALA 21  21  21  ALA ALA A . n 
A 1 22  GLN 22  22  22  GLN GLN A . n 
A 1 23  VAL 23  23  23  VAL VAL A . n 
A 1 24  ILE 24  24  24  ILE ILE A . n 
A 1 25  LYS 25  25  25  LYS LYS A . n 
A 1 26  THR 26  26  26  THR THR A . n 
A 1 27  TRP 27  27  27  TRP TRP A . n 
A 1 28  TYR 28  28  28  TYR TYR A . n 
A 1 29  SER 29  29  29  SER SER A . n 
A 1 30  ASP 30  30  30  ASP ASP A . n 
A 1 31  LYS 31  31  31  LYS LYS A . n 
A 1 32  ASN 32  32  32  ASN ASN A . n 
A 1 33  PHE 33  33  33  PHE PHE A . n 
A 1 34  THR 34  34  34  THR THR A . n 
A 1 35  LEU 35  35  35  LEU LEU A . n 
A 1 36  TYR 36  36  36  TYR TYR A . n 
A 1 37  VAL 37  37  37  VAL VAL A . n 
A 1 38  THR 38  38  38  THR THR A . n 
A 1 39  ASP 39  39  39  ASP ASP A . n 
A 1 40  TYR 40  40  40  TYR TYR A . n 
A 1 41  THR 41  41  41  THR THR A . n 
A 1 42  GLU 42  42  42  GLU GLU A . n 
A 1 43  ASN 43  43  43  ASN ASN A . n 
A 1 44  GLU 44  44  44  GLU GLU A . n 
A 1 45  LEU 45  45  45  LEU LEU A . n 
A 1 46  PHE 46  46  46  PHE PHE A . n 
A 1 47  PHE 47  47  47  PHE PHE A . n 
A 1 48  PRO 48  48  48  PRO PRO A . n 
A 1 49  MET 49  49  49  MET MET A . n 
A 1 50  SER 50  50  50  SER SER A . n 
A 1 51  PRO 51  51  51  PRO PRO A . n 
A 1 52  TYR 52  52  52  TYR TYR A . n 
A 1 53  THR 53  53  53  THR THR A . n 
A 1 54  SER 54  54  54  SER SER A . n 
A 1 55  SER 55  55  55  SER SER A . n 
A 1 56  SER 56  56  56  SER SER A . n 
A 1 57  ARG 57  57  57  ARG ARG A . n 
A 1 58  TRP 58  58  58  TRP TRP A . n 
A 1 59  ARG 59  59  59  ARG ARG A . n 
A 1 60  GLY 60  60  60  GLY GLY A . n 
A 1 61  PRO 61  61  61  PRO PRO A . n 
A 1 62  PHE 62  62  62  PHE PHE A . n 
A 1 63  GLY 63  63  63  GLY GLY A . n 
A 1 64  ARG 64  64  64  ARG ARG A . n 
A 1 65  PHE 65  65  65  PHE PHE A . n 
A 1 66  SER 66  66  66  SER SER A . n 
A 1 67  ILE 67  67  67  ILE ILE A . n 
A 1 68  ARG 68  68  68  ARG ARG A . n 
A 1 69  CYS 69  69  69  CYS CYS A . n 
A 1 70  ILE 70  70  70  ILE ILE A . n 
A 1 71  LEU 71  71  71  LEU LEU A . n 
A 1 72  TRP 72  72  72  TRP TRP A . n 
A 1 73  ASP 73  73  73  ASP ASP A . n 
A 1 74  GLU 74  74  74  GLU GLU A . n 
A 1 75  HIS 75  75  75  HIS HIS A . n 
A 1 76  ASP 76  76  76  ASP ASP A . n 
A 1 77  PHE 77  77  77  PHE PHE A . n 
A 1 78  TYR 78  78  78  TYR TYR A . n 
A 1 79  CYS 79  79  79  CYS CYS A . n 
A 1 80  ARG 80  80  80  ARG ARG A . n 
A 1 81  ASN 81  81  81  ASN ASN A . n 
A 1 82  TYR 82  82  82  TYR TYR A . n 
A 1 83  ILE 83  83  83  ILE ILE A . n 
A 1 84  LYS 84  84  84  LYS LYS A . n 
A 1 85  GLU 85  85  85  GLU GLU A . n 
A 1 86  GLY 86  86  86  GLY GLY A . n 
A 1 87  ASP 87  87  87  ASP ASP A . n 
A 1 88  TYR 88  88  88  TYR TYR A . n 
A 1 89  VAL 89  89  89  VAL VAL A . n 
A 1 90  VAL 90  90  90  VAL VAL A . n 
A 1 91  MET 91  91  91  MET MET A . n 
A 1 92  LYS 92  92  92  LYS LYS A . n 
A 1 93  ASN 93  93  93  ASN ASN A . n 
A 1 94  VAL 94  94  94  VAL VAL A . n 
A 1 95  ARG 95  95  95  ARG ARG A . n 
A 1 96  THR 96  96  96  THR THR A . n 
A 1 97  LYS 97  97  97  LYS LYS A . n 
A 1 98  ILE 98  98  98  ILE ILE A . n 
A 1 99  ASP 99  99  99  ASP ASP A . n 
A 1 100 HIS 100 100 100 HIS HIS A . n 
A 1 101 LEU 101 101 101 LEU LEU A . n 
A 1 102 GLY 102 102 102 GLY GLY A . n 
A 1 103 TYR 103 103 103 TYR TYR A . n 
A 1 104 LEU 104 104 104 LEU LEU A . n 
A 1 105 GLU 105 105 105 GLU GLU A . n 
A 1 106 CYS 106 106 106 CYS CYS A . n 
A 1 107 ILE 107 107 107 ILE ILE A . n 
A 1 108 LEU 108 108 108 LEU LEU A . n 
A 1 109 HIS 109 109 109 HIS HIS A . n 
A 1 110 GLY 110 110 110 GLY GLY A . n 
A 1 111 ASP 111 111 111 ASP ASP A . n 
A 1 112 SER 112 112 112 SER SER A . n 
A 1 113 ALA 113 113 113 ALA ALA A . n 
A 1 114 LYS 114 114 114 LYS LYS A . n 
A 1 115 ARG 115 115 115 ARG ARG A . n 
A 1 116 TYR 116 116 116 TYR TYR A . n 
A 1 117 ASN 117 117 117 ASN ASN A . n 
A 1 118 MET 118 118 118 MET MET A . n 
A 1 119 SER 119 119 119 SER SER A . n 
A 1 120 ILE 120 120 120 ILE ILE A . n 
A 1 121 GLU 121 121 121 GLU GLU A . n 
A 1 122 LYS 122 122 122 LYS LYS A . n 
A 1 123 VAL 123 123 123 VAL VAL A . n 
A 1 124 ASP 124 124 124 ASP ASP A . n 
A 1 125 SER 125 125 125 SER SER A . n 
A 1 126 GLU 126 126 126 GLU GLU A . n 
A 1 127 GLU 127 127 127 GLU GLU A . n 
A 1 128 PRO 128 128 128 PRO PRO A . n 
A 1 129 GLU 129 129 129 GLU GLU A . n 
A 1 130 LEU 130 130 130 LEU LEU A . n 
A 1 131 ASN 131 131 131 ASN ASN A . n 
A 1 132 GLU 132 132 132 GLU GLU A . n 
A 1 133 ILE 133 133 133 ILE ILE A . n 
A 1 134 LYS 134 134 134 LYS LYS A . n 
A 1 135 SER 135 135 135 SER SER A . n 
A 1 136 ARG 136 136 136 ARG ARG A . n 
A 1 137 LYS 137 137 137 LYS LYS A . n 
A 1 138 ARG 138 138 138 ARG ARG A . n 
A 1 139 LEU 139 139 139 LEU LEU A . n 
A 1 140 TYR 140 140 140 TYR TYR A . n 
A 1 141 VAL 141 141 141 VAL VAL A . n 
A 1 142 GLN 142 142 ?   ?   ?   A . n 
A 1 143 ASN 143 143 ?   ?   ?   A . n 
B 2 1   DC  1   1   1   DC  C   B . n 
B 2 2   DG  2   2   2   DG  G   B . n 
B 2 3   DG  3   3   3   DG  G   B . n 
B 2 4   DT  4   4   4   DT  T   B . n 
B 2 5   DT  5   5   5   DT  T   B . n 
B 2 6   DA  6   6   6   DA  A   B . n 
B 2 7   DC  7   7   7   DC  C   B . n 
B 2 8   DG  8   8   8   DG  G   B . n 
B 2 9   DG  9   9   9   DG  G   B . n 
B 2 10  DT  10  10  10  DT  T   B . n 
# 
loop_
_pdbx_nonpoly_scheme.asym_id 
_pdbx_nonpoly_scheme.entity_id 
_pdbx_nonpoly_scheme.mon_id 
_pdbx_nonpoly_scheme.ndb_seq_num 
_pdbx_nonpoly_scheme.pdb_seq_num 
_pdbx_nonpoly_scheme.auth_seq_num 
_pdbx_nonpoly_scheme.pdb_mon_id 
_pdbx_nonpoly_scheme.auth_mon_id 
_pdbx_nonpoly_scheme.pdb_strand_id 
_pdbx_nonpoly_scheme.pdb_ins_code 
C 3 HOH 1   201 1   HOH HOH A . 
C 3 HOH 2   202 2   HOH HOH A . 
C 3 HOH 3   203 3   HOH HOH A . 
C 3 HOH 4   204 4   HOH HOH A . 
C 3 HOH 5   205 5   HOH HOH A . 
C 3 HOH 6   206 7   HOH HOH A . 
C 3 HOH 7   207 8   HOH HOH A . 
C 3 HOH 8   208 9   HOH HOH A . 
C 3 HOH 9   209 10  HOH HOH A . 
C 3 HOH 10  210 11  HOH HOH A . 
C 3 HOH 11  211 12  HOH HOH A . 
C 3 HOH 12  212 13  HOH HOH A . 
C 3 HOH 13  213 14  HOH HOH A . 
C 3 HOH 14  214 15  HOH HOH A . 
C 3 HOH 15  215 16  HOH HOH A . 
C 3 HOH 16  216 17  HOH HOH A . 
C 3 HOH 17  217 18  HOH HOH A . 
C 3 HOH 18  218 19  HOH HOH A . 
C 3 HOH 19  219 20  HOH HOH A . 
C 3 HOH 20  220 21  HOH HOH A . 
C 3 HOH 21  221 22  HOH HOH A . 
C 3 HOH 22  222 23  HOH HOH A . 
C 3 HOH 23  223 24  HOH HOH A . 
C 3 HOH 24  224 25  HOH HOH A . 
C 3 HOH 25  225 26  HOH HOH A . 
C 3 HOH 26  226 27  HOH HOH A . 
C 3 HOH 27  227 28  HOH HOH A . 
C 3 HOH 28  228 29  HOH HOH A . 
C 3 HOH 29  229 30  HOH HOH A . 
C 3 HOH 30  230 31  HOH HOH A . 
C 3 HOH 31  231 32  HOH HOH A . 
C 3 HOH 32  232 33  HOH HOH A . 
C 3 HOH 33  233 34  HOH HOH A . 
C 3 HOH 34  234 35  HOH HOH A . 
C 3 HOH 35  235 36  HOH HOH A . 
C 3 HOH 36  236 37  HOH HOH A . 
C 3 HOH 37  237 38  HOH HOH A . 
C 3 HOH 38  238 40  HOH HOH A . 
C 3 HOH 39  239 41  HOH HOH A . 
C 3 HOH 40  240 42  HOH HOH A . 
C 3 HOH 41  241 43  HOH HOH A . 
C 3 HOH 42  242 44  HOH HOH A . 
C 3 HOH 43  243 45  HOH HOH A . 
C 3 HOH 44  244 46  HOH HOH A . 
C 3 HOH 45  245 47  HOH HOH A . 
C 3 HOH 46  246 49  HOH HOH A . 
C 3 HOH 47  247 51  HOH HOH A . 
C 3 HOH 48  248 52  HOH HOH A . 
C 3 HOH 49  249 53  HOH HOH A . 
C 3 HOH 50  250 54  HOH HOH A . 
C 3 HOH 51  251 56  HOH HOH A . 
C 3 HOH 52  252 57  HOH HOH A . 
C 3 HOH 53  253 58  HOH HOH A . 
C 3 HOH 54  254 60  HOH HOH A . 
C 3 HOH 55  255 61  HOH HOH A . 
C 3 HOH 56  256 62  HOH HOH A . 
C 3 HOH 57  257 63  HOH HOH A . 
C 3 HOH 58  258 64  HOH HOH A . 
C 3 HOH 59  259 65  HOH HOH A . 
C 3 HOH 60  260 66  HOH HOH A . 
C 3 HOH 61  261 67  HOH HOH A . 
C 3 HOH 62  262 68  HOH HOH A . 
C 3 HOH 63  263 69  HOH HOH A . 
C 3 HOH 64  264 70  HOH HOH A . 
C 3 HOH 65  265 71  HOH HOH A . 
C 3 HOH 66  266 72  HOH HOH A . 
C 3 HOH 67  267 73  HOH HOH A . 
C 3 HOH 68  268 74  HOH HOH A . 
C 3 HOH 69  269 75  HOH HOH A . 
C 3 HOH 70  270 76  HOH HOH A . 
C 3 HOH 71  271 79  HOH HOH A . 
C 3 HOH 72  272 80  HOH HOH A . 
C 3 HOH 73  273 81  HOH HOH A . 
C 3 HOH 74  274 82  HOH HOH A . 
C 3 HOH 75  275 83  HOH HOH A . 
C 3 HOH 76  276 84  HOH HOH A . 
C 3 HOH 77  277 85  HOH HOH A . 
C 3 HOH 78  278 86  HOH HOH A . 
C 3 HOH 79  279 87  HOH HOH A . 
C 3 HOH 80  280 88  HOH HOH A . 
C 3 HOH 81  281 90  HOH HOH A . 
C 3 HOH 82  282 92  HOH HOH A . 
C 3 HOH 83  283 93  HOH HOH A . 
C 3 HOH 84  284 94  HOH HOH A . 
C 3 HOH 85  285 97  HOH HOH A . 
C 3 HOH 86  286 99  HOH HOH A . 
C 3 HOH 87  287 100 HOH HOH A . 
C 3 HOH 88  288 101 HOH HOH A . 
C 3 HOH 89  289 103 HOH HOH A . 
C 3 HOH 90  290 104 HOH HOH A . 
C 3 HOH 91  291 105 HOH HOH A . 
C 3 HOH 92  292 106 HOH HOH A . 
C 3 HOH 93  293 107 HOH HOH A . 
C 3 HOH 94  294 108 HOH HOH A . 
C 3 HOH 95  295 109 HOH HOH A . 
C 3 HOH 96  296 110 HOH HOH A . 
C 3 HOH 97  297 112 HOH HOH A . 
C 3 HOH 98  298 113 HOH HOH A . 
C 3 HOH 99  299 114 HOH HOH A . 
C 3 HOH 100 300 115 HOH HOH A . 
C 3 HOH 101 301 116 HOH HOH A . 
C 3 HOH 102 302 117 HOH HOH A . 
C 3 HOH 103 303 119 HOH HOH A . 
C 3 HOH 104 304 120 HOH HOH A . 
C 3 HOH 105 305 121 HOH HOH A . 
C 3 HOH 106 306 122 HOH HOH A . 
C 3 HOH 107 307 123 HOH HOH A . 
D 3 HOH 1   101 6   HOH HOH B . 
D 3 HOH 2   102 39  HOH HOH B . 
D 3 HOH 3   103 48  HOH HOH B . 
D 3 HOH 4   104 50  HOH HOH B . 
D 3 HOH 5   105 55  HOH HOH B . 
D 3 HOH 6   106 59  HOH HOH B . 
D 3 HOH 7   107 77  HOH HOH B . 
D 3 HOH 8   108 78  HOH HOH B . 
D 3 HOH 9   109 89  HOH HOH B . 
D 3 HOH 10  110 91  HOH HOH B . 
D 3 HOH 11  111 95  HOH HOH B . 
D 3 HOH 12  112 96  HOH HOH B . 
D 3 HOH 13  113 98  HOH HOH B . 
D 3 HOH 14  114 102 HOH HOH B . 
D 3 HOH 15  115 111 HOH HOH B . 
D 3 HOH 16  116 118 HOH HOH B . 
# 
_pdbx_struct_assembly.id                   1 
_pdbx_struct_assembly.details              author_and_software_defined_assembly 
_pdbx_struct_assembly.method_details       PISA 
_pdbx_struct_assembly.oligomeric_details   dimeric 
_pdbx_struct_assembly.oligomeric_count     2 
# 
_pdbx_struct_assembly_gen.assembly_id       1 
_pdbx_struct_assembly_gen.oper_expression   1 
_pdbx_struct_assembly_gen.asym_id_list      A,B,C,D 
# 
loop_
_pdbx_struct_assembly_prop.biol_id 
_pdbx_struct_assembly_prop.type 
_pdbx_struct_assembly_prop.value 
_pdbx_struct_assembly_prop.details 
1 'ABSA (A^2)' 2140 ? 
1 MORE         -6   ? 
1 'SSA (A^2)'  8870 ? 
# 
_pdbx_struct_oper_list.id                   1 
_pdbx_struct_oper_list.type                 'identity operation' 
_pdbx_struct_oper_list.name                 1_555 
_pdbx_struct_oper_list.symmetry_operation   x,y,z 
_pdbx_struct_oper_list.matrix[1][1]         1.0000000000 
_pdbx_struct_oper_list.matrix[1][2]         0.0000000000 
_pdbx_struct_oper_list.matrix[1][3]         0.0000000000 
_pdbx_struct_oper_list.vector[1]            0.0000000000 
_pdbx_struct_oper_list.matrix[2][1]         0.0000000000 
_pdbx_struct_oper_list.matrix[2][2]         1.0000000000 
_pdbx_struct_oper_list.matrix[2][3]         0.0000000000 
_pdbx_struct_oper_list.vector[2]            0.0000000000 
_pdbx_struct_oper_list.matrix[3][1]         0.0000000000 
_pdbx_struct_oper_list.matrix[3][2]         0.0000000000 
_pdbx_struct_oper_list.matrix[3][3]         1.0000000000 
_pdbx_struct_oper_list.vector[3]            0.0000000000 
# 
loop_
_pdbx_audit_revision_history.ordinal 
_pdbx_audit_revision_history.data_content_type 
_pdbx_audit_revision_history.major_revision 
_pdbx_audit_revision_history.minor_revision 
_pdbx_audit_revision_history.revision_date 
1 'Structure model' 1 0 2012-12-12 
2 'Structure model' 1 1 2013-02-27 
3 'Structure model' 1 2 2017-11-15 
4 'Structure model' 1 3 2023-09-20 
# 
_pdbx_audit_revision_details.ordinal             1 
_pdbx_audit_revision_details.revision_ordinal    1 
_pdbx_audit_revision_details.data_content_type   'Structure model' 
_pdbx_audit_revision_details.provider            repository 
_pdbx_audit_revision_details.type                'Initial release' 
_pdbx_audit_revision_details.description         ? 
_pdbx_audit_revision_details.details             ? 
# 
loop_
_pdbx_audit_revision_group.ordinal 
_pdbx_audit_revision_group.revision_ordinal 
_pdbx_audit_revision_group.data_content_type 
_pdbx_audit_revision_group.group 
1 2 'Structure model' 'Database references'    
2 3 'Structure model' 'Refinement description' 
3 4 'Structure model' 'Data collection'        
4 4 'Structure model' 'Database references'    
5 4 'Structure model' 'Refinement description' 
# 
loop_
_pdbx_audit_revision_category.ordinal 
_pdbx_audit_revision_category.revision_ordinal 
_pdbx_audit_revision_category.data_content_type 
_pdbx_audit_revision_category.category 
1 3 'Structure model' software                      
2 4 'Structure model' chem_comp_atom                
3 4 'Structure model' chem_comp_bond                
4 4 'Structure model' database_2                    
5 4 'Structure model' pdbx_initial_refinement_model 
6 4 'Structure model' struct_ref_seq_dif            
# 
loop_
_pdbx_audit_revision_item.ordinal 
_pdbx_audit_revision_item.revision_ordinal 
_pdbx_audit_revision_item.data_content_type 
_pdbx_audit_revision_item.item 
1 4 'Structure model' '_database_2.pdbx_DOI'                
2 4 'Structure model' '_database_2.pdbx_database_accession' 
3 4 'Structure model' '_struct_ref_seq_dif.details'         
# 
loop_
_software.pdbx_ordinal 
_software.name 
_software.version 
_software.date 
_software.type 
_software.contact_author 
_software.contact_author_email 
_software.classification 
_software.location 
_software.language 
_software.citation_id 
1 DENZO       .       ?                package 'Zbyszek Otwinowski' hkl@hkl-xray.com         'data reduction'  
http://www.hkl-xray.com/                  ?   ? 
2 SCALEPACK   .       ?                package 'Zbyszek Otwinowski' hkl@hkl-xray.com         'data scaling'    
http://www.hkl-xray.com/                  ?   ? 
3 PHENIX      1.7_650 ?                package 'Paul D. Adams'      PDAdams@lbl.gov          refinement        
http://www.phenix-online.org/             C++ ? 
4 PDB_EXTRACT 3.11    'April 22, 2011' package PDB                  deposit@deposit.rcsb.org 'data extraction' 
http://sw-tools.pdb.org/apps/PDB_EXTRACT/ C++ ? 
5 HKL-2000    .       ?                ?       ?                    ?                        'data collection' ? ?   ? 
6 HKL-2000    .       ?                ?       ?                    ?                        'data reduction'  ? ?   ? 
7 HKL-2000    .       ?                ?       ?                    ?                        'data scaling'    ? ?   ? 
8 PHENIX      1.7_650 ?                ?       ?                    ?                        phasing           ? ?   ? 
# 
_pdbx_validate_close_contact.id               1 
_pdbx_validate_close_contact.PDB_model_num    1 
_pdbx_validate_close_contact.auth_atom_id_1   O 
_pdbx_validate_close_contact.auth_asym_id_1   A 
_pdbx_validate_close_contact.auth_comp_id_1   HOH 
_pdbx_validate_close_contact.auth_seq_id_1    251 
_pdbx_validate_close_contact.PDB_ins_code_1   ? 
_pdbx_validate_close_contact.label_alt_id_1   ? 
_pdbx_validate_close_contact.auth_atom_id_2   O 
_pdbx_validate_close_contact.auth_asym_id_2   A 
_pdbx_validate_close_contact.auth_comp_id_2   HOH 
_pdbx_validate_close_contact.auth_seq_id_2    253 
_pdbx_validate_close_contact.PDB_ins_code_2   ? 
_pdbx_validate_close_contact.label_alt_id_2   ? 
_pdbx_validate_close_contact.dist             2.17 
# 
loop_
_pdbx_validate_rmsd_angle.id 
_pdbx_validate_rmsd_angle.PDB_model_num 
_pdbx_validate_rmsd_angle.auth_atom_id_1 
_pdbx_validate_rmsd_angle.auth_asym_id_1 
_pdbx_validate_rmsd_angle.auth_comp_id_1 
_pdbx_validate_rmsd_angle.auth_seq_id_1 
_pdbx_validate_rmsd_angle.PDB_ins_code_1 
_pdbx_validate_rmsd_angle.label_alt_id_1 
_pdbx_validate_rmsd_angle.auth_atom_id_2 
_pdbx_validate_rmsd_angle.auth_asym_id_2 
_pdbx_validate_rmsd_angle.auth_comp_id_2 
_pdbx_validate_rmsd_angle.auth_seq_id_2 
_pdbx_validate_rmsd_angle.PDB_ins_code_2 
_pdbx_validate_rmsd_angle.label_alt_id_2 
_pdbx_validate_rmsd_angle.auth_atom_id_3 
_pdbx_validate_rmsd_angle.auth_asym_id_3 
_pdbx_validate_rmsd_angle.auth_comp_id_3 
_pdbx_validate_rmsd_angle.auth_seq_id_3 
_pdbx_validate_rmsd_angle.PDB_ins_code_3 
_pdbx_validate_rmsd_angle.label_alt_id_3 
_pdbx_validate_rmsd_angle.angle_value 
_pdbx_validate_rmsd_angle.angle_target_value 
_pdbx_validate_rmsd_angle.angle_deviation 
_pdbx_validate_rmsd_angle.angle_standard_deviation 
_pdbx_validate_rmsd_angle.linker_flag 
1 1 "O4'" B DG 3  ? ? "C1'" B DG 3  ? ? N9 B DG 3  ? ? 111.59 108.30 3.29 0.30 N 
2 1 "O4'" B DG 8  ? ? "C1'" B DG 8  ? ? N9 B DG 8  ? ? 111.78 108.30 3.48 0.30 N 
3 1 "O4'" B DT 10 ? ? "C1'" B DT 10 ? ? N1 B DT 10 ? ? 110.83 108.30 2.53 0.30 N 
# 
loop_
_pdbx_validate_torsion.id 
_pdbx_validate_torsion.PDB_model_num 
_pdbx_validate_torsion.auth_comp_id 
_pdbx_validate_torsion.auth_asym_id 
_pdbx_validate_torsion.auth_seq_id 
_pdbx_validate_torsion.PDB_ins_code 
_pdbx_validate_torsion.label_alt_id 
_pdbx_validate_torsion.phi 
_pdbx_validate_torsion.psi 
1 1 SER A 55  ? ? 81.01   9.94    
2 1 ASP A 73  ? ? 56.55   -126.26 
3 1 TYR A 82  ? ? -133.37 -55.13  
4 1 ASP A 111 ? ? -152.65 64.48   
# 
loop_
_pdbx_unobs_or_zero_occ_atoms.id 
_pdbx_unobs_or_zero_occ_atoms.PDB_model_num 
_pdbx_unobs_or_zero_occ_atoms.polymer_flag 
_pdbx_unobs_or_zero_occ_atoms.occupancy_flag 
_pdbx_unobs_or_zero_occ_atoms.auth_asym_id 
_pdbx_unobs_or_zero_occ_atoms.auth_comp_id 
_pdbx_unobs_or_zero_occ_atoms.auth_seq_id 
_pdbx_unobs_or_zero_occ_atoms.PDB_ins_code 
_pdbx_unobs_or_zero_occ_atoms.auth_atom_id 
_pdbx_unobs_or_zero_occ_atoms.label_alt_id 
_pdbx_unobs_or_zero_occ_atoms.label_asym_id 
_pdbx_unobs_or_zero_occ_atoms.label_comp_id 
_pdbx_unobs_or_zero_occ_atoms.label_seq_id 
_pdbx_unobs_or_zero_occ_atoms.label_atom_id 
1 1 Y 1 A ASP 3 ? CG  ? A ASP 3 CG  
2 1 Y 1 A ASP 3 ? OD1 ? A ASP 3 OD1 
3 1 Y 1 A ASP 3 ? OD2 ? A ASP 3 OD2 
# 
loop_
_pdbx_unobs_or_zero_occ_residues.id 
_pdbx_unobs_or_zero_occ_residues.PDB_model_num 
_pdbx_unobs_or_zero_occ_residues.polymer_flag 
_pdbx_unobs_or_zero_occ_residues.occupancy_flag 
_pdbx_unobs_or_zero_occ_residues.auth_asym_id 
_pdbx_unobs_or_zero_occ_residues.auth_comp_id 
_pdbx_unobs_or_zero_occ_residues.auth_seq_id 
_pdbx_unobs_or_zero_occ_residues.PDB_ins_code 
_pdbx_unobs_or_zero_occ_residues.label_asym_id 
_pdbx_unobs_or_zero_occ_residues.label_comp_id 
_pdbx_unobs_or_zero_occ_residues.label_seq_id 
1 1 Y 1 A MET 1   ? A MET 1   
2 1 Y 1 A SER 2   ? A SER 2   
3 1 Y 1 A GLN 142 ? A GLN 142 
4 1 Y 1 A ASN 143 ? A ASN 143 
# 
loop_
_chem_comp_atom.comp_id 
_chem_comp_atom.atom_id 
_chem_comp_atom.type_symbol 
_chem_comp_atom.pdbx_aromatic_flag 
_chem_comp_atom.pdbx_stereo_config 
_chem_comp_atom.pdbx_ordinal 
ALA N      N N N 1   
ALA CA     C N S 2   
ALA C      C N N 3   
ALA O      O N N 4   
ALA CB     C N N 5   
ALA OXT    O N N 6   
ALA H      H N N 7   
ALA H2     H N N 8   
ALA HA     H N N 9   
ALA HB1    H N N 10  
ALA HB2    H N N 11  
ALA HB3    H N N 12  
ALA HXT    H N N 13  
ARG N      N N N 14  
ARG CA     C N S 15  
ARG C      C N N 16  
ARG O      O N N 17  
ARG CB     C N N 18  
ARG CG     C N N 19  
ARG CD     C N N 20  
ARG NE     N N N 21  
ARG CZ     C N N 22  
ARG NH1    N N N 23  
ARG NH2    N N N 24  
ARG OXT    O N N 25  
ARG H      H N N 26  
ARG H2     H N N 27  
ARG HA     H N N 28  
ARG HB2    H N N 29  
ARG HB3    H N N 30  
ARG HG2    H N N 31  
ARG HG3    H N N 32  
ARG HD2    H N N 33  
ARG HD3    H N N 34  
ARG HE     H N N 35  
ARG HH11   H N N 36  
ARG HH12   H N N 37  
ARG HH21   H N N 38  
ARG HH22   H N N 39  
ARG HXT    H N N 40  
ASN N      N N N 41  
ASN CA     C N S 42  
ASN C      C N N 43  
ASN O      O N N 44  
ASN CB     C N N 45  
ASN CG     C N N 46  
ASN OD1    O N N 47  
ASN ND2    N N N 48  
ASN OXT    O N N 49  
ASN H      H N N 50  
ASN H2     H N N 51  
ASN HA     H N N 52  
ASN HB2    H N N 53  
ASN HB3    H N N 54  
ASN HD21   H N N 55  
ASN HD22   H N N 56  
ASN HXT    H N N 57  
ASP N      N N N 58  
ASP CA     C N S 59  
ASP C      C N N 60  
ASP O      O N N 61  
ASP CB     C N N 62  
ASP CG     C N N 63  
ASP OD1    O N N 64  
ASP OD2    O N N 65  
ASP OXT    O N N 66  
ASP H      H N N 67  
ASP H2     H N N 68  
ASP HA     H N N 69  
ASP HB2    H N N 70  
ASP HB3    H N N 71  
ASP HD2    H N N 72  
ASP HXT    H N N 73  
CYS N      N N N 74  
CYS CA     C N R 75  
CYS C      C N N 76  
CYS O      O N N 77  
CYS CB     C N N 78  
CYS SG     S N N 79  
CYS OXT    O N N 80  
CYS H      H N N 81  
CYS H2     H N N 82  
CYS HA     H N N 83  
CYS HB2    H N N 84  
CYS HB3    H N N 85  
CYS HG     H N N 86  
CYS HXT    H N N 87  
DA  OP3    O N N 88  
DA  P      P N N 89  
DA  OP1    O N N 90  
DA  OP2    O N N 91  
DA  "O5'"  O N N 92  
DA  "C5'"  C N N 93  
DA  "C4'"  C N R 94  
DA  "O4'"  O N N 95  
DA  "C3'"  C N S 96  
DA  "O3'"  O N N 97  
DA  "C2'"  C N N 98  
DA  "C1'"  C N R 99  
DA  N9     N Y N 100 
DA  C8     C Y N 101 
DA  N7     N Y N 102 
DA  C5     C Y N 103 
DA  C6     C Y N 104 
DA  N6     N N N 105 
DA  N1     N Y N 106 
DA  C2     C Y N 107 
DA  N3     N Y N 108 
DA  C4     C Y N 109 
DA  HOP3   H N N 110 
DA  HOP2   H N N 111 
DA  "H5'"  H N N 112 
DA  "H5''" H N N 113 
DA  "H4'"  H N N 114 
DA  "H3'"  H N N 115 
DA  "HO3'" H N N 116 
DA  "H2'"  H N N 117 
DA  "H2''" H N N 118 
DA  "H1'"  H N N 119 
DA  H8     H N N 120 
DA  H61    H N N 121 
DA  H62    H N N 122 
DA  H2     H N N 123 
DC  OP3    O N N 124 
DC  P      P N N 125 
DC  OP1    O N N 126 
DC  OP2    O N N 127 
DC  "O5'"  O N N 128 
DC  "C5'"  C N N 129 
DC  "C4'"  C N R 130 
DC  "O4'"  O N N 131 
DC  "C3'"  C N S 132 
DC  "O3'"  O N N 133 
DC  "C2'"  C N N 134 
DC  "C1'"  C N R 135 
DC  N1     N N N 136 
DC  C2     C N N 137 
DC  O2     O N N 138 
DC  N3     N N N 139 
DC  C4     C N N 140 
DC  N4     N N N 141 
DC  C5     C N N 142 
DC  C6     C N N 143 
DC  HOP3   H N N 144 
DC  HOP2   H N N 145 
DC  "H5'"  H N N 146 
DC  "H5''" H N N 147 
DC  "H4'"  H N N 148 
DC  "H3'"  H N N 149 
DC  "HO3'" H N N 150 
DC  "H2'"  H N N 151 
DC  "H2''" H N N 152 
DC  "H1'"  H N N 153 
DC  H41    H N N 154 
DC  H42    H N N 155 
DC  H5     H N N 156 
DC  H6     H N N 157 
DG  OP3    O N N 158 
DG  P      P N N 159 
DG  OP1    O N N 160 
DG  OP2    O N N 161 
DG  "O5'"  O N N 162 
DG  "C5'"  C N N 163 
DG  "C4'"  C N R 164 
DG  "O4'"  O N N 165 
DG  "C3'"  C N S 166 
DG  "O3'"  O N N 167 
DG  "C2'"  C N N 168 
DG  "C1'"  C N R 169 
DG  N9     N Y N 170 
DG  C8     C Y N 171 
DG  N7     N Y N 172 
DG  C5     C Y N 173 
DG  C6     C N N 174 
DG  O6     O N N 175 
DG  N1     N N N 176 
DG  C2     C N N 177 
DG  N2     N N N 178 
DG  N3     N N N 179 
DG  C4     C Y N 180 
DG  HOP3   H N N 181 
DG  HOP2   H N N 182 
DG  "H5'"  H N N 183 
DG  "H5''" H N N 184 
DG  "H4'"  H N N 185 
DG  "H3'"  H N N 186 
DG  "HO3'" H N N 187 
DG  "H2'"  H N N 188 
DG  "H2''" H N N 189 
DG  "H1'"  H N N 190 
DG  H8     H N N 191 
DG  H1     H N N 192 
DG  H21    H N N 193 
DG  H22    H N N 194 
DT  OP3    O N N 195 
DT  P      P N N 196 
DT  OP1    O N N 197 
DT  OP2    O N N 198 
DT  "O5'"  O N N 199 
DT  "C5'"  C N N 200 
DT  "C4'"  C N R 201 
DT  "O4'"  O N N 202 
DT  "C3'"  C N S 203 
DT  "O3'"  O N N 204 
DT  "C2'"  C N N 205 
DT  "C1'"  C N R 206 
DT  N1     N N N 207 
DT  C2     C N N 208 
DT  O2     O N N 209 
DT  N3     N N N 210 
DT  C4     C N N 211 
DT  O4     O N N 212 
DT  C5     C N N 213 
DT  C7     C N N 214 
DT  C6     C N N 215 
DT  HOP3   H N N 216 
DT  HOP2   H N N 217 
DT  "H5'"  H N N 218 
DT  "H5''" H N N 219 
DT  "H4'"  H N N 220 
DT  "H3'"  H N N 221 
DT  "HO3'" H N N 222 
DT  "H2'"  H N N 223 
DT  "H2''" H N N 224 
DT  "H1'"  H N N 225 
DT  H3     H N N 226 
DT  H71    H N N 227 
DT  H72    H N N 228 
DT  H73    H N N 229 
DT  H6     H N N 230 
GLN N      N N N 231 
GLN CA     C N S 232 
GLN C      C N N 233 
GLN O      O N N 234 
GLN CB     C N N 235 
GLN CG     C N N 236 
GLN CD     C N N 237 
GLN OE1    O N N 238 
GLN NE2    N N N 239 
GLN OXT    O N N 240 
GLN H      H N N 241 
GLN H2     H N N 242 
GLN HA     H N N 243 
GLN HB2    H N N 244 
GLN HB3    H N N 245 
GLN HG2    H N N 246 
GLN HG3    H N N 247 
GLN HE21   H N N 248 
GLN HE22   H N N 249 
GLN HXT    H N N 250 
GLU N      N N N 251 
GLU CA     C N S 252 
GLU C      C N N 253 
GLU O      O N N 254 
GLU CB     C N N 255 
GLU CG     C N N 256 
GLU CD     C N N 257 
GLU OE1    O N N 258 
GLU OE2    O N N 259 
GLU OXT    O N N 260 
GLU H      H N N 261 
GLU H2     H N N 262 
GLU HA     H N N 263 
GLU HB2    H N N 264 
GLU HB3    H N N 265 
GLU HG2    H N N 266 
GLU HG3    H N N 267 
GLU HE2    H N N 268 
GLU HXT    H N N 269 
GLY N      N N N 270 
GLY CA     C N N 271 
GLY C      C N N 272 
GLY O      O N N 273 
GLY OXT    O N N 274 
GLY H      H N N 275 
GLY H2     H N N 276 
GLY HA2    H N N 277 
GLY HA3    H N N 278 
GLY HXT    H N N 279 
HIS N      N N N 280 
HIS CA     C N S 281 
HIS C      C N N 282 
HIS O      O N N 283 
HIS CB     C N N 284 
HIS CG     C Y N 285 
HIS ND1    N Y N 286 
HIS CD2    C Y N 287 
HIS CE1    C Y N 288 
HIS NE2    N Y N 289 
HIS OXT    O N N 290 
HIS H      H N N 291 
HIS H2     H N N 292 
HIS HA     H N N 293 
HIS HB2    H N N 294 
HIS HB3    H N N 295 
HIS HD1    H N N 296 
HIS HD2    H N N 297 
HIS HE1    H N N 298 
HIS HE2    H N N 299 
HIS HXT    H N N 300 
HOH O      O N N 301 
HOH H1     H N N 302 
HOH H2     H N N 303 
ILE N      N N N 304 
ILE CA     C N S 305 
ILE C      C N N 306 
ILE O      O N N 307 
ILE CB     C N S 308 
ILE CG1    C N N 309 
ILE CG2    C N N 310 
ILE CD1    C N N 311 
ILE OXT    O N N 312 
ILE H      H N N 313 
ILE H2     H N N 314 
ILE HA     H N N 315 
ILE HB     H N N 316 
ILE HG12   H N N 317 
ILE HG13   H N N 318 
ILE HG21   H N N 319 
ILE HG22   H N N 320 
ILE HG23   H N N 321 
ILE HD11   H N N 322 
ILE HD12   H N N 323 
ILE HD13   H N N 324 
ILE HXT    H N N 325 
LEU N      N N N 326 
LEU CA     C N S 327 
LEU C      C N N 328 
LEU O      O N N 329 
LEU CB     C N N 330 
LEU CG     C N N 331 
LEU CD1    C N N 332 
LEU CD2    C N N 333 
LEU OXT    O N N 334 
LEU H      H N N 335 
LEU H2     H N N 336 
LEU HA     H N N 337 
LEU HB2    H N N 338 
LEU HB3    H N N 339 
LEU HG     H N N 340 
LEU HD11   H N N 341 
LEU HD12   H N N 342 
LEU HD13   H N N 343 
LEU HD21   H N N 344 
LEU HD22   H N N 345 
LEU HD23   H N N 346 
LEU HXT    H N N 347 
LYS N      N N N 348 
LYS CA     C N S 349 
LYS C      C N N 350 
LYS O      O N N 351 
LYS CB     C N N 352 
LYS CG     C N N 353 
LYS CD     C N N 354 
LYS CE     C N N 355 
LYS NZ     N N N 356 
LYS OXT    O N N 357 
LYS H      H N N 358 
LYS H2     H N N 359 
LYS HA     H N N 360 
LYS HB2    H N N 361 
LYS HB3    H N N 362 
LYS HG2    H N N 363 
LYS HG3    H N N 364 
LYS HD2    H N N 365 
LYS HD3    H N N 366 
LYS HE2    H N N 367 
LYS HE3    H N N 368 
LYS HZ1    H N N 369 
LYS HZ2    H N N 370 
LYS HZ3    H N N 371 
LYS HXT    H N N 372 
MET N      N N N 373 
MET CA     C N S 374 
MET C      C N N 375 
MET O      O N N 376 
MET CB     C N N 377 
MET CG     C N N 378 
MET SD     S N N 379 
MET CE     C N N 380 
MET OXT    O N N 381 
MET H      H N N 382 
MET H2     H N N 383 
MET HA     H N N 384 
MET HB2    H N N 385 
MET HB3    H N N 386 
MET HG2    H N N 387 
MET HG3    H N N 388 
MET HE1    H N N 389 
MET HE2    H N N 390 
MET HE3    H N N 391 
MET HXT    H N N 392 
PHE N      N N N 393 
PHE CA     C N S 394 
PHE C      C N N 395 
PHE O      O N N 396 
PHE CB     C N N 397 
PHE CG     C Y N 398 
PHE CD1    C Y N 399 
PHE CD2    C Y N 400 
PHE CE1    C Y N 401 
PHE CE2    C Y N 402 
PHE CZ     C Y N 403 
PHE OXT    O N N 404 
PHE H      H N N 405 
PHE H2     H N N 406 
PHE HA     H N N 407 
PHE HB2    H N N 408 
PHE HB3    H N N 409 
PHE HD1    H N N 410 
PHE HD2    H N N 411 
PHE HE1    H N N 412 
PHE HE2    H N N 413 
PHE HZ     H N N 414 
PHE HXT    H N N 415 
PRO N      N N N 416 
PRO CA     C N S 417 
PRO C      C N N 418 
PRO O      O N N 419 
PRO CB     C N N 420 
PRO CG     C N N 421 
PRO CD     C N N 422 
PRO OXT    O N N 423 
PRO H      H N N 424 
PRO HA     H N N 425 
PRO HB2    H N N 426 
PRO HB3    H N N 427 
PRO HG2    H N N 428 
PRO HG3    H N N 429 
PRO HD2    H N N 430 
PRO HD3    H N N 431 
PRO HXT    H N N 432 
SER N      N N N 433 
SER CA     C N S 434 
SER C      C N N 435 
SER O      O N N 436 
SER CB     C N N 437 
SER OG     O N N 438 
SER OXT    O N N 439 
SER H      H N N 440 
SER H2     H N N 441 
SER HA     H N N 442 
SER HB2    H N N 443 
SER HB3    H N N 444 
SER HG     H N N 445 
SER HXT    H N N 446 
THR N      N N N 447 
THR CA     C N S 448 
THR C      C N N 449 
THR O      O N N 450 
THR CB     C N R 451 
THR OG1    O N N 452 
THR CG2    C N N 453 
THR OXT    O N N 454 
THR H      H N N 455 
THR H2     H N N 456 
THR HA     H N N 457 
THR HB     H N N 458 
THR HG1    H N N 459 
THR HG21   H N N 460 
THR HG22   H N N 461 
THR HG23   H N N 462 
THR HXT    H N N 463 
TRP N      N N N 464 
TRP CA     C N S 465 
TRP C      C N N 466 
TRP O      O N N 467 
TRP CB     C N N 468 
TRP CG     C Y N 469 
TRP CD1    C Y N 470 
TRP CD2    C Y N 471 
TRP NE1    N Y N 472 
TRP CE2    C Y N 473 
TRP CE3    C Y N 474 
TRP CZ2    C Y N 475 
TRP CZ3    C Y N 476 
TRP CH2    C Y N 477 
TRP OXT    O N N 478 
TRP H      H N N 479 
TRP H2     H N N 480 
TRP HA     H N N 481 
TRP HB2    H N N 482 
TRP HB3    H N N 483 
TRP HD1    H N N 484 
TRP HE1    H N N 485 
TRP HE3    H N N 486 
TRP HZ2    H N N 487 
TRP HZ3    H N N 488 
TRP HH2    H N N 489 
TRP HXT    H N N 490 
TYR N      N N N 491 
TYR CA     C N S 492 
TYR C      C N N 493 
TYR O      O N N 494 
TYR CB     C N N 495 
TYR CG     C Y N 496 
TYR CD1    C Y N 497 
TYR CD2    C Y N 498 
TYR CE1    C Y N 499 
TYR CE2    C Y N 500 
TYR CZ     C Y N 501 
TYR OH     O N N 502 
TYR OXT    O N N 503 
TYR H      H N N 504 
TYR H2     H N N 505 
TYR HA     H N N 506 
TYR HB2    H N N 507 
TYR HB3    H N N 508 
TYR HD1    H N N 509 
TYR HD2    H N N 510 
TYR HE1    H N N 511 
TYR HE2    H N N 512 
TYR HH     H N N 513 
TYR HXT    H N N 514 
VAL N      N N N 515 
VAL CA     C N S 516 
VAL C      C N N 517 
VAL O      O N N 518 
VAL CB     C N N 519 
VAL CG1    C N N 520 
VAL CG2    C N N 521 
VAL OXT    O N N 522 
VAL H      H N N 523 
VAL H2     H N N 524 
VAL HA     H N N 525 
VAL HB     H N N 526 
VAL HG11   H N N 527 
VAL HG12   H N N 528 
VAL HG13   H N N 529 
VAL HG21   H N N 530 
VAL HG22   H N N 531 
VAL HG23   H N N 532 
VAL HXT    H N N 533 
# 
loop_
_chem_comp_bond.comp_id 
_chem_comp_bond.atom_id_1 
_chem_comp_bond.atom_id_2 
_chem_comp_bond.value_order 
_chem_comp_bond.pdbx_aromatic_flag 
_chem_comp_bond.pdbx_stereo_config 
_chem_comp_bond.pdbx_ordinal 
ALA N     CA     sing N N 1   
ALA N     H      sing N N 2   
ALA N     H2     sing N N 3   
ALA CA    C      sing N N 4   
ALA CA    CB     sing N N 5   
ALA CA    HA     sing N N 6   
ALA C     O      doub N N 7   
ALA C     OXT    sing N N 8   
ALA CB    HB1    sing N N 9   
ALA CB    HB2    sing N N 10  
ALA CB    HB3    sing N N 11  
ALA OXT   HXT    sing N N 12  
ARG N     CA     sing N N 13  
ARG N     H      sing N N 14  
ARG N     H2     sing N N 15  
ARG CA    C      sing N N 16  
ARG CA    CB     sing N N 17  
ARG CA    HA     sing N N 18  
ARG C     O      doub N N 19  
ARG C     OXT    sing N N 20  
ARG CB    CG     sing N N 21  
ARG CB    HB2    sing N N 22  
ARG CB    HB3    sing N N 23  
ARG CG    CD     sing N N 24  
ARG CG    HG2    sing N N 25  
ARG CG    HG3    sing N N 26  
ARG CD    NE     sing N N 27  
ARG CD    HD2    sing N N 28  
ARG CD    HD3    sing N N 29  
ARG NE    CZ     sing N N 30  
ARG NE    HE     sing N N 31  
ARG CZ    NH1    sing N N 32  
ARG CZ    NH2    doub N N 33  
ARG NH1   HH11   sing N N 34  
ARG NH1   HH12   sing N N 35  
ARG NH2   HH21   sing N N 36  
ARG NH2   HH22   sing N N 37  
ARG OXT   HXT    sing N N 38  
ASN N     CA     sing N N 39  
ASN N     H      sing N N 40  
ASN N     H2     sing N N 41  
ASN CA    C      sing N N 42  
ASN CA    CB     sing N N 43  
ASN CA    HA     sing N N 44  
ASN C     O      doub N N 45  
ASN C     OXT    sing N N 46  
ASN CB    CG     sing N N 47  
ASN CB    HB2    sing N N 48  
ASN CB    HB3    sing N N 49  
ASN CG    OD1    doub N N 50  
ASN CG    ND2    sing N N 51  
ASN ND2   HD21   sing N N 52  
ASN ND2   HD22   sing N N 53  
ASN OXT   HXT    sing N N 54  
ASP N     CA     sing N N 55  
ASP N     H      sing N N 56  
ASP N     H2     sing N N 57  
ASP CA    C      sing N N 58  
ASP CA    CB     sing N N 59  
ASP CA    HA     sing N N 60  
ASP C     O      doub N N 61  
ASP C     OXT    sing N N 62  
ASP CB    CG     sing N N 63  
ASP CB    HB2    sing N N 64  
ASP CB    HB3    sing N N 65  
ASP CG    OD1    doub N N 66  
ASP CG    OD2    sing N N 67  
ASP OD2   HD2    sing N N 68  
ASP OXT   HXT    sing N N 69  
CYS N     CA     sing N N 70  
CYS N     H      sing N N 71  
CYS N     H2     sing N N 72  
CYS CA    C      sing N N 73  
CYS CA    CB     sing N N 74  
CYS CA    HA     sing N N 75  
CYS C     O      doub N N 76  
CYS C     OXT    sing N N 77  
CYS CB    SG     sing N N 78  
CYS CB    HB2    sing N N 79  
CYS CB    HB3    sing N N 80  
CYS SG    HG     sing N N 81  
CYS OXT   HXT    sing N N 82  
DA  OP3   P      sing N N 83  
DA  OP3   HOP3   sing N N 84  
DA  P     OP1    doub N N 85  
DA  P     OP2    sing N N 86  
DA  P     "O5'"  sing N N 87  
DA  OP2   HOP2   sing N N 88  
DA  "O5'" "C5'"  sing N N 89  
DA  "C5'" "C4'"  sing N N 90  
DA  "C5'" "H5'"  sing N N 91  
DA  "C5'" "H5''" sing N N 92  
DA  "C4'" "O4'"  sing N N 93  
DA  "C4'" "C3'"  sing N N 94  
DA  "C4'" "H4'"  sing N N 95  
DA  "O4'" "C1'"  sing N N 96  
DA  "C3'" "O3'"  sing N N 97  
DA  "C3'" "C2'"  sing N N 98  
DA  "C3'" "H3'"  sing N N 99  
DA  "O3'" "HO3'" sing N N 100 
DA  "C2'" "C1'"  sing N N 101 
DA  "C2'" "H2'"  sing N N 102 
DA  "C2'" "H2''" sing N N 103 
DA  "C1'" N9     sing N N 104 
DA  "C1'" "H1'"  sing N N 105 
DA  N9    C8     sing Y N 106 
DA  N9    C4     sing Y N 107 
DA  C8    N7     doub Y N 108 
DA  C8    H8     sing N N 109 
DA  N7    C5     sing Y N 110 
DA  C5    C6     sing Y N 111 
DA  C5    C4     doub Y N 112 
DA  C6    N6     sing N N 113 
DA  C6    N1     doub Y N 114 
DA  N6    H61    sing N N 115 
DA  N6    H62    sing N N 116 
DA  N1    C2     sing Y N 117 
DA  C2    N3     doub Y N 118 
DA  C2    H2     sing N N 119 
DA  N3    C4     sing Y N 120 
DC  OP3   P      sing N N 121 
DC  OP3   HOP3   sing N N 122 
DC  P     OP1    doub N N 123 
DC  P     OP2    sing N N 124 
DC  P     "O5'"  sing N N 125 
DC  OP2   HOP2   sing N N 126 
DC  "O5'" "C5'"  sing N N 127 
DC  "C5'" "C4'"  sing N N 128 
DC  "C5'" "H5'"  sing N N 129 
DC  "C5'" "H5''" sing N N 130 
DC  "C4'" "O4'"  sing N N 131 
DC  "C4'" "C3'"  sing N N 132 
DC  "C4'" "H4'"  sing N N 133 
DC  "O4'" "C1'"  sing N N 134 
DC  "C3'" "O3'"  sing N N 135 
DC  "C3'" "C2'"  sing N N 136 
DC  "C3'" "H3'"  sing N N 137 
DC  "O3'" "HO3'" sing N N 138 
DC  "C2'" "C1'"  sing N N 139 
DC  "C2'" "H2'"  sing N N 140 
DC  "C2'" "H2''" sing N N 141 
DC  "C1'" N1     sing N N 142 
DC  "C1'" "H1'"  sing N N 143 
DC  N1    C2     sing N N 144 
DC  N1    C6     sing N N 145 
DC  C2    O2     doub N N 146 
DC  C2    N3     sing N N 147 
DC  N3    C4     doub N N 148 
DC  C4    N4     sing N N 149 
DC  C4    C5     sing N N 150 
DC  N4    H41    sing N N 151 
DC  N4    H42    sing N N 152 
DC  C5    C6     doub N N 153 
DC  C5    H5     sing N N 154 
DC  C6    H6     sing N N 155 
DG  OP3   P      sing N N 156 
DG  OP3   HOP3   sing N N 157 
DG  P     OP1    doub N N 158 
DG  P     OP2    sing N N 159 
DG  P     "O5'"  sing N N 160 
DG  OP2   HOP2   sing N N 161 
DG  "O5'" "C5'"  sing N N 162 
DG  "C5'" "C4'"  sing N N 163 
DG  "C5'" "H5'"  sing N N 164 
DG  "C5'" "H5''" sing N N 165 
DG  "C4'" "O4'"  sing N N 166 
DG  "C4'" "C3'"  sing N N 167 
DG  "C4'" "H4'"  sing N N 168 
DG  "O4'" "C1'"  sing N N 169 
DG  "C3'" "O3'"  sing N N 170 
DG  "C3'" "C2'"  sing N N 171 
DG  "C3'" "H3'"  sing N N 172 
DG  "O3'" "HO3'" sing N N 173 
DG  "C2'" "C1'"  sing N N 174 
DG  "C2'" "H2'"  sing N N 175 
DG  "C2'" "H2''" sing N N 176 
DG  "C1'" N9     sing N N 177 
DG  "C1'" "H1'"  sing N N 178 
DG  N9    C8     sing Y N 179 
DG  N9    C4     sing Y N 180 
DG  C8    N7     doub Y N 181 
DG  C8    H8     sing N N 182 
DG  N7    C5     sing Y N 183 
DG  C5    C6     sing N N 184 
DG  C5    C4     doub Y N 185 
DG  C6    O6     doub N N 186 
DG  C6    N1     sing N N 187 
DG  N1    C2     sing N N 188 
DG  N1    H1     sing N N 189 
DG  C2    N2     sing N N 190 
DG  C2    N3     doub N N 191 
DG  N2    H21    sing N N 192 
DG  N2    H22    sing N N 193 
DG  N3    C4     sing N N 194 
DT  OP3   P      sing N N 195 
DT  OP3   HOP3   sing N N 196 
DT  P     OP1    doub N N 197 
DT  P     OP2    sing N N 198 
DT  P     "O5'"  sing N N 199 
DT  OP2   HOP2   sing N N 200 
DT  "O5'" "C5'"  sing N N 201 
DT  "C5'" "C4'"  sing N N 202 
DT  "C5'" "H5'"  sing N N 203 
DT  "C5'" "H5''" sing N N 204 
DT  "C4'" "O4'"  sing N N 205 
DT  "C4'" "C3'"  sing N N 206 
DT  "C4'" "H4'"  sing N N 207 
DT  "O4'" "C1'"  sing N N 208 
DT  "C3'" "O3'"  sing N N 209 
DT  "C3'" "C2'"  sing N N 210 
DT  "C3'" "H3'"  sing N N 211 
DT  "O3'" "HO3'" sing N N 212 
DT  "C2'" "C1'"  sing N N 213 
DT  "C2'" "H2'"  sing N N 214 
DT  "C2'" "H2''" sing N N 215 
DT  "C1'" N1     sing N N 216 
DT  "C1'" "H1'"  sing N N 217 
DT  N1    C2     sing N N 218 
DT  N1    C6     sing N N 219 
DT  C2    O2     doub N N 220 
DT  C2    N3     sing N N 221 
DT  N3    C4     sing N N 222 
DT  N3    H3     sing N N 223 
DT  C4    O4     doub N N 224 
DT  C4    C5     sing N N 225 
DT  C5    C7     sing N N 226 
DT  C5    C6     doub N N 227 
DT  C7    H71    sing N N 228 
DT  C7    H72    sing N N 229 
DT  C7    H73    sing N N 230 
DT  C6    H6     sing N N 231 
GLN N     CA     sing N N 232 
GLN N     H      sing N N 233 
GLN N     H2     sing N N 234 
GLN CA    C      sing N N 235 
GLN CA    CB     sing N N 236 
GLN CA    HA     sing N N 237 
GLN C     O      doub N N 238 
GLN C     OXT    sing N N 239 
GLN CB    CG     sing N N 240 
GLN CB    HB2    sing N N 241 
GLN CB    HB3    sing N N 242 
GLN CG    CD     sing N N 243 
GLN CG    HG2    sing N N 244 
GLN CG    HG3    sing N N 245 
GLN CD    OE1    doub N N 246 
GLN CD    NE2    sing N N 247 
GLN NE2   HE21   sing N N 248 
GLN NE2   HE22   sing N N 249 
GLN OXT   HXT    sing N N 250 
GLU N     CA     sing N N 251 
GLU N     H      sing N N 252 
GLU N     H2     sing N N 253 
GLU CA    C      sing N N 254 
GLU CA    CB     sing N N 255 
GLU CA    HA     sing N N 256 
GLU C     O      doub N N 257 
GLU C     OXT    sing N N 258 
GLU CB    CG     sing N N 259 
GLU CB    HB2    sing N N 260 
GLU CB    HB3    sing N N 261 
GLU CG    CD     sing N N 262 
GLU CG    HG2    sing N N 263 
GLU CG    HG3    sing N N 264 
GLU CD    OE1    doub N N 265 
GLU CD    OE2    sing N N 266 
GLU OE2   HE2    sing N N 267 
GLU OXT   HXT    sing N N 268 
GLY N     CA     sing N N 269 
GLY N     H      sing N N 270 
GLY N     H2     sing N N 271 
GLY CA    C      sing N N 272 
GLY CA    HA2    sing N N 273 
GLY CA    HA3    sing N N 274 
GLY C     O      doub N N 275 
GLY C     OXT    sing N N 276 
GLY OXT   HXT    sing N N 277 
HIS N     CA     sing N N 278 
HIS N     H      sing N N 279 
HIS N     H2     sing N N 280 
HIS CA    C      sing N N 281 
HIS CA    CB     sing N N 282 
HIS CA    HA     sing N N 283 
HIS C     O      doub N N 284 
HIS C     OXT    sing N N 285 
HIS CB    CG     sing N N 286 
HIS CB    HB2    sing N N 287 
HIS CB    HB3    sing N N 288 
HIS CG    ND1    sing Y N 289 
HIS CG    CD2    doub Y N 290 
HIS ND1   CE1    doub Y N 291 
HIS ND1   HD1    sing N N 292 
HIS CD2   NE2    sing Y N 293 
HIS CD2   HD2    sing N N 294 
HIS CE1   NE2    sing Y N 295 
HIS CE1   HE1    sing N N 296 
HIS NE2   HE2    sing N N 297 
HIS OXT   HXT    sing N N 298 
HOH O     H1     sing N N 299 
HOH O     H2     sing N N 300 
ILE N     CA     sing N N 301 
ILE N     H      sing N N 302 
ILE N     H2     sing N N 303 
ILE CA    C      sing N N 304 
ILE CA    CB     sing N N 305 
ILE CA    HA     sing N N 306 
ILE C     O      doub N N 307 
ILE C     OXT    sing N N 308 
ILE CB    CG1    sing N N 309 
ILE CB    CG2    sing N N 310 
ILE CB    HB     sing N N 311 
ILE CG1   CD1    sing N N 312 
ILE CG1   HG12   sing N N 313 
ILE CG1   HG13   sing N N 314 
ILE CG2   HG21   sing N N 315 
ILE CG2   HG22   sing N N 316 
ILE CG2   HG23   sing N N 317 
ILE CD1   HD11   sing N N 318 
ILE CD1   HD12   sing N N 319 
ILE CD1   HD13   sing N N 320 
ILE OXT   HXT    sing N N 321 
LEU N     CA     sing N N 322 
LEU N     H      sing N N 323 
LEU N     H2     sing N N 324 
LEU CA    C      sing N N 325 
LEU CA    CB     sing N N 326 
LEU CA    HA     sing N N 327 
LEU C     O      doub N N 328 
LEU C     OXT    sing N N 329 
LEU CB    CG     sing N N 330 
LEU CB    HB2    sing N N 331 
LEU CB    HB3    sing N N 332 
LEU CG    CD1    sing N N 333 
LEU CG    CD2    sing N N 334 
LEU CG    HG     sing N N 335 
LEU CD1   HD11   sing N N 336 
LEU CD1   HD12   sing N N 337 
LEU CD1   HD13   sing N N 338 
LEU CD2   HD21   sing N N 339 
LEU CD2   HD22   sing N N 340 
LEU CD2   HD23   sing N N 341 
LEU OXT   HXT    sing N N 342 
LYS N     CA     sing N N 343 
LYS N     H      sing N N 344 
LYS N     H2     sing N N 345 
LYS CA    C      sing N N 346 
LYS CA    CB     sing N N 347 
LYS CA    HA     sing N N 348 
LYS C     O      doub N N 349 
LYS C     OXT    sing N N 350 
LYS CB    CG     sing N N 351 
LYS CB    HB2    sing N N 352 
LYS CB    HB3    sing N N 353 
LYS CG    CD     sing N N 354 
LYS CG    HG2    sing N N 355 
LYS CG    HG3    sing N N 356 
LYS CD    CE     sing N N 357 
LYS CD    HD2    sing N N 358 
LYS CD    HD3    sing N N 359 
LYS CE    NZ     sing N N 360 
LYS CE    HE2    sing N N 361 
LYS CE    HE3    sing N N 362 
LYS NZ    HZ1    sing N N 363 
LYS NZ    HZ2    sing N N 364 
LYS NZ    HZ3    sing N N 365 
LYS OXT   HXT    sing N N 366 
MET N     CA     sing N N 367 
MET N     H      sing N N 368 
MET N     H2     sing N N 369 
MET CA    C      sing N N 370 
MET CA    CB     sing N N 371 
MET CA    HA     sing N N 372 
MET C     O      doub N N 373 
MET C     OXT    sing N N 374 
MET CB    CG     sing N N 375 
MET CB    HB2    sing N N 376 
MET CB    HB3    sing N N 377 
MET CG    SD     sing N N 378 
MET CG    HG2    sing N N 379 
MET CG    HG3    sing N N 380 
MET SD    CE     sing N N 381 
MET CE    HE1    sing N N 382 
MET CE    HE2    sing N N 383 
MET CE    HE3    sing N N 384 
MET OXT   HXT    sing N N 385 
PHE N     CA     sing N N 386 
PHE N     H      sing N N 387 
PHE N     H2     sing N N 388 
PHE CA    C      sing N N 389 
PHE CA    CB     sing N N 390 
PHE CA    HA     sing N N 391 
PHE C     O      doub N N 392 
PHE C     OXT    sing N N 393 
PHE CB    CG     sing N N 394 
PHE CB    HB2    sing N N 395 
PHE CB    HB3    sing N N 396 
PHE CG    CD1    doub Y N 397 
PHE CG    CD2    sing Y N 398 
PHE CD1   CE1    sing Y N 399 
PHE CD1   HD1    sing N N 400 
PHE CD2   CE2    doub Y N 401 
PHE CD2   HD2    sing N N 402 
PHE CE1   CZ     doub Y N 403 
PHE CE1   HE1    sing N N 404 
PHE CE2   CZ     sing Y N 405 
PHE CE2   HE2    sing N N 406 
PHE CZ    HZ     sing N N 407 
PHE OXT   HXT    sing N N 408 
PRO N     CA     sing N N 409 
PRO N     CD     sing N N 410 
PRO N     H      sing N N 411 
PRO CA    C      sing N N 412 
PRO CA    CB     sing N N 413 
PRO CA    HA     sing N N 414 
PRO C     O      doub N N 415 
PRO C     OXT    sing N N 416 
PRO CB    CG     sing N N 417 
PRO CB    HB2    sing N N 418 
PRO CB    HB3    sing N N 419 
PRO CG    CD     sing N N 420 
PRO CG    HG2    sing N N 421 
PRO CG    HG3    sing N N 422 
PRO CD    HD2    sing N N 423 
PRO CD    HD3    sing N N 424 
PRO OXT   HXT    sing N N 425 
SER N     CA     sing N N 426 
SER N     H      sing N N 427 
SER N     H2     sing N N 428 
SER CA    C      sing N N 429 
SER CA    CB     sing N N 430 
SER CA    HA     sing N N 431 
SER C     O      doub N N 432 
SER C     OXT    sing N N 433 
SER CB    OG     sing N N 434 
SER CB    HB2    sing N N 435 
SER CB    HB3    sing N N 436 
SER OG    HG     sing N N 437 
SER OXT   HXT    sing N N 438 
THR N     CA     sing N N 439 
THR N     H      sing N N 440 
THR N     H2     sing N N 441 
THR CA    C      sing N N 442 
THR CA    CB     sing N N 443 
THR CA    HA     sing N N 444 
THR C     O      doub N N 445 
THR C     OXT    sing N N 446 
THR CB    OG1    sing N N 447 
THR CB    CG2    sing N N 448 
THR CB    HB     sing N N 449 
THR OG1   HG1    sing N N 450 
THR CG2   HG21   sing N N 451 
THR CG2   HG22   sing N N 452 
THR CG2   HG23   sing N N 453 
THR OXT   HXT    sing N N 454 
TRP N     CA     sing N N 455 
TRP N     H      sing N N 456 
TRP N     H2     sing N N 457 
TRP CA    C      sing N N 458 
TRP CA    CB     sing N N 459 
TRP CA    HA     sing N N 460 
TRP C     O      doub N N 461 
TRP C     OXT    sing N N 462 
TRP CB    CG     sing N N 463 
TRP CB    HB2    sing N N 464 
TRP CB    HB3    sing N N 465 
TRP CG    CD1    doub Y N 466 
TRP CG    CD2    sing Y N 467 
TRP CD1   NE1    sing Y N 468 
TRP CD1   HD1    sing N N 469 
TRP CD2   CE2    doub Y N 470 
TRP CD2   CE3    sing Y N 471 
TRP NE1   CE2    sing Y N 472 
TRP NE1   HE1    sing N N 473 
TRP CE2   CZ2    sing Y N 474 
TRP CE3   CZ3    doub Y N 475 
TRP CE3   HE3    sing N N 476 
TRP CZ2   CH2    doub Y N 477 
TRP CZ2   HZ2    sing N N 478 
TRP CZ3   CH2    sing Y N 479 
TRP CZ3   HZ3    sing N N 480 
TRP CH2   HH2    sing N N 481 
TRP OXT   HXT    sing N N 482 
TYR N     CA     sing N N 483 
TYR N     H      sing N N 484 
TYR N     H2     sing N N 485 
TYR CA    C      sing N N 486 
TYR CA    CB     sing N N 487 
TYR CA    HA     sing N N 488 
TYR C     O      doub N N 489 
TYR C     OXT    sing N N 490 
TYR CB    CG     sing N N 491 
TYR CB    HB2    sing N N 492 
TYR CB    HB3    sing N N 493 
TYR CG    CD1    doub Y N 494 
TYR CG    CD2    sing Y N 495 
TYR CD1   CE1    sing Y N 496 
TYR CD1   HD1    sing N N 497 
TYR CD2   CE2    doub Y N 498 
TYR CD2   HD2    sing N N 499 
TYR CE1   CZ     doub Y N 500 
TYR CE1   HE1    sing N N 501 
TYR CE2   CZ     sing Y N 502 
TYR CE2   HE2    sing N N 503 
TYR CZ    OH     sing N N 504 
TYR OH    HH     sing N N 505 
TYR OXT   HXT    sing N N 506 
VAL N     CA     sing N N 507 
VAL N     H      sing N N 508 
VAL N     H2     sing N N 509 
VAL CA    C      sing N N 510 
VAL CA    CB     sing N N 511 
VAL CA    HA     sing N N 512 
VAL C     O      doub N N 513 
VAL C     OXT    sing N N 514 
VAL CB    CG1    sing N N 515 
VAL CB    CG2    sing N N 516 
VAL CB    HB     sing N N 517 
VAL CG1   HG11   sing N N 518 
VAL CG1   HG12   sing N N 519 
VAL CG1   HG13   sing N N 520 
VAL CG2   HG21   sing N N 521 
VAL CG2   HG22   sing N N 522 
VAL CG2   HG23   sing N N 523 
VAL OXT   HXT    sing N N 524 
# 
_ndb_struct_conf_na.entry_id   4HJ9 
_ndb_struct_conf_na.feature    'double helix' 
# 
_ndb_struct_na_base_pair.model_number      1 
_ndb_struct_na_base_pair.i_label_asym_id   B 
_ndb_struct_na_base_pair.i_label_comp_id   DT 
_ndb_struct_na_base_pair.i_label_seq_id    5 
_ndb_struct_na_base_pair.i_symmetry        1_555 
_ndb_struct_na_base_pair.j_label_asym_id   B 
_ndb_struct_na_base_pair.j_label_comp_id   DA 
_ndb_struct_na_base_pair.j_label_seq_id    6 
_ndb_struct_na_base_pair.j_symmetry        1_555 
_ndb_struct_na_base_pair.shear             4.855 
_ndb_struct_na_base_pair.stretch           0.137 
_ndb_struct_na_base_pair.stagger           -0.718 
_ndb_struct_na_base_pair.buckle            -25.677 
_ndb_struct_na_base_pair.propeller         24.616 
_ndb_struct_na_base_pair.opening           -12.840 
_ndb_struct_na_base_pair.pair_number       1 
_ndb_struct_na_base_pair.pair_name         B_DT5:DA6_B 
_ndb_struct_na_base_pair.i_auth_asym_id    B 
_ndb_struct_na_base_pair.i_auth_seq_id     5 
_ndb_struct_na_base_pair.i_PDB_ins_code    ? 
_ndb_struct_na_base_pair.j_auth_asym_id    B 
_ndb_struct_na_base_pair.j_auth_seq_id     6 
_ndb_struct_na_base_pair.j_PDB_ins_code    ? 
_ndb_struct_na_base_pair.hbond_type_28     ? 
_ndb_struct_na_base_pair.hbond_type_12     ? 
# 
_pdbx_entity_nonpoly.entity_id   3 
_pdbx_entity_nonpoly.name        water 
_pdbx_entity_nonpoly.comp_id     HOH 
# 
_pdbx_initial_refinement_model.id               1 
_pdbx_initial_refinement_model.entity_id_list   ? 
_pdbx_initial_refinement_model.type             'experimental model' 
_pdbx_initial_refinement_model.source_name      PDB 
_pdbx_initial_refinement_model.accession_code   4HIK 
_pdbx_initial_refinement_model.details          'PDB entry 4HIK' 
# 
